data_1DOI
# 
_entry.id   1DOI 
# 
_audit_conform.dict_name       mmcif_pdbx.dic 
_audit_conform.dict_version    5.385 
_audit_conform.dict_location   http://mmcif.pdb.org/dictionaries/ascii/mmcif_pdbx.dic 
# 
loop_
_database_2.database_id 
_database_2.database_code 
_database_2.pdbx_database_accession 
_database_2.pdbx_DOI 
PDB   1DOI         pdb_00001doi 10.2210/pdb1doi/pdb 
WWPDB D_1000172871 ?            ?                   
# 
loop_
_pdbx_audit_revision_history.ordinal 
_pdbx_audit_revision_history.data_content_type 
_pdbx_audit_revision_history.major_revision 
_pdbx_audit_revision_history.minor_revision 
_pdbx_audit_revision_history.revision_date 
1 'Structure model' 1 0 1996-08-01 
2 'Structure model' 1 1 2008-03-24 
3 'Structure model' 1 2 2011-07-13 
4 'Structure model' 1 3 2024-02-07 
# 
_pdbx_audit_revision_details.ordinal             1 
_pdbx_audit_revision_details.revision_ordinal    1 
_pdbx_audit_revision_details.data_content_type   'Structure model' 
_pdbx_audit_revision_details.provider            repository 
_pdbx_audit_revision_details.type                'Initial release' 
_pdbx_audit_revision_details.description         ? 
_pdbx_audit_revision_details.details             ? 
# 
loop_
_pdbx_audit_revision_group.ordinal 
_pdbx_audit_revision_group.revision_ordinal 
_pdbx_audit_revision_group.data_content_type 
_pdbx_audit_revision_group.group 
1 2 'Structure model' 'Version format compliance' 
2 3 'Structure model' 'Version format compliance' 
3 4 'Structure model' 'Data collection'           
4 4 'Structure model' 'Database references'       
5 4 'Structure model' 'Derived calculations'      
6 4 'Structure model' Other                       
# 
loop_
_pdbx_audit_revision_category.ordinal 
_pdbx_audit_revision_category.revision_ordinal 
_pdbx_audit_revision_category.data_content_type 
_pdbx_audit_revision_category.category 
1 4 'Structure model' chem_comp_atom         
2 4 'Structure model' chem_comp_bond         
3 4 'Structure model' database_2             
4 4 'Structure model' pdbx_database_status   
5 4 'Structure model' pdbx_struct_conn_angle 
6 4 'Structure model' struct_conn            
7 4 'Structure model' struct_site            
# 
loop_
_pdbx_audit_revision_item.ordinal 
_pdbx_audit_revision_item.revision_ordinal 
_pdbx_audit_revision_item.data_content_type 
_pdbx_audit_revision_item.item 
1  4 'Structure model' '_database_2.pdbx_DOI'                        
2  4 'Structure model' '_database_2.pdbx_database_accession'         
3  4 'Structure model' '_pdbx_database_status.process_site'          
4  4 'Structure model' '_pdbx_struct_conn_angle.ptnr1_auth_comp_id'  
5  4 'Structure model' '_pdbx_struct_conn_angle.ptnr1_auth_seq_id'   
6  4 'Structure model' '_pdbx_struct_conn_angle.ptnr1_label_asym_id' 
7  4 'Structure model' '_pdbx_struct_conn_angle.ptnr1_label_atom_id' 
8  4 'Structure model' '_pdbx_struct_conn_angle.ptnr1_label_comp_id' 
9  4 'Structure model' '_pdbx_struct_conn_angle.ptnr1_label_seq_id'  
10 4 'Structure model' '_pdbx_struct_conn_angle.ptnr1_symmetry'      
11 4 'Structure model' '_pdbx_struct_conn_angle.ptnr2_auth_comp_id'  
12 4 'Structure model' '_pdbx_struct_conn_angle.ptnr2_auth_seq_id'   
13 4 'Structure model' '_pdbx_struct_conn_angle.ptnr2_label_asym_id' 
14 4 'Structure model' '_pdbx_struct_conn_angle.ptnr2_label_atom_id' 
15 4 'Structure model' '_pdbx_struct_conn_angle.ptnr2_label_comp_id' 
16 4 'Structure model' '_pdbx_struct_conn_angle.ptnr3_auth_comp_id'  
17 4 'Structure model' '_pdbx_struct_conn_angle.ptnr3_auth_seq_id'   
18 4 'Structure model' '_pdbx_struct_conn_angle.ptnr3_label_asym_id' 
19 4 'Structure model' '_pdbx_struct_conn_angle.ptnr3_label_atom_id' 
20 4 'Structure model' '_pdbx_struct_conn_angle.ptnr3_label_comp_id' 
21 4 'Structure model' '_pdbx_struct_conn_angle.ptnr3_label_seq_id'  
22 4 'Structure model' '_pdbx_struct_conn_angle.ptnr3_symmetry'      
23 4 'Structure model' '_pdbx_struct_conn_angle.value'               
24 4 'Structure model' '_struct_conn.pdbx_dist_value'                
25 4 'Structure model' '_struct_conn.ptnr1_auth_comp_id'             
26 4 'Structure model' '_struct_conn.ptnr1_auth_seq_id'              
27 4 'Structure model' '_struct_conn.ptnr1_label_asym_id'            
28 4 'Structure model' '_struct_conn.ptnr1_label_atom_id'            
29 4 'Structure model' '_struct_conn.ptnr1_label_comp_id'            
30 4 'Structure model' '_struct_conn.ptnr1_label_seq_id'             
31 4 'Structure model' '_struct_conn.ptnr1_symmetry'                 
32 4 'Structure model' '_struct_conn.ptnr2_auth_comp_id'             
33 4 'Structure model' '_struct_conn.ptnr2_auth_seq_id'              
34 4 'Structure model' '_struct_conn.ptnr2_label_asym_id'            
35 4 'Structure model' '_struct_conn.ptnr2_label_atom_id'            
36 4 'Structure model' '_struct_conn.ptnr2_label_comp_id'            
37 4 'Structure model' '_struct_conn.ptnr2_label_seq_id'             
38 4 'Structure model' '_struct_conn.ptnr2_symmetry'                 
39 4 'Structure model' '_struct_site.pdbx_auth_asym_id'              
40 4 'Structure model' '_struct_site.pdbx_auth_comp_id'              
41 4 'Structure model' '_struct_site.pdbx_auth_seq_id'               
# 
_pdbx_database_status.status_code                     REL 
_pdbx_database_status.entry_id                        1DOI 
_pdbx_database_status.recvd_initial_deposition_date   1996-04-08 
_pdbx_database_status.deposit_site                    ? 
_pdbx_database_status.process_site                    BNL 
_pdbx_database_status.status_code_sf                  REL 
_pdbx_database_status.status_code_mr                  ? 
_pdbx_database_status.SG_entry                        ? 
_pdbx_database_status.pdb_format_compatible           Y 
_pdbx_database_status.status_code_cs                  ? 
_pdbx_database_status.status_code_nmr_data            ? 
_pdbx_database_status.methods_development_category    ? 
# 
loop_
_audit_author.name 
_audit_author.pdbx_ordinal 
'Frolow, F.'    1 
'Harel, M.'     2 
'Sussman, J.L.' 3 
'Shoham, M.'    4 
# 
loop_
_citation.id 
_citation.title 
_citation.journal_abbrev 
_citation.journal_volume 
_citation.page_first 
_citation.page_last 
_citation.year 
_citation.journal_id_ASTM 
_citation.country 
_citation.journal_id_ISSN 
_citation.journal_id_CSD 
_citation.book_publisher 
_citation.pdbx_database_id_PubMed 
_citation.pdbx_database_id_DOI 
primary 
'Insights into protein adaptation to a saturated salt environment from the crystal structure of a halophilic 2Fe-2S ferredoxin.' 
Nat.Struct.Biol.               3   452 458 1996 NSBIEW US 1072-8368     2024 ?                                          8612076 
10.1038/nsb0596-452 
1       'X-Ray Structural Studies of a Salt-Loving 2Fe-2S Ferredoxin from Halobacterium of the Dead Sea' 
'Iron-Sulfur Protein Research' ?   69  ?   1986 ?      ?  4-762-29492-6 2090 'Tokyo : Japan Scientific Societies Press' ?       ? 
2       'Preliminary X-Ray Diffraction Studies on 2 Fe-Ferredoxin from Halobacterium of the Dead Sea' J.Mol.Biol. 134 375 ?   1979 
JMOBAK UK 0022-2836     0070 ?                                          ?       ?                   
# 
loop_
_citation_author.citation_id 
_citation_author.name 
_citation_author.ordinal 
_citation_author.identifier_ORCID 
primary 'Frolow, F.'    1  ? 
primary 'Harel, M.'     2  ? 
primary 'Sussman, J.L.' 3  ? 
primary 'Mevarech, M.'  4  ? 
primary 'Shoham, M.'    5  ? 
1       'Sussman, J.L.' 6  ? 
1       'Brown, J.H.'   7  ? 
1       'Shoham, M.'    8  ? 
2       'Sussman, J.L.' 9  ? 
2       'Zipori, P.'    10 ? 
2       'Harel, M.'     11 ? 
2       'Yonath, A.'    12 ? 
2       'Werber, M.M.'  13 ? 
# 
loop_
_citation_editor.citation_id 
_citation_editor.name 
_citation_editor.ordinal 
1 'Matsubara, H.' 1 
1 'Katsube, Y.'   2 
1 'Wada, K.'      3 
# 
loop_
_entity.id 
_entity.type 
_entity.src_method 
_entity.pdbx_description 
_entity.formula_weight 
_entity.pdbx_number_of_molecules 
_entity.pdbx_ec 
_entity.pdbx_mutation 
_entity.pdbx_fragment 
_entity.details 
1 polymer     nat '2FE-2S FERREDOXIN'          14413.550 1   ? ? ? ? 
2 non-polymer syn 'POTASSIUM ION'              39.098    6   ? ? ? ? 
3 non-polymer syn 'FE2/S2 (INORGANIC) CLUSTER' 175.820   1   ? ? ? ? 
4 water       nat water                        18.015    237 ? ? ? ? 
# 
_entity_poly.entity_id                      1 
_entity_poly.type                           'polypeptide(L)' 
_entity_poly.nstd_linkage                   no 
_entity_poly.nstd_monomer                   no 
_entity_poly.pdbx_seq_one_letter_code       
;PTVEYLNYEVVDDNGWDMYDDDVFGEASDMDLDDEDYGSLEVNEGEYILEAAEAQGYDWPFSCRAGACANCAAIVLEGDI
DMDMQQILSDEEVEDKNVRLTCIGSPDADEVKIVYNAKHLDYLQNRVI
;
_entity_poly.pdbx_seq_one_letter_code_can   
;PTVEYLNYEVVDDNGWDMYDDDVFGEASDMDLDDEDYGSLEVNEGEYILEAAEAQGYDWPFSCRAGACANCAAIVLEGDI
DMDMQQILSDEEVEDKNVRLTCIGSPDADEVKIVYNAKHLDYLQNRVI
;
_entity_poly.pdbx_strand_id                 A 
_entity_poly.pdbx_target_identifier         ? 
# 
loop_
_pdbx_entity_nonpoly.entity_id 
_pdbx_entity_nonpoly.name 
_pdbx_entity_nonpoly.comp_id 
2 'POTASSIUM ION'              K   
3 'FE2/S2 (INORGANIC) CLUSTER' FES 
4 water                        HOH 
# 
loop_
_entity_poly_seq.entity_id 
_entity_poly_seq.num 
_entity_poly_seq.mon_id 
_entity_poly_seq.hetero 
1 1   PRO n 
1 2   THR n 
1 3   VAL n 
1 4   GLU n 
1 5   TYR n 
1 6   LEU n 
1 7   ASN n 
1 8   TYR n 
1 9   GLU n 
1 10  VAL n 
1 11  VAL n 
1 12  ASP n 
1 13  ASP n 
1 14  ASN n 
1 15  GLY n 
1 16  TRP n 
1 17  ASP n 
1 18  MET n 
1 19  TYR n 
1 20  ASP n 
1 21  ASP n 
1 22  ASP n 
1 23  VAL n 
1 24  PHE n 
1 25  GLY n 
1 26  GLU n 
1 27  ALA n 
1 28  SER n 
1 29  ASP n 
1 30  MET n 
1 31  ASP n 
1 32  LEU n 
1 33  ASP n 
1 34  ASP n 
1 35  GLU n 
1 36  ASP n 
1 37  TYR n 
1 38  GLY n 
1 39  SER n 
1 40  LEU n 
1 41  GLU n 
1 42  VAL n 
1 43  ASN n 
1 44  GLU n 
1 45  GLY n 
1 46  GLU n 
1 47  TYR n 
1 48  ILE n 
1 49  LEU n 
1 50  GLU n 
1 51  ALA n 
1 52  ALA n 
1 53  GLU n 
1 54  ALA n 
1 55  GLN n 
1 56  GLY n 
1 57  TYR n 
1 58  ASP n 
1 59  TRP n 
1 60  PRO n 
1 61  PHE n 
1 62  SER n 
1 63  CYS n 
1 64  ARG n 
1 65  ALA n 
1 66  GLY n 
1 67  ALA n 
1 68  CYS n 
1 69  ALA n 
1 70  ASN n 
1 71  CYS n 
1 72  ALA n 
1 73  ALA n 
1 74  ILE n 
1 75  VAL n 
1 76  LEU n 
1 77  GLU n 
1 78  GLY n 
1 79  ASP n 
1 80  ILE n 
1 81  ASP n 
1 82  MET n 
1 83  ASP n 
1 84  MET n 
1 85  GLN n 
1 86  GLN n 
1 87  ILE n 
1 88  LEU n 
1 89  SER n 
1 90  ASP n 
1 91  GLU n 
1 92  GLU n 
1 93  VAL n 
1 94  GLU n 
1 95  ASP n 
1 96  LYS n 
1 97  ASN n 
1 98  VAL n 
1 99  ARG n 
1 100 LEU n 
1 101 THR n 
1 102 CYS n 
1 103 ILE n 
1 104 GLY n 
1 105 SER n 
1 106 PRO n 
1 107 ASP n 
1 108 ALA n 
1 109 ASP n 
1 110 GLU n 
1 111 VAL n 
1 112 LYS n 
1 113 ILE n 
1 114 VAL n 
1 115 TYR n 
1 116 ASN n 
1 117 ALA n 
1 118 LYS n 
1 119 HIS n 
1 120 LEU n 
1 121 ASP n 
1 122 TYR n 
1 123 LEU n 
1 124 GLN n 
1 125 ASN n 
1 126 ARG n 
1 127 VAL n 
1 128 ILE n 
# 
_entity_src_nat.entity_id                  1 
_entity_src_nat.pdbx_src_id                1 
_entity_src_nat.pdbx_alt_source_flag       sample 
_entity_src_nat.pdbx_beg_seq_num           ? 
_entity_src_nat.pdbx_end_seq_num           ? 
_entity_src_nat.common_name                ? 
_entity_src_nat.pdbx_organism_scientific   'Haloarcula marismortui' 
_entity_src_nat.pdbx_ncbi_taxonomy_id      2238 
_entity_src_nat.genus                      Haloarcula 
_entity_src_nat.species                    ? 
_entity_src_nat.strain                     ? 
_entity_src_nat.tissue                     ? 
_entity_src_nat.tissue_fraction            ? 
_entity_src_nat.pdbx_secretion             ? 
_entity_src_nat.pdbx_fragment              ? 
_entity_src_nat.pdbx_variant               ? 
_entity_src_nat.pdbx_cell_line             ? 
_entity_src_nat.pdbx_atcc                  ? 
_entity_src_nat.pdbx_cellular_location     ? 
_entity_src_nat.pdbx_organ                 ? 
_entity_src_nat.pdbx_organelle             ? 
_entity_src_nat.pdbx_cell                  ? 
_entity_src_nat.pdbx_plasmid_name          ? 
_entity_src_nat.pdbx_plasmid_details       ? 
_entity_src_nat.details                    ? 
# 
loop_
_chem_comp.id 
_chem_comp.type 
_chem_comp.mon_nstd_flag 
_chem_comp.name 
_chem_comp.pdbx_synonyms 
_chem_comp.formula 
_chem_comp.formula_weight 
ALA 'L-peptide linking' y ALANINE                      ? 'C3 H7 N O2'     89.093  
ARG 'L-peptide linking' y ARGININE                     ? 'C6 H15 N4 O2 1' 175.209 
ASN 'L-peptide linking' y ASPARAGINE                   ? 'C4 H8 N2 O3'    132.118 
ASP 'L-peptide linking' y 'ASPARTIC ACID'              ? 'C4 H7 N O4'     133.103 
CYS 'L-peptide linking' y CYSTEINE                     ? 'C3 H7 N O2 S'   121.158 
FES non-polymer         . 'FE2/S2 (INORGANIC) CLUSTER' ? 'Fe2 S2'         175.820 
GLN 'L-peptide linking' y GLUTAMINE                    ? 'C5 H10 N2 O3'   146.144 
GLU 'L-peptide linking' y 'GLUTAMIC ACID'              ? 'C5 H9 N O4'     147.129 
GLY 'peptide linking'   y GLYCINE                      ? 'C2 H5 N O2'     75.067  
HIS 'L-peptide linking' y HISTIDINE                    ? 'C6 H10 N3 O2 1' 156.162 
HOH non-polymer         . WATER                        ? 'H2 O'           18.015  
ILE 'L-peptide linking' y ISOLEUCINE                   ? 'C6 H13 N O2'    131.173 
K   non-polymer         . 'POTASSIUM ION'              ? 'K 1'            39.098  
LEU 'L-peptide linking' y LEUCINE                      ? 'C6 H13 N O2'    131.173 
LYS 'L-peptide linking' y LYSINE                       ? 'C6 H15 N2 O2 1' 147.195 
MET 'L-peptide linking' y METHIONINE                   ? 'C5 H11 N O2 S'  149.211 
PHE 'L-peptide linking' y PHENYLALANINE                ? 'C9 H11 N O2'    165.189 
PRO 'L-peptide linking' y PROLINE                      ? 'C5 H9 N O2'     115.130 
SER 'L-peptide linking' y SERINE                       ? 'C3 H7 N O3'     105.093 
THR 'L-peptide linking' y THREONINE                    ? 'C4 H9 N O3'     119.119 
TRP 'L-peptide linking' y TRYPTOPHAN                   ? 'C11 H12 N2 O2'  204.225 
TYR 'L-peptide linking' y TYROSINE                     ? 'C9 H11 N O3'    181.189 
VAL 'L-peptide linking' y VALINE                       ? 'C5 H11 N O2'    117.146 
# 
loop_
_pdbx_poly_seq_scheme.asym_id 
_pdbx_poly_seq_scheme.entity_id 
_pdbx_poly_seq_scheme.seq_id 
_pdbx_poly_seq_scheme.mon_id 
_pdbx_poly_seq_scheme.ndb_seq_num 
_pdbx_poly_seq_scheme.pdb_seq_num 
_pdbx_poly_seq_scheme.auth_seq_num 
_pdbx_poly_seq_scheme.pdb_mon_id 
_pdbx_poly_seq_scheme.auth_mon_id 
_pdbx_poly_seq_scheme.pdb_strand_id 
_pdbx_poly_seq_scheme.pdb_ins_code 
_pdbx_poly_seq_scheme.hetero 
A 1 1   PRO 1   1   1   PRO PRO A . n 
A 1 2   THR 2   2   2   THR THR A . n 
A 1 3   VAL 3   3   3   VAL VAL A . n 
A 1 4   GLU 4   4   4   GLU GLU A . n 
A 1 5   TYR 5   5   5   TYR TYR A . n 
A 1 6   LEU 6   6   6   LEU LEU A . n 
A 1 7   ASN 7   7   7   ASN ASN A . n 
A 1 8   TYR 8   8   8   TYR TYR A . n 
A 1 9   GLU 9   9   9   GLU GLU A . n 
A 1 10  VAL 10  10  10  VAL VAL A . n 
A 1 11  VAL 11  11  11  VAL VAL A . n 
A 1 12  ASP 12  12  12  ASP ASP A . n 
A 1 13  ASP 13  13  13  ASP ASP A . n 
A 1 14  ASN 14  14  14  ASN ASN A . n 
A 1 15  GLY 15  15  15  GLY GLY A . n 
A 1 16  TRP 16  16  16  TRP TRP A . n 
A 1 17  ASP 17  17  17  ASP ASP A . n 
A 1 18  MET 18  18  18  MET MET A . n 
A 1 19  TYR 19  19  19  TYR TYR A . n 
A 1 20  ASP 20  20  20  ASP ASP A . n 
A 1 21  ASP 21  21  21  ASP ASP A . n 
A 1 22  ASP 22  22  22  ASP ASP A . n 
A 1 23  VAL 23  23  23  VAL VAL A . n 
A 1 24  PHE 24  24  24  PHE PHE A . n 
A 1 25  GLY 25  25  25  GLY GLY A . n 
A 1 26  GLU 26  26  26  GLU GLU A . n 
A 1 27  ALA 27  27  27  ALA ALA A . n 
A 1 28  SER 28  28  28  SER SER A . n 
A 1 29  ASP 29  29  29  ASP ASP A . n 
A 1 30  MET 30  30  30  MET MET A . n 
A 1 31  ASP 31  31  31  ASP ASP A . n 
A 1 32  LEU 32  32  32  LEU LEU A . n 
A 1 33  ASP 33  33  33  ASP ASP A . n 
A 1 34  ASP 34  34  34  ASP ASP A . n 
A 1 35  GLU 35  35  35  GLU GLU A . n 
A 1 36  ASP 36  36  36  ASP ASP A . n 
A 1 37  TYR 37  37  37  TYR TYR A . n 
A 1 38  GLY 38  38  38  GLY GLY A . n 
A 1 39  SER 39  39  39  SER SER A . n 
A 1 40  LEU 40  40  40  LEU LEU A . n 
A 1 41  GLU 41  41  41  GLU GLU A . n 
A 1 42  VAL 42  42  42  VAL VAL A . n 
A 1 43  ASN 43  43  43  ASN ASN A . n 
A 1 44  GLU 44  44  44  GLU GLU A . n 
A 1 45  GLY 45  45  45  GLY GLY A . n 
A 1 46  GLU 46  46  46  GLU GLU A . n 
A 1 47  TYR 47  47  47  TYR TYR A . n 
A 1 48  ILE 48  48  48  ILE ILE A . n 
A 1 49  LEU 49  49  49  LEU LEU A . n 
A 1 50  GLU 50  50  50  GLU GLU A . n 
A 1 51  ALA 51  51  51  ALA ALA A . n 
A 1 52  ALA 52  52  52  ALA ALA A . n 
A 1 53  GLU 53  53  53  GLU GLU A . n 
A 1 54  ALA 54  54  54  ALA ALA A . n 
A 1 55  GLN 55  55  55  GLN GLN A . n 
A 1 56  GLY 56  56  56  GLY GLY A . n 
A 1 57  TYR 57  57  57  TYR TYR A . n 
A 1 58  ASP 58  58  58  ASP ASP A . n 
A 1 59  TRP 59  59  59  TRP TRP A . n 
A 1 60  PRO 60  60  60  PRO PRO A . n 
A 1 61  PHE 61  61  61  PHE PHE A . n 
A 1 62  SER 62  62  62  SER SER A . n 
A 1 63  CYS 63  63  63  CYS CYS A . n 
A 1 64  ARG 64  64  64  ARG ARG A . n 
A 1 65  ALA 65  65  65  ALA ALA A . n 
A 1 66  GLY 66  66  66  GLY GLY A . n 
A 1 67  ALA 67  67  67  ALA ALA A . n 
A 1 68  CYS 68  68  68  CYS CYS A . n 
A 1 69  ALA 69  69  69  ALA ALA A . n 
A 1 70  ASN 70  70  70  ASN ASN A . n 
A 1 71  CYS 71  71  71  CYS CYS A . n 
A 1 72  ALA 72  72  72  ALA ALA A . n 
A 1 73  ALA 73  73  73  ALA ALA A . n 
A 1 74  ILE 74  74  74  ILE ILE A . n 
A 1 75  VAL 75  75  75  VAL VAL A . n 
A 1 76  LEU 76  76  76  LEU LEU A . n 
A 1 77  GLU 77  77  77  GLU GLU A . n 
A 1 78  GLY 78  78  78  GLY GLY A . n 
A 1 79  ASP 79  79  79  ASP ASP A . n 
A 1 80  ILE 80  80  80  ILE ILE A . n 
A 1 81  ASP 81  81  81  ASP ASP A . n 
A 1 82  MET 82  82  82  MET MET A . n 
A 1 83  ASP 83  83  83  ASP ASP A . n 
A 1 84  MET 84  84  84  MET MET A . n 
A 1 85  GLN 85  85  85  GLN GLN A . n 
A 1 86  GLN 86  86  86  GLN GLN A . n 
A 1 87  ILE 87  87  87  ILE ILE A . n 
A 1 88  LEU 88  88  88  LEU LEU A . n 
A 1 89  SER 89  89  89  SER SER A . n 
A 1 90  ASP 90  90  90  ASP ASP A . n 
A 1 91  GLU 91  91  91  GLU GLU A . n 
A 1 92  GLU 92  92  92  GLU GLU A . n 
A 1 93  VAL 93  93  93  VAL VAL A . n 
A 1 94  GLU 94  94  94  GLU GLU A . n 
A 1 95  ASP 95  95  95  ASP ASP A . n 
A 1 96  LYS 96  96  96  LYS LYS A . n 
A 1 97  ASN 97  97  97  ASN ASN A . n 
A 1 98  VAL 98  98  98  VAL VAL A . n 
A 1 99  ARG 99  99  99  ARG ARG A . n 
A 1 100 LEU 100 100 100 LEU LEU A . n 
A 1 101 THR 101 101 101 THR THR A . n 
A 1 102 CYS 102 102 102 CYS CYS A . n 
A 1 103 ILE 103 103 103 ILE ILE A . n 
A 1 104 GLY 104 104 104 GLY GLY A . n 
A 1 105 SER 105 105 105 SER SER A . n 
A 1 106 PRO 106 106 106 PRO PRO A . n 
A 1 107 ASP 107 107 107 ASP ASP A . n 
A 1 108 ALA 108 108 108 ALA ALA A . n 
A 1 109 ASP 109 109 109 ASP ASP A . n 
A 1 110 GLU 110 110 110 GLU GLU A . n 
A 1 111 VAL 111 111 111 VAL VAL A . n 
A 1 112 LYS 112 112 112 LYS LYS A . n 
A 1 113 ILE 113 113 113 ILE ILE A . n 
A 1 114 VAL 114 114 114 VAL VAL A . n 
A 1 115 TYR 115 115 115 TYR TYR A . n 
A 1 116 ASN 116 116 116 ASN ASN A . n 
A 1 117 ALA 117 117 117 ALA ALA A . n 
A 1 118 LYS 118 118 118 LYS LYS A . n 
A 1 119 HIS 119 119 119 HIS HIS A . n 
A 1 120 LEU 120 120 120 LEU LEU A . n 
A 1 121 ASP 121 121 121 ASP ASP A . n 
A 1 122 TYR 122 122 122 TYR TYR A . n 
A 1 123 LEU 123 123 123 LEU LEU A . n 
A 1 124 GLN 124 124 124 GLN GLN A . n 
A 1 125 ASN 125 125 125 ASN ASN A . n 
A 1 126 ARG 126 126 126 ARG ARG A . n 
A 1 127 VAL 127 127 127 VAL VAL A . n 
A 1 128 ILE 128 128 128 ILE ILE A . n 
# 
loop_
_pdbx_nonpoly_scheme.asym_id 
_pdbx_nonpoly_scheme.entity_id 
_pdbx_nonpoly_scheme.mon_id 
_pdbx_nonpoly_scheme.ndb_seq_num 
_pdbx_nonpoly_scheme.pdb_seq_num 
_pdbx_nonpoly_scheme.auth_seq_num 
_pdbx_nonpoly_scheme.pdb_mon_id 
_pdbx_nonpoly_scheme.auth_mon_id 
_pdbx_nonpoly_scheme.pdb_strand_id 
_pdbx_nonpoly_scheme.pdb_ins_code 
B 2 K   1   201 201 K   K   A . 
C 2 K   1   202 202 K   K   A . 
D 2 K   1   203 203 K   K   A . 
E 2 K   1   204 204 K   K   A . 
F 2 K   1   205 205 K   K   A . 
G 2 K   1   206 206 K   K   A . 
H 3 FES 1   129 129 FES FES A . 
I 4 HOH 1   207 207 HOH HOH A . 
I 4 HOH 2   208 208 HOH HOH A . 
I 4 HOH 3   209 209 HOH HOH A . 
I 4 HOH 4   210 210 HOH HOH A . 
I 4 HOH 5   211 211 HOH HOH A . 
I 4 HOH 6   212 212 HOH HOH A . 
I 4 HOH 7   213 213 HOH HOH A . 
I 4 HOH 8   214 214 HOH HOH A . 
I 4 HOH 9   215 215 HOH HOH A . 
I 4 HOH 10  216 216 HOH HOH A . 
I 4 HOH 11  217 217 HOH HOH A . 
I 4 HOH 12  218 218 HOH HOH A . 
I 4 HOH 13  219 219 HOH HOH A . 
I 4 HOH 14  220 220 HOH HOH A . 
I 4 HOH 15  221 221 HOH HOH A . 
I 4 HOH 16  222 222 HOH HOH A . 
I 4 HOH 17  223 223 HOH HOH A . 
I 4 HOH 18  224 224 HOH HOH A . 
I 4 HOH 19  225 225 HOH HOH A . 
I 4 HOH 20  226 226 HOH HOH A . 
I 4 HOH 21  227 227 HOH HOH A . 
I 4 HOH 22  228 228 HOH HOH A . 
I 4 HOH 23  229 229 HOH HOH A . 
I 4 HOH 24  230 230 HOH HOH A . 
I 4 HOH 25  231 231 HOH HOH A . 
I 4 HOH 26  232 232 HOH HOH A . 
I 4 HOH 27  233 233 HOH HOH A . 
I 4 HOH 28  234 234 HOH HOH A . 
I 4 HOH 29  235 235 HOH HOH A . 
I 4 HOH 30  236 236 HOH HOH A . 
I 4 HOH 31  237 237 HOH HOH A . 
I 4 HOH 32  238 238 HOH HOH A . 
I 4 HOH 33  239 239 HOH HOH A . 
I 4 HOH 34  240 240 HOH HOH A . 
I 4 HOH 35  241 241 HOH HOH A . 
I 4 HOH 36  242 242 HOH HOH A . 
I 4 HOH 37  243 243 HOH HOH A . 
I 4 HOH 38  244 244 HOH HOH A . 
I 4 HOH 39  245 245 HOH HOH A . 
I 4 HOH 40  246 246 HOH HOH A . 
I 4 HOH 41  247 247 HOH HOH A . 
I 4 HOH 42  248 248 HOH HOH A . 
I 4 HOH 43  249 249 HOH HOH A . 
I 4 HOH 44  250 250 HOH HOH A . 
I 4 HOH 45  251 251 HOH HOH A . 
I 4 HOH 46  252 252 HOH HOH A . 
I 4 HOH 47  253 253 HOH HOH A . 
I 4 HOH 48  254 254 HOH HOH A . 
I 4 HOH 49  255 255 HOH HOH A . 
I 4 HOH 50  256 256 HOH HOH A . 
I 4 HOH 51  257 257 HOH HOH A . 
I 4 HOH 52  258 258 HOH HOH A . 
I 4 HOH 53  259 259 HOH HOH A . 
I 4 HOH 54  260 260 HOH HOH A . 
I 4 HOH 55  261 261 HOH HOH A . 
I 4 HOH 56  262 262 HOH HOH A . 
I 4 HOH 57  263 263 HOH HOH A . 
I 4 HOH 58  264 264 HOH HOH A . 
I 4 HOH 59  265 265 HOH HOH A . 
I 4 HOH 60  266 266 HOH HOH A . 
I 4 HOH 61  267 267 HOH HOH A . 
I 4 HOH 62  268 268 HOH HOH A . 
I 4 HOH 63  269 269 HOH HOH A . 
I 4 HOH 64  270 270 HOH HOH A . 
I 4 HOH 65  271 271 HOH HOH A . 
I 4 HOH 66  272 272 HOH HOH A . 
I 4 HOH 67  273 273 HOH HOH A . 
I 4 HOH 68  274 274 HOH HOH A . 
I 4 HOH 69  275 275 HOH HOH A . 
I 4 HOH 70  276 276 HOH HOH A . 
I 4 HOH 71  277 277 HOH HOH A . 
I 4 HOH 72  278 278 HOH HOH A . 
I 4 HOH 73  279 279 HOH HOH A . 
I 4 HOH 74  280 280 HOH HOH A . 
I 4 HOH 75  281 281 HOH HOH A . 
I 4 HOH 76  282 282 HOH HOH A . 
I 4 HOH 77  283 283 HOH HOH A . 
I 4 HOH 78  284 284 HOH HOH A . 
I 4 HOH 79  285 285 HOH HOH A . 
I 4 HOH 80  286 286 HOH HOH A . 
I 4 HOH 81  287 287 HOH HOH A . 
I 4 HOH 82  288 288 HOH HOH A . 
I 4 HOH 83  289 289 HOH HOH A . 
I 4 HOH 84  290 290 HOH HOH A . 
I 4 HOH 85  291 291 HOH HOH A . 
I 4 HOH 86  292 292 HOH HOH A . 
I 4 HOH 87  293 293 HOH HOH A . 
I 4 HOH 88  294 294 HOH HOH A . 
I 4 HOH 89  295 295 HOH HOH A . 
I 4 HOH 90  296 296 HOH HOH A . 
I 4 HOH 91  297 297 HOH HOH A . 
I 4 HOH 92  298 298 HOH HOH A . 
I 4 HOH 93  299 299 HOH HOH A . 
I 4 HOH 94  300 300 HOH HOH A . 
I 4 HOH 95  301 301 HOH HOH A . 
I 4 HOH 96  302 302 HOH HOH A . 
I 4 HOH 97  303 303 HOH HOH A . 
I 4 HOH 98  304 304 HOH HOH A . 
I 4 HOH 99  305 305 HOH HOH A . 
I 4 HOH 100 306 306 HOH HOH A . 
I 4 HOH 101 307 307 HOH HOH A . 
I 4 HOH 102 308 308 HOH HOH A . 
I 4 HOH 103 309 309 HOH HOH A . 
I 4 HOH 104 310 310 HOH HOH A . 
I 4 HOH 105 311 311 HOH HOH A . 
I 4 HOH 106 312 312 HOH HOH A . 
I 4 HOH 107 313 313 HOH HOH A . 
I 4 HOH 108 314 314 HOH HOH A . 
I 4 HOH 109 315 315 HOH HOH A . 
I 4 HOH 110 316 316 HOH HOH A . 
I 4 HOH 111 317 317 HOH HOH A . 
I 4 HOH 112 318 318 HOH HOH A . 
I 4 HOH 113 319 319 HOH HOH A . 
I 4 HOH 114 320 320 HOH HOH A . 
I 4 HOH 115 321 321 HOH HOH A . 
I 4 HOH 116 322 322 HOH HOH A . 
I 4 HOH 117 323 323 HOH HOH A . 
I 4 HOH 118 324 324 HOH HOH A . 
I 4 HOH 119 325 325 HOH HOH A . 
I 4 HOH 120 326 326 HOH HOH A . 
I 4 HOH 121 327 327 HOH HOH A . 
I 4 HOH 122 328 328 HOH HOH A . 
I 4 HOH 123 329 329 HOH HOH A . 
I 4 HOH 124 330 330 HOH HOH A . 
I 4 HOH 125 331 331 HOH HOH A . 
I 4 HOH 126 332 332 HOH HOH A . 
I 4 HOH 127 333 333 HOH HOH A . 
I 4 HOH 128 334 334 HOH HOH A . 
I 4 HOH 129 335 335 HOH HOH A . 
I 4 HOH 130 336 336 HOH HOH A . 
I 4 HOH 131 337 337 HOH HOH A . 
I 4 HOH 132 338 338 HOH HOH A . 
I 4 HOH 133 339 339 HOH HOH A . 
I 4 HOH 134 340 340 HOH HOH A . 
I 4 HOH 135 341 341 HOH HOH A . 
I 4 HOH 136 342 342 HOH HOH A . 
I 4 HOH 137 343 343 HOH HOH A . 
I 4 HOH 138 344 344 HOH HOH A . 
I 4 HOH 139 345 345 HOH HOH A . 
I 4 HOH 140 346 346 HOH HOH A . 
I 4 HOH 141 347 347 HOH HOH A . 
I 4 HOH 142 348 348 HOH HOH A . 
I 4 HOH 143 349 349 HOH HOH A . 
I 4 HOH 144 350 350 HOH HOH A . 
I 4 HOH 145 351 351 HOH HOH A . 
I 4 HOH 146 352 352 HOH HOH A . 
I 4 HOH 147 353 353 HOH HOH A . 
I 4 HOH 148 354 354 HOH HOH A . 
I 4 HOH 149 355 355 HOH HOH A . 
I 4 HOH 150 356 356 HOH HOH A . 
I 4 HOH 151 357 357 HOH HOH A . 
I 4 HOH 152 358 358 HOH HOH A . 
I 4 HOH 153 359 359 HOH HOH A . 
I 4 HOH 154 360 360 HOH HOH A . 
I 4 HOH 155 361 361 HOH HOH A . 
I 4 HOH 156 362 362 HOH HOH A . 
I 4 HOH 157 363 363 HOH HOH A . 
I 4 HOH 158 364 364 HOH HOH A . 
I 4 HOH 159 365 365 HOH HOH A . 
I 4 HOH 160 366 366 HOH HOH A . 
I 4 HOH 161 367 367 HOH HOH A . 
I 4 HOH 162 368 368 HOH HOH A . 
I 4 HOH 163 369 369 HOH HOH A . 
I 4 HOH 164 370 370 HOH HOH A . 
I 4 HOH 165 371 371 HOH HOH A . 
I 4 HOH 166 372 372 HOH HOH A . 
I 4 HOH 167 373 373 HOH HOH A . 
I 4 HOH 168 374 374 HOH HOH A . 
I 4 HOH 169 375 375 HOH HOH A . 
I 4 HOH 170 376 376 HOH HOH A . 
I 4 HOH 171 377 377 HOH HOH A . 
I 4 HOH 172 378 378 HOH HOH A . 
I 4 HOH 173 379 379 HOH HOH A . 
I 4 HOH 174 380 380 HOH HOH A . 
I 4 HOH 175 381 381 HOH HOH A . 
I 4 HOH 176 382 382 HOH HOH A . 
I 4 HOH 177 383 383 HOH HOH A . 
I 4 HOH 178 384 384 HOH HOH A . 
I 4 HOH 179 385 385 HOH HOH A . 
I 4 HOH 180 386 386 HOH HOH A . 
I 4 HOH 181 387 387 HOH HOH A . 
I 4 HOH 182 388 388 HOH HOH A . 
I 4 HOH 183 389 389 HOH HOH A . 
I 4 HOH 184 390 390 HOH HOH A . 
I 4 HOH 185 391 391 HOH HOH A . 
I 4 HOH 186 392 392 HOH HOH A . 
I 4 HOH 187 393 393 HOH HOH A . 
I 4 HOH 188 394 394 HOH HOH A . 
I 4 HOH 189 395 395 HOH HOH A . 
I 4 HOH 190 396 396 HOH HOH A . 
I 4 HOH 191 397 397 HOH HOH A . 
I 4 HOH 192 398 398 HOH HOH A . 
I 4 HOH 193 399 399 HOH HOH A . 
I 4 HOH 194 400 400 HOH HOH A . 
I 4 HOH 195 401 401 HOH HOH A . 
I 4 HOH 196 402 402 HOH HOH A . 
I 4 HOH 197 403 403 HOH HOH A . 
I 4 HOH 198 404 404 HOH HOH A . 
I 4 HOH 199 405 405 HOH HOH A . 
I 4 HOH 200 406 406 HOH HOH A . 
I 4 HOH 201 407 407 HOH HOH A . 
I 4 HOH 202 408 408 HOH HOH A . 
I 4 HOH 203 409 409 HOH HOH A . 
I 4 HOH 204 410 410 HOH HOH A . 
I 4 HOH 205 411 411 HOH HOH A . 
I 4 HOH 206 412 412 HOH HOH A . 
I 4 HOH 207 413 413 HOH HOH A . 
I 4 HOH 208 414 414 HOH HOH A . 
I 4 HOH 209 415 415 HOH HOH A . 
I 4 HOH 210 416 416 HOH HOH A . 
I 4 HOH 211 417 417 HOH HOH A . 
I 4 HOH 212 418 418 HOH HOH A . 
I 4 HOH 213 419 419 HOH HOH A . 
I 4 HOH 214 420 420 HOH HOH A . 
I 4 HOH 215 421 421 HOH HOH A . 
I 4 HOH 216 422 422 HOH HOH A . 
I 4 HOH 217 423 423 HOH HOH A . 
I 4 HOH 218 424 424 HOH HOH A . 
I 4 HOH 219 425 425 HOH HOH A . 
I 4 HOH 220 426 426 HOH HOH A . 
I 4 HOH 221 427 427 HOH HOH A . 
I 4 HOH 222 428 428 HOH HOH A . 
I 4 HOH 223 429 429 HOH HOH A . 
I 4 HOH 224 430 430 HOH HOH A . 
I 4 HOH 225 431 431 HOH HOH A . 
I 4 HOH 226 432 432 HOH HOH A . 
I 4 HOH 227 433 433 HOH HOH A . 
I 4 HOH 228 434 434 HOH HOH A . 
I 4 HOH 229 435 435 HOH HOH A . 
I 4 HOH 230 436 436 HOH HOH A . 
I 4 HOH 231 437 437 HOH HOH A . 
I 4 HOH 232 438 438 HOH HOH A . 
I 4 HOH 233 439 439 HOH HOH A . 
I 4 HOH 234 440 440 HOH HOH A . 
I 4 HOH 235 441 441 HOH HOH A . 
I 4 HOH 236 442 442 HOH HOH A . 
I 4 HOH 237 443 443 HOH HOH A . 
# 
loop_
_software.name 
_software.classification 
_software.version 
_software.citation_id 
_software.pdbx_ordinal 
X-PLOR 'model building' 3.1 ? 1 
X-PLOR refinement       3.1 ? 2 
XENGEN 'data reduction' .   ? 3 
XENGEN 'data scaling'   .   ? 4 
X-PLOR phasing          3.1 ? 5 
# 
_cell.entry_id           1DOI 
_cell.length_a           59.180 
_cell.length_b           59.180 
_cell.length_c           124.230 
_cell.angle_alpha        90.00 
_cell.angle_beta         90.00 
_cell.angle_gamma        120.00 
_cell.Z_PDB              12 
_cell.pdbx_unique_axis   ? 
# 
_symmetry.entry_id                         1DOI 
_symmetry.space_group_name_H-M             'P 63 2 2' 
_symmetry.pdbx_full_space_group_name_H-M   ? 
_symmetry.cell_setting                     ? 
_symmetry.Int_Tables_number                182 
# 
_exptl.entry_id          1DOI 
_exptl.method            'X-RAY DIFFRACTION' 
_exptl.crystals_number   1 
# 
_exptl_crystal.id                    1 
_exptl_crystal.density_meas          ? 
_exptl_crystal.density_Matthews      2.24 
_exptl_crystal.density_percent_sol   55. 
_exptl_crystal.description           ? 
# 
_exptl_crystal_grow.crystal_id      1 
_exptl_crystal_grow.method          ? 
_exptl_crystal_grow.temp            ? 
_exptl_crystal_grow.temp_details    ? 
_exptl_crystal_grow.pH              7.0 
_exptl_crystal_grow.pdbx_pH_range   ? 
_exptl_crystal_grow.pdbx_details    'pH 7.0' 
# 
_diffrn.id                     1 
_diffrn.ambient_temp           100 
_diffrn.ambient_temp_details   ? 
_diffrn.crystal_id             1 
# 
_diffrn_detector.diffrn_id              1 
_diffrn_detector.detector               'AREA DETECTOR' 
_diffrn_detector.type                   SIEMENS 
_diffrn_detector.pdbx_collection_date   ? 
_diffrn_detector.details                ? 
# 
_diffrn_radiation.diffrn_id                        1 
_diffrn_radiation.wavelength_id                    1 
_diffrn_radiation.pdbx_monochromatic_or_laue_m_l   M 
_diffrn_radiation.monochromator                    'GRAPHITE(002)' 
_diffrn_radiation.pdbx_diffrn_protocol             ? 
_diffrn_radiation.pdbx_scattering_type             x-ray 
# 
_diffrn_radiation_wavelength.id           1 
_diffrn_radiation_wavelength.wavelength   1.5418 
_diffrn_radiation_wavelength.wt           1.0 
# 
_diffrn_source.diffrn_id                   1 
_diffrn_source.source                      'ROTATING ANODE' 
_diffrn_source.type                        'RIGAKU RUH3R' 
_diffrn_source.pdbx_synchrotron_site       ? 
_diffrn_source.pdbx_synchrotron_beamline   ? 
_diffrn_source.pdbx_wavelength             1.5418 
_diffrn_source.pdbx_wavelength_list        ? 
# 
_reflns.entry_id                     1DOI 
_reflns.observed_criterion_sigma_I   0.0 
_reflns.observed_criterion_sigma_F   ? 
_reflns.d_resolution_low             30. 
_reflns.d_resolution_high            1.9 
_reflns.number_obs                   9760 
_reflns.number_all                   ? 
_reflns.percent_possible_obs         99. 
_reflns.pdbx_Rmerge_I_obs            ? 
_reflns.pdbx_Rsym_value              ? 
_reflns.pdbx_netI_over_sigmaI        ? 
_reflns.B_iso_Wilson_estimate        ? 
_reflns.pdbx_redundancy              ? 
_reflns.pdbx_diffrn_id               1 
_reflns.pdbx_ordinal                 1 
# 
_refine.entry_id                                 1DOI 
_refine.ls_number_reflns_obs                     9760 
_refine.ls_number_reflns_all                     ? 
_refine.pdbx_ls_sigma_I                          ? 
_refine.pdbx_ls_sigma_F                          0.0 
_refine.pdbx_data_cutoff_high_absF               ? 
_refine.pdbx_data_cutoff_low_absF                ? 
_refine.pdbx_data_cutoff_high_rms_absF           ? 
_refine.ls_d_res_low                             30.0 
_refine.ls_d_res_high                            1.9 
_refine.ls_percent_reflns_obs                    99.0 
_refine.ls_R_factor_obs                          0.1950000 
_refine.ls_R_factor_all                          ? 
_refine.ls_R_factor_R_work                       0.1950000 
_refine.ls_R_factor_R_free                       ? 
_refine.ls_R_factor_R_free_error                 ? 
_refine.ls_R_factor_R_free_error_details         ? 
_refine.ls_percent_reflns_R_free                 ? 
_refine.ls_number_reflns_R_free                  ? 
_refine.ls_number_parameters                     ? 
_refine.ls_number_restraints                     ? 
_refine.occupancy_min                            ? 
_refine.occupancy_max                            ? 
_refine.B_iso_mean                               ? 
_refine.aniso_B[1][1]                            ? 
_refine.aniso_B[2][2]                            ? 
_refine.aniso_B[3][3]                            ? 
_refine.aniso_B[1][2]                            ? 
_refine.aniso_B[1][3]                            ? 
_refine.aniso_B[2][3]                            ? 
_refine.solvent_model_details                    ? 
_refine.solvent_model_param_ksol                 ? 
_refine.solvent_model_param_bsol                 ? 
_refine.pdbx_ls_cross_valid_method               ? 
_refine.details                                  ? 
_refine.pdbx_starting_model                      ? 
_refine.pdbx_method_to_determine_struct          
'SIR + NATIVE ANOMALOUS SCATTERING SOFTWARE USED : NULL STARTING MODEL FOR MOLECULAR REPLACEMENT: NULL' 
_refine.pdbx_isotropic_thermal_model             ? 
_refine.pdbx_stereochemistry_target_values       ? 
_refine.pdbx_stereochem_target_val_spec_case     ? 
_refine.pdbx_R_Free_selection_details            ? 
_refine.pdbx_overall_ESU_R                       ? 
_refine.pdbx_overall_ESU_R_Free                  ? 
_refine.overall_SU_ML                            ? 
_refine.overall_SU_B                             ? 
_refine.pdbx_refine_id                           'X-RAY DIFFRACTION' 
_refine.pdbx_diffrn_id                           1 
_refine.pdbx_TLS_residual_ADP_flag               ? 
_refine.correlation_coeff_Fo_to_Fc               ? 
_refine.correlation_coeff_Fo_to_Fc_free          ? 
_refine.pdbx_solvent_vdw_probe_radii             ? 
_refine.pdbx_solvent_ion_probe_radii             ? 
_refine.pdbx_solvent_shrinkage_radii             ? 
_refine.pdbx_overall_phase_error                 ? 
_refine.overall_SU_R_Cruickshank_DPI             ? 
_refine.pdbx_overall_SU_R_free_Cruickshank_DPI   ? 
_refine.pdbx_overall_SU_R_Blow_DPI               ? 
_refine.pdbx_overall_SU_R_free_Blow_DPI          ? 
# 
_refine_hist.pdbx_refine_id                   'X-RAY DIFFRACTION' 
_refine_hist.cycle_id                         LAST 
_refine_hist.pdbx_number_atoms_protein        1008 
_refine_hist.pdbx_number_atoms_nucleic_acid   0 
_refine_hist.pdbx_number_atoms_ligand         4 
_refine_hist.number_atoms_solvent             243 
_refine_hist.number_atoms_total               1255 
_refine_hist.d_res_high                       1.9 
_refine_hist.d_res_low                        30.0 
# 
loop_
_refine_ls_restr.type 
_refine_ls_restr.dev_ideal 
_refine_ls_restr.dev_ideal_target 
_refine_ls_restr.weight 
_refine_ls_restr.number 
_refine_ls_restr.pdbx_refine_id 
_refine_ls_restr.pdbx_restraint_function 
x_bond_d                0.018 ? ? ? 'X-RAY DIFFRACTION' ? 
x_bond_d_na             ?     ? ? ? 'X-RAY DIFFRACTION' ? 
x_bond_d_prot           ?     ? ? ? 'X-RAY DIFFRACTION' ? 
x_angle_d               ?     ? ? ? 'X-RAY DIFFRACTION' ? 
x_angle_d_na            ?     ? ? ? 'X-RAY DIFFRACTION' ? 
x_angle_d_prot          ?     ? ? ? 'X-RAY DIFFRACTION' ? 
x_angle_deg             3.29  ? ? ? 'X-RAY DIFFRACTION' ? 
x_angle_deg_na          ?     ? ? ? 'X-RAY DIFFRACTION' ? 
x_angle_deg_prot        ?     ? ? ? 'X-RAY DIFFRACTION' ? 
x_dihedral_angle_d      25.9  ? ? ? 'X-RAY DIFFRACTION' ? 
x_dihedral_angle_d_na   ?     ? ? ? 'X-RAY DIFFRACTION' ? 
x_dihedral_angle_d_prot ?     ? ? ? 'X-RAY DIFFRACTION' ? 
x_improper_angle_d      1.27  ? ? ? 'X-RAY DIFFRACTION' ? 
x_improper_angle_d_na   ?     ? ? ? 'X-RAY DIFFRACTION' ? 
x_improper_angle_d_prot ?     ? ? ? 'X-RAY DIFFRACTION' ? 
x_mcbond_it             ?     ? ? ? 'X-RAY DIFFRACTION' ? 
x_mcangle_it            ?     ? ? ? 'X-RAY DIFFRACTION' ? 
x_scbond_it             ?     ? ? ? 'X-RAY DIFFRACTION' ? 
x_scangle_it            ?     ? ? ? 'X-RAY DIFFRACTION' ? 
# 
loop_
_pdbx_xplor_file.serial_no 
_pdbx_xplor_file.param_file 
_pdbx_xplor_file.topol_file 
_pdbx_xplor_file.pdbx_refine_id 
1 PARAM19X.PRO                TOPH19X.PRO                   'X-RAY DIFFRACTION' 
2 'PARAM.HFD FOR FE2S2 CLUST' 'TOPH11.K FOR POTASSIUM IONS' 'X-RAY DIFFRACTION' 
# 
_struct.entry_id                  1DOI 
_struct.title                     '2FE-2S FERREDOXIN FROM HALOARCULA MARISMORTUI' 
_struct.pdbx_model_details        ? 
_struct.pdbx_CASP_flag            ? 
_struct.pdbx_model_type_details   ? 
# 
_struct_keywords.entry_id        1DOI 
_struct_keywords.pdbx_keywords   'ELECTRON TRANSPORT' 
_struct_keywords.text            'HALOPHILIC PROTEIN, REDOX PROTEIN, IRON-SULFUR, ELECTRON TRANSPORT' 
# 
loop_
_struct_asym.id 
_struct_asym.pdbx_blank_PDB_chainid_flag 
_struct_asym.pdbx_modified 
_struct_asym.entity_id 
_struct_asym.details 
A N N 1 ? 
B N N 2 ? 
C N N 2 ? 
D N N 2 ? 
E N N 2 ? 
F N N 2 ? 
G N N 2 ? 
H N N 3 ? 
I N N 4 ? 
# 
_struct_ref.id                         1 
_struct_ref.db_name                    UNP 
_struct_ref.db_code                    FER1_HALMA 
_struct_ref.entity_id                  1 
_struct_ref.pdbx_db_accession          P00217 
_struct_ref.pdbx_align_begin           1 
_struct_ref.pdbx_seq_one_letter_code   
;PTVEYLNYEVVDDNGWDMYDDDVFGEASDMDLDDEDYGSLEVNEGEYILEAAEAQGYDWPFSCRAGACANCAAIVLEGDI
DMDMQQILSDEEVEDKNVRLTCIGSPDADEVKIVYNAKHLDYLQNRVI
;
_struct_ref.pdbx_db_isoform            ? 
# 
_struct_ref_seq.align_id                      1 
_struct_ref_seq.ref_id                        1 
_struct_ref_seq.pdbx_PDB_id_code              1DOI 
_struct_ref_seq.pdbx_strand_id                A 
_struct_ref_seq.seq_align_beg                 1 
_struct_ref_seq.pdbx_seq_align_beg_ins_code   ? 
_struct_ref_seq.seq_align_end                 128 
_struct_ref_seq.pdbx_seq_align_end_ins_code   ? 
_struct_ref_seq.pdbx_db_accession             P00217 
_struct_ref_seq.db_align_beg                  1 
_struct_ref_seq.pdbx_db_align_beg_ins_code    ? 
_struct_ref_seq.db_align_end                  128 
_struct_ref_seq.pdbx_db_align_end_ins_code    ? 
_struct_ref_seq.pdbx_auth_seq_align_beg       1 
_struct_ref_seq.pdbx_auth_seq_align_end       128 
# 
_pdbx_struct_assembly.id                   1 
_pdbx_struct_assembly.details              author_defined_assembly 
_pdbx_struct_assembly.method_details       ? 
_pdbx_struct_assembly.oligomeric_details   hexameric 
_pdbx_struct_assembly.oligomeric_count     6 
# 
_pdbx_struct_assembly_gen.assembly_id       1 
_pdbx_struct_assembly_gen.oper_expression   1,2,3,4,5,6 
_pdbx_struct_assembly_gen.asym_id_list      A,B,C,D,E,F,G,H,I 
# 
loop_
_pdbx_struct_oper_list.id 
_pdbx_struct_oper_list.type 
_pdbx_struct_oper_list.name 
_pdbx_struct_oper_list.symmetry_operation 
_pdbx_struct_oper_list.matrix[1][1] 
_pdbx_struct_oper_list.matrix[1][2] 
_pdbx_struct_oper_list.matrix[1][3] 
_pdbx_struct_oper_list.vector[1] 
_pdbx_struct_oper_list.matrix[2][1] 
_pdbx_struct_oper_list.matrix[2][2] 
_pdbx_struct_oper_list.matrix[2][3] 
_pdbx_struct_oper_list.vector[2] 
_pdbx_struct_oper_list.matrix[3][1] 
_pdbx_struct_oper_list.matrix[3][2] 
_pdbx_struct_oper_list.matrix[3][3] 
_pdbx_struct_oper_list.vector[3] 
1 'identity operation'         1_555  x,y,z         1.0000000000  0.0000000000  0.0000000000  0.0000000000   0.0000000000  1.0000000000  0.0000000000  0.0000000000  0.0000000000  0.0000000000  1.0000000000  0.0000000000   
2 'crystal symmetry operation' 3_555  -x+y,-x,z     0.6869046690  -0.7060515378 0.1722010500  13.9781620585  -0.1302248970 -0.3526928292 -0.9266332848 11.6312213261 0.7149849312  0.6140838658  -0.3342118399 -26.4370445628 
3 'crystal symmetry operation' 2_555  -y,x-y,z      0.6869046690  -0.1302248970 0.7149849312  10.8150983042  -0.7060515378 -0.3526928292 0.6140838658  30.2061136987 0.1722010500  -0.9266332848 -0.3342118399 -0.4647506644  
4 'crystal symmetry operation' 11_555 -x+y,y,-z+1/2 -0.7061644412 0.6959812820  -0.1301608125 -22.5588570204 0.6959812820  0.6485068956  -0.3082999537 5.4696289805  -0.1301608125 -0.3082999537 -0.9423424544 -21.6796047442 
5 'crystal symmetry operation' 10_555 -y,-x,-z+1/2  -0.6687647621 0.1731912273  -0.7230203951 -20.8935584886 0.1731912273  -0.9094444136 -0.3780418726 30.8916349785 -0.7230203951 -0.3780418726 0.5782091757  -2.1721692098  
6 'crystal symmetry operation' 12_555 x,x-y,-z+1/2  -0.9988801348 -0.0328960745 -0.0340047736 -9.1127128108  -0.0328960745 -0.0336768237 0.9988912453  32.7288905953 -0.0340047736 0.9988912453  0.0325569585  -31.9618958993 
# 
_struct_biol.id   1 
# 
loop_
_struct_conf.conf_type_id 
_struct_conf.id 
_struct_conf.pdbx_PDB_helix_id 
_struct_conf.beg_label_comp_id 
_struct_conf.beg_label_asym_id 
_struct_conf.beg_label_seq_id 
_struct_conf.pdbx_beg_PDB_ins_code 
_struct_conf.end_label_comp_id 
_struct_conf.end_label_asym_id 
_struct_conf.end_label_seq_id 
_struct_conf.pdbx_end_PDB_ins_code 
_struct_conf.beg_auth_comp_id 
_struct_conf.beg_auth_asym_id 
_struct_conf.beg_auth_seq_id 
_struct_conf.end_auth_comp_id 
_struct_conf.end_auth_asym_id 
_struct_conf.end_auth_seq_id 
_struct_conf.pdbx_PDB_helix_class 
_struct_conf.details 
_struct_conf.pdbx_PDB_helix_length 
HELX_P HELX_P1 1 TYR A 8   ? ASP A 13  ? TYR A 8   ASP A 13  1 ? 6 
HELX_P HELX_P2 2 VAL A 23  ? ASP A 29  ? VAL A 23  ASP A 29  1 ? 7 
HELX_P HELX_P3 3 ILE A 48  ? GLN A 55  ? ILE A 48  GLN A 55  1 ? 8 
HELX_P HELX_P4 4 ASP A 90  ? GLU A 94  ? ASP A 90  GLU A 94  1 ? 5 
HELX_P HELX_P5 5 ASP A 121 ? ARG A 126 ? ASP A 121 ARG A 126 5 ? 6 
# 
_struct_conf_type.id          HELX_P 
_struct_conf_type.criteria    ? 
_struct_conf_type.reference   ? 
# 
loop_
_struct_conn.id 
_struct_conn.conn_type_id 
_struct_conn.pdbx_leaving_atom_flag 
_struct_conn.pdbx_PDB_id 
_struct_conn.ptnr1_label_asym_id 
_struct_conn.ptnr1_label_comp_id 
_struct_conn.ptnr1_label_seq_id 
_struct_conn.ptnr1_label_atom_id 
_struct_conn.pdbx_ptnr1_label_alt_id 
_struct_conn.pdbx_ptnr1_PDB_ins_code 
_struct_conn.pdbx_ptnr1_standard_comp_id 
_struct_conn.ptnr1_symmetry 
_struct_conn.ptnr2_label_asym_id 
_struct_conn.ptnr2_label_comp_id 
_struct_conn.ptnr2_label_seq_id 
_struct_conn.ptnr2_label_atom_id 
_struct_conn.pdbx_ptnr2_label_alt_id 
_struct_conn.pdbx_ptnr2_PDB_ins_code 
_struct_conn.ptnr1_auth_asym_id 
_struct_conn.ptnr1_auth_comp_id 
_struct_conn.ptnr1_auth_seq_id 
_struct_conn.ptnr2_auth_asym_id 
_struct_conn.ptnr2_auth_comp_id 
_struct_conn.ptnr2_auth_seq_id 
_struct_conn.ptnr2_symmetry 
_struct_conn.pdbx_ptnr3_label_atom_id 
_struct_conn.pdbx_ptnr3_label_seq_id 
_struct_conn.pdbx_ptnr3_label_comp_id 
_struct_conn.pdbx_ptnr3_label_asym_id 
_struct_conn.pdbx_ptnr3_label_alt_id 
_struct_conn.pdbx_ptnr3_PDB_ins_code 
_struct_conn.details 
_struct_conn.pdbx_dist_value 
_struct_conn.pdbx_value_order 
_struct_conn.pdbx_role 
metalc1  metalc ? ? A THR 2   OG1 ? ? ? 1_555  G K   . K   ? ? A THR 2   A K   206 1_555 ? ? ? ? ? ? ? 2.781 ? ? 
metalc2  metalc ? ? A ASP 12  O   ? ? ? 1_555  B K   . K   ? ? A ASP 12  A K   201 1_555 ? ? ? ? ? ? ? 2.687 ? ? 
metalc3  metalc ? ? A ASP 12  OD1 ? ? ? 1_555  B K   . K   ? ? A ASP 12  A K   201 1_555 ? ? ? ? ? ? ? 3.009 ? ? 
metalc4  metalc ? ? A SER 28  O   ? ? ? 1_555  D K   . K   ? ? A SER 28  A K   203 1_555 ? ? ? ? ? ? ? 2.975 ? ? 
metalc5  metalc ? ? A MET 30  O   ? ? ? 1_555  D K   . K   ? ? A MET 30  A K   203 1_555 ? ? ? ? ? ? ? 2.670 ? ? 
metalc6  metalc ? ? A ASP 31  O   ? ? ? 9_555  B K   . K   ? ? A ASP 31  A K   201 1_555 ? ? ? ? ? ? ? 2.696 ? ? 
metalc7  metalc ? ? A ASP 31  OD2 ? ? ? 9_555  B K   . K   ? ? A ASP 31  A K   201 1_555 ? ? ? ? ? ? ? 3.073 ? ? 
metalc8  metalc ? ? A CYS 63  SG  ? ? ? 1_555  H FES . FE1 ? ? A CYS 63  A FES 129 1_555 ? ? ? ? ? ? ? 2.197 ? ? 
metalc9  metalc ? ? A CYS 68  SG  ? ? ? 1_555  H FES . FE1 ? ? A CYS 68  A FES 129 1_555 ? ? ? ? ? ? ? 2.165 ? ? 
metalc10 metalc ? ? A CYS 71  SG  ? ? ? 1_555  H FES . FE2 ? ? A CYS 71  A FES 129 1_555 ? ? ? ? ? ? ? 2.211 ? ? 
metalc11 metalc ? ? A CYS 71  O   ? ? ? 1_555  E K   . K   ? ? A CYS 71  A K   204 1_555 ? ? ? ? ? ? ? 2.559 ? ? 
metalc12 metalc ? ? A ALA 72  O   ? ? ? 1_555  E K   . K   ? ? A ALA 72  A K   204 1_555 ? ? ? ? ? ? ? 2.725 ? ? 
metalc13 metalc ? ? A ASP 81  OD2 ? ? ? 1_555  C K   . K   ? ? A ASP 81  A K   202 1_555 ? ? ? ? ? ? ? 2.974 ? ? 
metalc14 metalc ? ? A GLN 85  NE2 ? ? ? 11_555 C K   . K   ? ? A GLN 85  A K   202 1_555 ? ? ? ? ? ? ? 3.629 ? ? 
metalc15 metalc ? ? A GLN 85  O   ? ? ? 11_555 C K   . K   ? ? A GLN 85  A K   202 1_555 ? ? ? ? ? ? ? 2.639 ? ? 
metalc16 metalc ? ? A GLU 94  O   ? ? ? 1_555  F K   . K   ? ? A GLU 94  A K   205 1_555 ? ? ? ? ? ? ? 2.600 ? ? 
metalc17 metalc ? ? A ASN 97  OD1 ? ? ? 1_555  F K   . K   ? ? A ASN 97  A K   205 1_555 ? ? ? ? ? ? ? 2.886 ? ? 
metalc18 metalc ? ? A THR 101 OG1 ? ? ? 1_555  E K   . K   ? ? A THR 101 A K   204 1_555 ? ? ? ? ? ? ? 3.519 ? ? 
metalc19 metalc ? ? A CYS 102 SG  ? ? ? 1_555  H FES . FE2 ? ? A CYS 102 A FES 129 1_555 ? ? ? ? ? ? ? 2.185 ? ? 
metalc20 metalc ? ? A ASP 107 OD1 ? ? ? 1_555  C K   . K   ? ? A ASP 107 A K   202 1_555 ? ? ? ? ? ? ? 3.081 ? ? 
metalc21 metalc ? ? A ASP 109 O   ? ? ? 1_555  G K   . K   ? ? A ASP 109 A K   206 1_555 ? ? ? ? ? ? ? 3.143 ? ? 
metalc22 metalc ? ? A ASP 109 OD1 ? ? ? 1_555  G K   . K   ? ? A ASP 109 A K   206 1_555 ? ? ? ? ? ? ? 3.124 ? ? 
metalc23 metalc ? ? A ASP 109 OD2 ? ? ? 1_555  G K   . K   ? ? A ASP 109 A K   206 1_555 ? ? ? ? ? ? ? 3.246 ? ? 
metalc24 metalc ? ? A GLU 110 OE2 ? ? ? 1_555  G K   . K   ? ? A GLU 110 A K   206 1_555 ? ? ? ? ? ? ? 2.798 ? ? 
metalc25 metalc ? ? A ASN 116 N   ? ? ? 1_555  E K   . K   ? ? A ASN 116 A K   204 1_555 ? ? ? ? ? ? ? 3.293 ? ? 
metalc26 metalc ? ? B K   .   K   ? ? ? 1_555  I HOH . O   ? ? A K   201 A HOH 329 7_555 ? ? ? ? ? ? ? 3.523 ? ? 
metalc27 metalc ? ? B K   .   K   ? ? ? 1_555  I HOH . O   ? ? A K   201 A HOH 418 1_555 ? ? ? ? ? ? ? 2.872 ? ? 
metalc28 metalc ? ? C K   .   K   ? ? ? 1_555  I HOH . O   ? ? A K   202 A HOH 274 1_555 ? ? ? ? ? ? ? 2.376 ? ? 
metalc29 metalc ? ? C K   .   K   ? ? ? 1_555  I HOH . O   ? ? A K   202 A HOH 312 1_555 ? ? ? ? ? ? ? 3.709 ? ? 
metalc30 metalc ? ? C K   .   K   ? ? ? 1_555  I HOH . O   ? ? A K   202 A HOH 426 1_555 ? ? ? ? ? ? ? 2.739 ? ? 
metalc31 metalc ? ? D K   .   K   ? ? ? 1_555  I HOH . O   ? ? A K   203 A HOH 374 1_555 ? ? ? ? ? ? ? 2.716 ? ? 
metalc32 metalc ? ? E K   .   K   ? ? ? 1_555  I HOH . O   ? ? A K   204 A HOH 208 1_555 ? ? ? ? ? ? ? 3.601 ? ? 
metalc33 metalc ? ? E K   .   K   ? ? ? 1_555  I HOH . O   ? ? A K   204 A HOH 211 1_555 ? ? ? ? ? ? ? 2.430 ? ? 
metalc34 metalc ? ? F K   .   K   ? ? ? 1_555  I HOH . O   ? ? A K   205 A HOH 214 3_565 ? ? ? ? ? ? ? 3.096 ? ? 
metalc35 metalc ? ? F K   .   K   ? ? ? 1_555  I HOH . O   ? ? A K   205 A HOH 439 1_555 ? ? ? ? ? ? ? 2.315 ? ? 
metalc36 metalc ? ? F K   .   K   ? ? ? 1_555  I HOH . O   ? ? A K   205 A HOH 440 1_555 ? ? ? ? ? ? ? 3.072 ? ? 
metalc37 metalc ? ? G K   .   K   ? ? ? 1_555  I HOH . O   ? ? A K   206 A HOH 403 1_555 ? ? ? ? ? ? ? 3.364 ? ? 
# 
_struct_conn_type.id          metalc 
_struct_conn_type.criteria    ? 
_struct_conn_type.reference   ? 
# 
loop_
_pdbx_struct_conn_angle.id 
_pdbx_struct_conn_angle.ptnr1_label_atom_id 
_pdbx_struct_conn_angle.ptnr1_label_alt_id 
_pdbx_struct_conn_angle.ptnr1_label_asym_id 
_pdbx_struct_conn_angle.ptnr1_label_comp_id 
_pdbx_struct_conn_angle.ptnr1_label_seq_id 
_pdbx_struct_conn_angle.ptnr1_auth_atom_id 
_pdbx_struct_conn_angle.ptnr1_auth_asym_id 
_pdbx_struct_conn_angle.ptnr1_auth_comp_id 
_pdbx_struct_conn_angle.ptnr1_auth_seq_id 
_pdbx_struct_conn_angle.ptnr1_PDB_ins_code 
_pdbx_struct_conn_angle.ptnr1_symmetry 
_pdbx_struct_conn_angle.ptnr2_label_atom_id 
_pdbx_struct_conn_angle.ptnr2_label_alt_id 
_pdbx_struct_conn_angle.ptnr2_label_asym_id 
_pdbx_struct_conn_angle.ptnr2_label_comp_id 
_pdbx_struct_conn_angle.ptnr2_label_seq_id 
_pdbx_struct_conn_angle.ptnr2_auth_atom_id 
_pdbx_struct_conn_angle.ptnr2_auth_asym_id 
_pdbx_struct_conn_angle.ptnr2_auth_comp_id 
_pdbx_struct_conn_angle.ptnr2_auth_seq_id 
_pdbx_struct_conn_angle.ptnr2_PDB_ins_code 
_pdbx_struct_conn_angle.ptnr2_symmetry 
_pdbx_struct_conn_angle.ptnr3_label_atom_id 
_pdbx_struct_conn_angle.ptnr3_label_alt_id 
_pdbx_struct_conn_angle.ptnr3_label_asym_id 
_pdbx_struct_conn_angle.ptnr3_label_comp_id 
_pdbx_struct_conn_angle.ptnr3_label_seq_id 
_pdbx_struct_conn_angle.ptnr3_auth_atom_id 
_pdbx_struct_conn_angle.ptnr3_auth_asym_id 
_pdbx_struct_conn_angle.ptnr3_auth_comp_id 
_pdbx_struct_conn_angle.ptnr3_auth_seq_id 
_pdbx_struct_conn_angle.ptnr3_PDB_ins_code 
_pdbx_struct_conn_angle.ptnr3_symmetry 
_pdbx_struct_conn_angle.value 
_pdbx_struct_conn_angle.value_esd 
1  OG1 ? A THR 2   ? A THR 2   ? 1_555  K   ? G K   . ? A K   206 ? 1_555 O   ? A ASP 109 ? A ASP 109 ? 1_555  90.5  ? 
2  OG1 ? A THR 2   ? A THR 2   ? 1_555  K   ? G K   . ? A K   206 ? 1_555 OD1 ? A ASP 109 ? A ASP 109 ? 1_555  147.8 ? 
3  O   ? A ASP 109 ? A ASP 109 ? 1_555  K   ? G K   . ? A K   206 ? 1_555 OD1 ? A ASP 109 ? A ASP 109 ? 1_555  66.0  ? 
4  OG1 ? A THR 2   ? A THR 2   ? 1_555  K   ? G K   . ? A K   206 ? 1_555 OD2 ? A ASP 109 ? A ASP 109 ? 1_555  154.2 ? 
5  O   ? A ASP 109 ? A ASP 109 ? 1_555  K   ? G K   . ? A K   206 ? 1_555 OD2 ? A ASP 109 ? A ASP 109 ? 1_555  71.3  ? 
6  OD1 ? A ASP 109 ? A ASP 109 ? 1_555  K   ? G K   . ? A K   206 ? 1_555 OD2 ? A ASP 109 ? A ASP 109 ? 1_555  38.8  ? 
7  OG1 ? A THR 2   ? A THR 2   ? 1_555  K   ? G K   . ? A K   206 ? 1_555 OE2 ? A GLU 110 ? A GLU 110 ? 1_555  86.0  ? 
8  O   ? A ASP 109 ? A ASP 109 ? 1_555  K   ? G K   . ? A K   206 ? 1_555 OE2 ? A GLU 110 ? A GLU 110 ? 1_555  82.2  ? 
9  OD1 ? A ASP 109 ? A ASP 109 ? 1_555  K   ? G K   . ? A K   206 ? 1_555 OE2 ? A GLU 110 ? A GLU 110 ? 1_555  110.7 ? 
10 OD2 ? A ASP 109 ? A ASP 109 ? 1_555  K   ? G K   . ? A K   206 ? 1_555 OE2 ? A GLU 110 ? A GLU 110 ? 1_555  73.8  ? 
11 OG1 ? A THR 2   ? A THR 2   ? 1_555  K   ? G K   . ? A K   206 ? 1_555 O   ? I HOH .   ? A HOH 403 ? 1_555  55.8  ? 
12 O   ? A ASP 109 ? A ASP 109 ? 1_555  K   ? G K   . ? A K   206 ? 1_555 O   ? I HOH .   ? A HOH 403 ? 1_555  122.2 ? 
13 OD1 ? A ASP 109 ? A ASP 109 ? 1_555  K   ? G K   . ? A K   206 ? 1_555 O   ? I HOH .   ? A HOH 403 ? 1_555  155.7 ? 
14 OD2 ? A ASP 109 ? A ASP 109 ? 1_555  K   ? G K   . ? A K   206 ? 1_555 O   ? I HOH .   ? A HOH 403 ? 1_555  118.6 ? 
15 OE2 ? A GLU 110 ? A GLU 110 ? 1_555  K   ? G K   . ? A K   206 ? 1_555 O   ? I HOH .   ? A HOH 403 ? 1_555  53.5  ? 
16 O   ? A ASP 12  ? A ASP 12  ? 1_555  K   ? B K   . ? A K   201 ? 1_555 OD1 ? A ASP 12  ? A ASP 12  ? 1_555  69.1  ? 
17 O   ? A ASP 12  ? A ASP 12  ? 1_555  K   ? B K   . ? A K   201 ? 1_555 O   ? A ASP 31  ? A ASP 31  ? 9_555  86.8  ? 
18 OD1 ? A ASP 12  ? A ASP 12  ? 1_555  K   ? B K   . ? A K   201 ? 1_555 O   ? A ASP 31  ? A ASP 31  ? 9_555  155.8 ? 
19 O   ? A ASP 12  ? A ASP 12  ? 1_555  K   ? B K   . ? A K   201 ? 1_555 OD2 ? A ASP 31  ? A ASP 31  ? 9_555  91.7  ? 
20 OD1 ? A ASP 12  ? A ASP 12  ? 1_555  K   ? B K   . ? A K   201 ? 1_555 OD2 ? A ASP 31  ? A ASP 31  ? 9_555  108.9 ? 
21 O   ? A ASP 31  ? A ASP 31  ? 9_555  K   ? B K   . ? A K   201 ? 1_555 OD2 ? A ASP 31  ? A ASP 31  ? 9_555  72.2  ? 
22 O   ? A ASP 12  ? A ASP 12  ? 1_555  K   ? B K   . ? A K   201 ? 1_555 O   ? I HOH .   ? A HOH 329 ? 7_555  128.5 ? 
23 OD1 ? A ASP 12  ? A ASP 12  ? 1_555  K   ? B K   . ? A K   201 ? 1_555 O   ? I HOH .   ? A HOH 329 ? 7_555  64.4  ? 
24 O   ? A ASP 31  ? A ASP 31  ? 9_555  K   ? B K   . ? A K   201 ? 1_555 O   ? I HOH .   ? A HOH 329 ? 7_555  136.5 ? 
25 OD2 ? A ASP 31  ? A ASP 31  ? 9_555  K   ? B K   . ? A K   201 ? 1_555 O   ? I HOH .   ? A HOH 329 ? 7_555  122.8 ? 
26 O   ? A ASP 12  ? A ASP 12  ? 1_555  K   ? B K   . ? A K   201 ? 1_555 O   ? I HOH .   ? A HOH 418 ? 1_555  140.9 ? 
27 OD1 ? A ASP 12  ? A ASP 12  ? 1_555  K   ? B K   . ? A K   201 ? 1_555 O   ? I HOH .   ? A HOH 418 ? 1_555  84.7  ? 
28 O   ? A ASP 31  ? A ASP 31  ? 9_555  K   ? B K   . ? A K   201 ? 1_555 O   ? I HOH .   ? A HOH 418 ? 1_555  116.9 ? 
29 OD2 ? A ASP 31  ? A ASP 31  ? 9_555  K   ? B K   . ? A K   201 ? 1_555 O   ? I HOH .   ? A HOH 418 ? 1_555  69.3  ? 
30 O   ? I HOH .   ? A HOH 329 ? 7_555  K   ? B K   . ? A K   201 ? 1_555 O   ? I HOH .   ? A HOH 418 ? 1_555  53.8  ? 
31 O   ? A SER 28  ? A SER 28  ? 1_555  K   ? D K   . ? A K   203 ? 1_555 O   ? A MET 30  ? A MET 30  ? 1_555  78.6  ? 
32 O   ? A SER 28  ? A SER 28  ? 1_555  K   ? D K   . ? A K   203 ? 1_555 O   ? I HOH .   ? A HOH 374 ? 1_555  90.1  ? 
33 O   ? A MET 30  ? A MET 30  ? 1_555  K   ? D K   . ? A K   203 ? 1_555 O   ? I HOH .   ? A HOH 374 ? 1_555  72.9  ? 
34 SG  ? A CYS 63  ? A CYS 63  ? 1_555  FE1 ? H FES . ? A FES 129 ? 1_555 S1  ? H FES .   ? A FES 129 ? 1_555  117.6 ? 
35 SG  ? A CYS 63  ? A CYS 63  ? 1_555  FE1 ? H FES . ? A FES 129 ? 1_555 S2  ? H FES .   ? A FES 129 ? 1_555  98.3  ? 
36 S1  ? H FES .   ? A FES 129 ? 1_555  FE1 ? H FES . ? A FES 129 ? 1_555 S2  ? H FES .   ? A FES 129 ? 1_555  105.4 ? 
37 SG  ? A CYS 63  ? A CYS 63  ? 1_555  FE1 ? H FES . ? A FES 129 ? 1_555 SG  ? A CYS 68  ? A CYS 68  ? 1_555  107.8 ? 
38 S1  ? H FES .   ? A FES 129 ? 1_555  FE1 ? H FES . ? A FES 129 ? 1_555 SG  ? A CYS 68  ? A CYS 68  ? 1_555  103.0 ? 
39 S2  ? H FES .   ? A FES 129 ? 1_555  FE1 ? H FES . ? A FES 129 ? 1_555 SG  ? A CYS 68  ? A CYS 68  ? 1_555  125.8 ? 
40 SG  ? A CYS 71  ? A CYS 71  ? 1_555  FE2 ? H FES . ? A FES 129 ? 1_555 S1  ? H FES .   ? A FES 129 ? 1_555  112.2 ? 
41 SG  ? A CYS 71  ? A CYS 71  ? 1_555  FE2 ? H FES . ? A FES 129 ? 1_555 S2  ? H FES .   ? A FES 129 ? 1_555  115.1 ? 
42 S1  ? H FES .   ? A FES 129 ? 1_555  FE2 ? H FES . ? A FES 129 ? 1_555 S2  ? H FES .   ? A FES 129 ? 1_555  103.5 ? 
43 SG  ? A CYS 71  ? A CYS 71  ? 1_555  FE2 ? H FES . ? A FES 129 ? 1_555 SG  ? A CYS 102 ? A CYS 102 ? 1_555  106.5 ? 
44 S1  ? H FES .   ? A FES 129 ? 1_555  FE2 ? H FES . ? A FES 129 ? 1_555 SG  ? A CYS 102 ? A CYS 102 ? 1_555  115.0 ? 
45 S2  ? H FES .   ? A FES 129 ? 1_555  FE2 ? H FES . ? A FES 129 ? 1_555 SG  ? A CYS 102 ? A CYS 102 ? 1_555  104.7 ? 
46 O   ? A CYS 71  ? A CYS 71  ? 1_555  K   ? E K   . ? A K   204 ? 1_555 O   ? A ALA 72  ? A ALA 72  ? 1_555  69.7  ? 
47 O   ? A CYS 71  ? A CYS 71  ? 1_555  K   ? E K   . ? A K   204 ? 1_555 OG1 ? A THR 101 ? A THR 101 ? 1_555  52.1  ? 
48 O   ? A ALA 72  ? A ALA 72  ? 1_555  K   ? E K   . ? A K   204 ? 1_555 OG1 ? A THR 101 ? A THR 101 ? 1_555  117.8 ? 
49 O   ? A CYS 71  ? A CYS 71  ? 1_555  K   ? E K   . ? A K   204 ? 1_555 N   ? A ASN 116 ? A ASN 116 ? 1_555  137.7 ? 
50 O   ? A ALA 72  ? A ALA 72  ? 1_555  K   ? E K   . ? A K   204 ? 1_555 N   ? A ASN 116 ? A ASN 116 ? 1_555  68.6  ? 
51 OG1 ? A THR 101 ? A THR 101 ? 1_555  K   ? E K   . ? A K   204 ? 1_555 N   ? A ASN 116 ? A ASN 116 ? 1_555  166.2 ? 
52 O   ? A CYS 71  ? A CYS 71  ? 1_555  K   ? E K   . ? A K   204 ? 1_555 O   ? I HOH .   ? A HOH 208 ? 1_555  83.4  ? 
53 O   ? A ALA 72  ? A ALA 72  ? 1_555  K   ? E K   . ? A K   204 ? 1_555 O   ? I HOH .   ? A HOH 208 ? 1_555  49.9  ? 
54 OG1 ? A THR 101 ? A THR 101 ? 1_555  K   ? E K   . ? A K   204 ? 1_555 O   ? I HOH .   ? A HOH 208 ? 1_555  129.3 ? 
55 N   ? A ASN 116 ? A ASN 116 ? 1_555  K   ? E K   . ? A K   204 ? 1_555 O   ? I HOH .   ? A HOH 208 ? 1_555  64.4  ? 
56 O   ? A CYS 71  ? A CYS 71  ? 1_555  K   ? E K   . ? A K   204 ? 1_555 O   ? I HOH .   ? A HOH 211 ? 1_555  85.9  ? 
57 O   ? A ALA 72  ? A ALA 72  ? 1_555  K   ? E K   . ? A K   204 ? 1_555 O   ? I HOH .   ? A HOH 211 ? 1_555  149.5 ? 
58 OG1 ? A THR 101 ? A THR 101 ? 1_555  K   ? E K   . ? A K   204 ? 1_555 O   ? I HOH .   ? A HOH 211 ? 1_555  51.3  ? 
59 N   ? A ASN 116 ? A ASN 116 ? 1_555  K   ? E K   . ? A K   204 ? 1_555 O   ? I HOH .   ? A HOH 211 ? 1_555  129.8 ? 
60 O   ? I HOH .   ? A HOH 208 ? 1_555  K   ? E K   . ? A K   204 ? 1_555 O   ? I HOH .   ? A HOH 211 ? 1_555  111.0 ? 
61 OD2 ? A ASP 81  ? A ASP 81  ? 1_555  K   ? C K   . ? A K   202 ? 1_555 NE2 ? A GLN 85  ? A GLN 85  ? 11_555 99.6  ? 
62 OD2 ? A ASP 81  ? A ASP 81  ? 1_555  K   ? C K   . ? A K   202 ? 1_555 O   ? A GLN 85  ? A GLN 85  ? 11_555 68.6  ? 
63 NE2 ? A GLN 85  ? A GLN 85  ? 11_555 K   ? C K   . ? A K   202 ? 1_555 O   ? A GLN 85  ? A GLN 85  ? 11_555 67.7  ? 
64 OD2 ? A ASP 81  ? A ASP 81  ? 1_555  K   ? C K   . ? A K   202 ? 1_555 OD1 ? A ASP 107 ? A ASP 107 ? 1_555  97.6  ? 
65 NE2 ? A GLN 85  ? A GLN 85  ? 11_555 K   ? C K   . ? A K   202 ? 1_555 OD1 ? A ASP 107 ? A ASP 107 ? 1_555  154.6 ? 
66 O   ? A GLN 85  ? A GLN 85  ? 11_555 K   ? C K   . ? A K   202 ? 1_555 OD1 ? A ASP 107 ? A ASP 107 ? 1_555  136.7 ? 
67 OD2 ? A ASP 81  ? A ASP 81  ? 1_555  K   ? C K   . ? A K   202 ? 1_555 O   ? I HOH .   ? A HOH 274 ? 1_555  80.8  ? 
68 NE2 ? A GLN 85  ? A GLN 85  ? 11_555 K   ? C K   . ? A K   202 ? 1_555 O   ? I HOH .   ? A HOH 274 ? 1_555  85.8  ? 
69 O   ? A GLN 85  ? A GLN 85  ? 11_555 K   ? C K   . ? A K   202 ? 1_555 O   ? I HOH .   ? A HOH 274 ? 1_555  134.4 ? 
70 OD1 ? A ASP 107 ? A ASP 107 ? 1_555  K   ? C K   . ? A K   202 ? 1_555 O   ? I HOH .   ? A HOH 274 ? 1_555  78.6  ? 
71 OD2 ? A ASP 81  ? A ASP 81  ? 1_555  K   ? C K   . ? A K   202 ? 1_555 O   ? I HOH .   ? A HOH 312 ? 1_555  117.2 ? 
72 NE2 ? A GLN 85  ? A GLN 85  ? 11_555 K   ? C K   . ? A K   202 ? 1_555 O   ? I HOH .   ? A HOH 312 ? 1_555  114.3 ? 
73 O   ? A GLN 85  ? A GLN 85  ? 11_555 K   ? C K   . ? A K   202 ? 1_555 O   ? I HOH .   ? A HOH 312 ? 1_555  77.5  ? 
74 OD1 ? A ASP 107 ? A ASP 107 ? 1_555  K   ? C K   . ? A K   202 ? 1_555 O   ? I HOH .   ? A HOH 312 ? 1_555  73.2  ? 
75 O   ? I HOH .   ? A HOH 274 ? 1_555  K   ? C K   . ? A K   202 ? 1_555 O   ? I HOH .   ? A HOH 312 ? 1_555  148.0 ? 
76 OD2 ? A ASP 81  ? A ASP 81  ? 1_555  K   ? C K   . ? A K   202 ? 1_555 O   ? I HOH .   ? A HOH 426 ? 1_555  152.8 ? 
77 NE2 ? A GLN 85  ? A GLN 85  ? 11_555 K   ? C K   . ? A K   202 ? 1_555 O   ? I HOH .   ? A HOH 426 ? 1_555  59.9  ? 
78 O   ? A GLN 85  ? A GLN 85  ? 11_555 K   ? C K   . ? A K   202 ? 1_555 O   ? I HOH .   ? A HOH 426 ? 1_555  113.4 ? 
79 OD1 ? A ASP 107 ? A ASP 107 ? 1_555  K   ? C K   . ? A K   202 ? 1_555 O   ? I HOH .   ? A HOH 426 ? 1_555  97.4  ? 
80 O   ? I HOH .   ? A HOH 274 ? 1_555  K   ? C K   . ? A K   202 ? 1_555 O   ? I HOH .   ? A HOH 426 ? 1_555  80.0  ? 
81 O   ? I HOH .   ? A HOH 312 ? 1_555  K   ? C K   . ? A K   202 ? 1_555 O   ? I HOH .   ? A HOH 426 ? 1_555  88.9  ? 
82 O   ? A GLU 94  ? A GLU 94  ? 1_555  K   ? F K   . ? A K   205 ? 1_555 OD1 ? A ASN 97  ? A ASN 97  ? 1_555  85.4  ? 
83 O   ? A GLU 94  ? A GLU 94  ? 1_555  K   ? F K   . ? A K   205 ? 1_555 O   ? I HOH .   ? A HOH 214 ? 3_565  139.3 ? 
84 OD1 ? A ASN 97  ? A ASN 97  ? 1_555  K   ? F K   . ? A K   205 ? 1_555 O   ? I HOH .   ? A HOH 214 ? 3_565  80.3  ? 
85 O   ? A GLU 94  ? A GLU 94  ? 1_555  K   ? F K   . ? A K   205 ? 1_555 O   ? I HOH .   ? A HOH 439 ? 1_555  111.6 ? 
86 OD1 ? A ASN 97  ? A ASN 97  ? 1_555  K   ? F K   . ? A K   205 ? 1_555 O   ? I HOH .   ? A HOH 439 ? 1_555  149.8 ? 
87 O   ? I HOH .   ? A HOH 214 ? 3_565  K   ? F K   . ? A K   205 ? 1_555 O   ? I HOH .   ? A HOH 439 ? 1_555  99.2  ? 
88 O   ? A GLU 94  ? A GLU 94  ? 1_555  K   ? F K   . ? A K   205 ? 1_555 O   ? I HOH .   ? A HOH 440 ? 1_555  77.0  ? 
89 OD1 ? A ASN 97  ? A ASN 97  ? 1_555  K   ? F K   . ? A K   205 ? 1_555 O   ? I HOH .   ? A HOH 440 ? 1_555  134.2 ? 
90 O   ? I HOH .   ? A HOH 214 ? 3_565  K   ? F K   . ? A K   205 ? 1_555 O   ? I HOH .   ? A HOH 440 ? 1_555  86.2  ? 
91 O   ? I HOH .   ? A HOH 439 ? 1_555  K   ? F K   . ? A K   205 ? 1_555 O   ? I HOH .   ? A HOH 440 ? 1_555  75.4  ? 
# 
loop_
_struct_sheet.id 
_struct_sheet.type 
_struct_sheet.number_strands 
_struct_sheet.details 
A ? 5 ? 
B ? 2 ? 
# 
loop_
_struct_sheet_order.sheet_id 
_struct_sheet_order.range_id_1 
_struct_sheet_order.range_id_2 
_struct_sheet_order.offset 
_struct_sheet_order.sense 
A 1 2 ? anti-parallel 
A 2 3 ? parallel      
A 3 4 ? anti-parallel 
A 4 5 ? anti-parallel 
B 1 2 ? anti-parallel 
# 
loop_
_struct_sheet_range.sheet_id 
_struct_sheet_range.id 
_struct_sheet_range.beg_label_comp_id 
_struct_sheet_range.beg_label_asym_id 
_struct_sheet_range.beg_label_seq_id 
_struct_sheet_range.pdbx_beg_PDB_ins_code 
_struct_sheet_range.end_label_comp_id 
_struct_sheet_range.end_label_asym_id 
_struct_sheet_range.end_label_seq_id 
_struct_sheet_range.pdbx_end_PDB_ins_code 
_struct_sheet_range.beg_auth_comp_id 
_struct_sheet_range.beg_auth_asym_id 
_struct_sheet_range.beg_auth_seq_id 
_struct_sheet_range.end_auth_comp_id 
_struct_sheet_range.end_auth_asym_id 
_struct_sheet_range.end_auth_seq_id 
A 1 TYR A 37  ? GLU A 41  ? TYR A 37  GLU A 41  
A 2 THR A 2   ? ASN A 7   ? THR A 2   ASN A 7   
A 3 GLU A 110 ? TYR A 115 ? GLU A 110 TYR A 115 
A 4 ALA A 72  ? GLU A 77  ? ALA A 72  GLU A 77  
A 5 VAL A 98  ? LEU A 100 ? VAL A 98  LEU A 100 
B 1 ILE A 80  ? MET A 82  ? ILE A 80  MET A 82  
B 2 GLY A 104 ? PRO A 106 ? GLY A 104 PRO A 106 
# 
loop_
_pdbx_struct_sheet_hbond.sheet_id 
_pdbx_struct_sheet_hbond.range_id_1 
_pdbx_struct_sheet_hbond.range_id_2 
_pdbx_struct_sheet_hbond.range_1_label_atom_id 
_pdbx_struct_sheet_hbond.range_1_label_comp_id 
_pdbx_struct_sheet_hbond.range_1_label_asym_id 
_pdbx_struct_sheet_hbond.range_1_label_seq_id 
_pdbx_struct_sheet_hbond.range_1_PDB_ins_code 
_pdbx_struct_sheet_hbond.range_1_auth_atom_id 
_pdbx_struct_sheet_hbond.range_1_auth_comp_id 
_pdbx_struct_sheet_hbond.range_1_auth_asym_id 
_pdbx_struct_sheet_hbond.range_1_auth_seq_id 
_pdbx_struct_sheet_hbond.range_2_label_atom_id 
_pdbx_struct_sheet_hbond.range_2_label_comp_id 
_pdbx_struct_sheet_hbond.range_2_label_asym_id 
_pdbx_struct_sheet_hbond.range_2_label_seq_id 
_pdbx_struct_sheet_hbond.range_2_PDB_ins_code 
_pdbx_struct_sheet_hbond.range_2_auth_atom_id 
_pdbx_struct_sheet_hbond.range_2_auth_comp_id 
_pdbx_struct_sheet_hbond.range_2_auth_asym_id 
_pdbx_struct_sheet_hbond.range_2_auth_seq_id 
A 1 2 O GLY A 38  ? O GLY A 38  N TYR A 5   ? N TYR A 5   
A 2 3 O THR A 2   ? O THR A 2   N VAL A 111 ? N VAL A 111 
A 3 4 O LYS A 112 ? O LYS A 112 N GLU A 77  ? N GLU A 77  
A 4 5 O ALA A 73  ? O ALA A 73  N ARG A 99  ? N ARG A 99  
B 1 2 O ASP A 81  ? O ASP A 81  N SER A 105 ? N SER A 105 
# 
loop_
_struct_site.id 
_struct_site.pdbx_evidence_code 
_struct_site.pdbx_auth_asym_id 
_struct_site.pdbx_auth_comp_id 
_struct_site.pdbx_auth_seq_id 
_struct_site.pdbx_auth_ins_code 
_struct_site.pdbx_num_residues 
_struct_site.details 
22  Unknown  ? ?   ?   ? 4 'FE2S2 IRON-SULFUR REDOX CENTER.'    
AC1 Software A K   201 ? 3 'BINDING SITE FOR RESIDUE K A 201'   
AC2 Software A K   202 ? 5 'BINDING SITE FOR RESIDUE K A 202'   
AC3 Software A K   203 ? 3 'BINDING SITE FOR RESIDUE K A 203'   
AC4 Software A K   204 ? 6 'BINDING SITE FOR RESIDUE K A 204'   
AC5 Software A K   205 ? 5 'BINDING SITE FOR RESIDUE K A 205'   
AC6 Software A K   206 ? 3 'BINDING SITE FOR RESIDUE K A 206'   
AC7 Software A FES 129 ? 8 'BINDING SITE FOR RESIDUE FES A 129' 
# 
loop_
_struct_site_gen.id 
_struct_site_gen.site_id 
_struct_site_gen.pdbx_num_res 
_struct_site_gen.label_comp_id 
_struct_site_gen.label_asym_id 
_struct_site_gen.label_seq_id 
_struct_site_gen.pdbx_auth_ins_code 
_struct_site_gen.auth_comp_id 
_struct_site_gen.auth_asym_id 
_struct_site_gen.auth_seq_id 
_struct_site_gen.label_atom_id 
_struct_site_gen.label_alt_id 
_struct_site_gen.symmetry 
_struct_site_gen.details 
1  22  4 CYS A 63  ? CYS A 63  . ? 1_555  ? 
2  22  4 CYS A 68  ? CYS A 68  . ? 1_555  ? 
3  22  4 CYS A 71  ? CYS A 71  . ? 1_555  ? 
4  22  4 CYS A 102 ? CYS A 102 . ? 1_555  ? 
5  AC1 3 ASP A 12  ? ASP A 12  . ? 1_555  ? 
6  AC1 3 ASP A 31  ? ASP A 31  . ? 9_555  ? 
7  AC1 3 HOH I .   ? HOH A 418 . ? 1_555  ? 
8  AC2 5 ASP A 81  ? ASP A 81  . ? 1_555  ? 
9  AC2 5 GLN A 85  ? GLN A 85  . ? 11_555 ? 
10 AC2 5 ASP A 107 ? ASP A 107 . ? 1_555  ? 
11 AC2 5 HOH I .   ? HOH A 274 . ? 1_555  ? 
12 AC2 5 HOH I .   ? HOH A 426 . ? 1_555  ? 
13 AC3 3 SER A 28  ? SER A 28  . ? 1_555  ? 
14 AC3 3 MET A 30  ? MET A 30  . ? 1_555  ? 
15 AC3 3 HOH I .   ? HOH A 374 . ? 1_555  ? 
16 AC4 6 CYS A 71  ? CYS A 71  . ? 1_555  ? 
17 AC4 6 ALA A 72  ? ALA A 72  . ? 1_555  ? 
18 AC4 6 THR A 101 ? THR A 101 . ? 1_555  ? 
19 AC4 6 TYR A 115 ? TYR A 115 . ? 1_555  ? 
20 AC4 6 ASN A 116 ? ASN A 116 . ? 1_555  ? 
21 AC4 6 HOH I .   ? HOH A 211 . ? 1_555  ? 
22 AC5 5 GLU A 94  ? GLU A 94  . ? 1_555  ? 
23 AC5 5 ASN A 97  ? ASN A 97  . ? 1_555  ? 
24 AC5 5 HOH I .   ? HOH A 214 . ? 3_565  ? 
25 AC5 5 HOH I .   ? HOH A 439 . ? 1_555  ? 
26 AC5 5 HOH I .   ? HOH A 440 . ? 1_555  ? 
27 AC6 3 THR A 2   ? THR A 2   . ? 1_555  ? 
28 AC6 3 ASP A 109 ? ASP A 109 . ? 1_555  ? 
29 AC6 3 GLU A 110 ? GLU A 110 . ? 1_555  ? 
30 AC7 8 SER A 62  ? SER A 62  . ? 1_555  ? 
31 AC7 8 CYS A 63  ? CYS A 63  . ? 1_555  ? 
32 AC7 8 ARG A 64  ? ARG A 64  . ? 1_555  ? 
33 AC7 8 GLY A 66  ? GLY A 66  . ? 1_555  ? 
34 AC7 8 ALA A 67  ? ALA A 67  . ? 1_555  ? 
35 AC7 8 CYS A 68  ? CYS A 68  . ? 1_555  ? 
36 AC7 8 CYS A 71  ? CYS A 71  . ? 1_555  ? 
37 AC7 8 CYS A 102 ? CYS A 102 . ? 1_555  ? 
# 
loop_
_pdbx_validate_rmsd_angle.id 
_pdbx_validate_rmsd_angle.PDB_model_num 
_pdbx_validate_rmsd_angle.auth_atom_id_1 
_pdbx_validate_rmsd_angle.auth_asym_id_1 
_pdbx_validate_rmsd_angle.auth_comp_id_1 
_pdbx_validate_rmsd_angle.auth_seq_id_1 
_pdbx_validate_rmsd_angle.PDB_ins_code_1 
_pdbx_validate_rmsd_angle.label_alt_id_1 
_pdbx_validate_rmsd_angle.auth_atom_id_2 
_pdbx_validate_rmsd_angle.auth_asym_id_2 
_pdbx_validate_rmsd_angle.auth_comp_id_2 
_pdbx_validate_rmsd_angle.auth_seq_id_2 
_pdbx_validate_rmsd_angle.PDB_ins_code_2 
_pdbx_validate_rmsd_angle.label_alt_id_2 
_pdbx_validate_rmsd_angle.auth_atom_id_3 
_pdbx_validate_rmsd_angle.auth_asym_id_3 
_pdbx_validate_rmsd_angle.auth_comp_id_3 
_pdbx_validate_rmsd_angle.auth_seq_id_3 
_pdbx_validate_rmsd_angle.PDB_ins_code_3 
_pdbx_validate_rmsd_angle.label_alt_id_3 
_pdbx_validate_rmsd_angle.angle_value 
_pdbx_validate_rmsd_angle.angle_target_value 
_pdbx_validate_rmsd_angle.angle_deviation 
_pdbx_validate_rmsd_angle.angle_standard_deviation 
_pdbx_validate_rmsd_angle.linker_flag 
1  1 CD1 A TRP 16  ? ? CG  A TRP 16  ? ? CD2 A TRP 16  ? ? 111.53 106.30 5.23   0.80 N 
2  1 CE2 A TRP 16  ? ? CD2 A TRP 16  ? ? CG  A TRP 16  ? ? 101.18 107.30 -6.12  0.80 N 
3  1 N   A VAL 23  ? ? CA  A VAL 23  ? ? CB  A VAL 23  ? ? 98.10  111.50 -13.40 2.20 N 
4  1 CB  A TYR 37  ? ? CG  A TYR 37  ? ? CD2 A TYR 37  ? ? 116.18 121.00 -4.82  0.60 N 
5  1 CD1 A TRP 59  ? ? CG  A TRP 59  ? ? CD2 A TRP 59  ? ? 112.54 106.30 6.24   0.80 N 
6  1 CG  A ARG 64  ? ? CD  A ARG 64  ? ? NE  A ARG 64  ? ? 94.58  111.80 -17.22 2.10 N 
7  1 NE  A ARG 64  ? ? CZ  A ARG 64  ? ? NH1 A ARG 64  ? ? 129.49 120.30 9.19   0.50 N 
8  1 NE  A ARG 64  ? ? CZ  A ARG 64  ? ? NH2 A ARG 64  ? ? 108.47 120.30 -11.83 0.50 N 
9  1 CA  A CYS 68  ? ? CB  A CYS 68  ? ? SG  A CYS 68  ? ? 122.21 114.20 8.01   1.10 N 
10 1 CB  A ASP 79  ? ? CG  A ASP 79  ? ? OD1 A ASP 79  ? ? 124.35 118.30 6.05   0.90 N 
11 1 CB  A ASP 79  ? ? CG  A ASP 79  ? ? OD2 A ASP 79  ? ? 111.86 118.30 -6.44  0.90 N 
12 1 NE  A ARG 99  ? ? CZ  A ARG 99  ? ? NH1 A ARG 99  ? ? 124.95 120.30 4.65   0.50 N 
13 1 CG1 A VAL 114 ? ? CB  A VAL 114 ? ? CG2 A VAL 114 ? ? 98.88  110.90 -12.02 1.60 N 
14 1 CB  A TYR 115 ? ? CG  A TYR 115 ? ? CD1 A TYR 115 ? ? 116.92 121.00 -4.08  0.60 N 
# 
loop_
_pdbx_validate_torsion.id 
_pdbx_validate_torsion.PDB_model_num 
_pdbx_validate_torsion.auth_comp_id 
_pdbx_validate_torsion.auth_asym_id 
_pdbx_validate_torsion.auth_seq_id 
_pdbx_validate_torsion.PDB_ins_code 
_pdbx_validate_torsion.label_alt_id 
_pdbx_validate_torsion.phi 
_pdbx_validate_torsion.psi 
1 1 MET A 30 ? ? -77.83  -167.16 
2 1 SER A 62 ? ? -134.17 -68.71  
# 
loop_
_pdbx_validate_planes.id 
_pdbx_validate_planes.PDB_model_num 
_pdbx_validate_planes.auth_comp_id 
_pdbx_validate_planes.auth_asym_id 
_pdbx_validate_planes.auth_seq_id 
_pdbx_validate_planes.PDB_ins_code 
_pdbx_validate_planes.label_alt_id 
_pdbx_validate_planes.rmsd 
_pdbx_validate_planes.type 
1 1 TYR A 5  ? ? 0.063 'SIDE CHAIN' 
2 1 TYR A 37 ? ? 0.070 'SIDE CHAIN' 
# 
_pdbx_entry_details.entry_id                 1DOI 
_pdbx_entry_details.compound_details         ? 
_pdbx_entry_details.source_details           ? 
_pdbx_entry_details.nonpolymer_details       
;THE CRITERION TO ASSIGN A SOLVENT PEAK AS A POTASSIUM
ION WAS THE ISOTROPIC TEMPERATURE FACTOR UPON REFINEMENT
IN X-PLOR.  IF B REFINED TO 2.0, THE MINIMUM POSSIBLE IN
X-PLOR, THEN THE SOLVENT PEAK WAS ASSIGNED AS POTASSIUM
ION (PRESENT IN THE MOTHER LIQUOR) INSTEAD OF A WATER
MOLECULE.  FOR SIX SOLVENT PEAKS THE REFINEMENT
PROCEEDED SMOOTHLY WHEN ASSIGNED TO BE POTASSIUM IONS.
;
_pdbx_entry_details.sequence_details         ? 
_pdbx_entry_details.has_ligand_of_interest   ? 
# 
loop_
_chem_comp_atom.comp_id 
_chem_comp_atom.atom_id 
_chem_comp_atom.type_symbol 
_chem_comp_atom.pdbx_aromatic_flag 
_chem_comp_atom.pdbx_stereo_config 
_chem_comp_atom.pdbx_ordinal 
ALA N    N  N N 1   
ALA CA   C  N S 2   
ALA C    C  N N 3   
ALA O    O  N N 4   
ALA CB   C  N N 5   
ALA OXT  O  N N 6   
ALA H    H  N N 7   
ALA H2   H  N N 8   
ALA HA   H  N N 9   
ALA HB1  H  N N 10  
ALA HB2  H  N N 11  
ALA HB3  H  N N 12  
ALA HXT  H  N N 13  
ARG N    N  N N 14  
ARG CA   C  N S 15  
ARG C    C  N N 16  
ARG O    O  N N 17  
ARG CB   C  N N 18  
ARG CG   C  N N 19  
ARG CD   C  N N 20  
ARG NE   N  N N 21  
ARG CZ   C  N N 22  
ARG NH1  N  N N 23  
ARG NH2  N  N N 24  
ARG OXT  O  N N 25  
ARG H    H  N N 26  
ARG H2   H  N N 27  
ARG HA   H  N N 28  
ARG HB2  H  N N 29  
ARG HB3  H  N N 30  
ARG HG2  H  N N 31  
ARG HG3  H  N N 32  
ARG HD2  H  N N 33  
ARG HD3  H  N N 34  
ARG HE   H  N N 35  
ARG HH11 H  N N 36  
ARG HH12 H  N N 37  
ARG HH21 H  N N 38  
ARG HH22 H  N N 39  
ARG HXT  H  N N 40  
ASN N    N  N N 41  
ASN CA   C  N S 42  
ASN C    C  N N 43  
ASN O    O  N N 44  
ASN CB   C  N N 45  
ASN CG   C  N N 46  
ASN OD1  O  N N 47  
ASN ND2  N  N N 48  
ASN OXT  O  N N 49  
ASN H    H  N N 50  
ASN H2   H  N N 51  
ASN HA   H  N N 52  
ASN HB2  H  N N 53  
ASN HB3  H  N N 54  
ASN HD21 H  N N 55  
ASN HD22 H  N N 56  
ASN HXT  H  N N 57  
ASP N    N  N N 58  
ASP CA   C  N S 59  
ASP C    C  N N 60  
ASP O    O  N N 61  
ASP CB   C  N N 62  
ASP CG   C  N N 63  
ASP OD1  O  N N 64  
ASP OD2  O  N N 65  
ASP OXT  O  N N 66  
ASP H    H  N N 67  
ASP H2   H  N N 68  
ASP HA   H  N N 69  
ASP HB2  H  N N 70  
ASP HB3  H  N N 71  
ASP HD2  H  N N 72  
ASP HXT  H  N N 73  
CYS N    N  N N 74  
CYS CA   C  N R 75  
CYS C    C  N N 76  
CYS O    O  N N 77  
CYS CB   C  N N 78  
CYS SG   S  N N 79  
CYS OXT  O  N N 80  
CYS H    H  N N 81  
CYS H2   H  N N 82  
CYS HA   H  N N 83  
CYS HB2  H  N N 84  
CYS HB3  H  N N 85  
CYS HG   H  N N 86  
CYS HXT  H  N N 87  
FES FE1  FE N N 88  
FES FE2  FE N N 89  
FES S1   S  N N 90  
FES S2   S  N N 91  
GLN N    N  N N 92  
GLN CA   C  N S 93  
GLN C    C  N N 94  
GLN O    O  N N 95  
GLN CB   C  N N 96  
GLN CG   C  N N 97  
GLN CD   C  N N 98  
GLN OE1  O  N N 99  
GLN NE2  N  N N 100 
GLN OXT  O  N N 101 
GLN H    H  N N 102 
GLN H2   H  N N 103 
GLN HA   H  N N 104 
GLN HB2  H  N N 105 
GLN HB3  H  N N 106 
GLN HG2  H  N N 107 
GLN HG3  H  N N 108 
GLN HE21 H  N N 109 
GLN HE22 H  N N 110 
GLN HXT  H  N N 111 
GLU N    N  N N 112 
GLU CA   C  N S 113 
GLU C    C  N N 114 
GLU O    O  N N 115 
GLU CB   C  N N 116 
GLU CG   C  N N 117 
GLU CD   C  N N 118 
GLU OE1  O  N N 119 
GLU OE2  O  N N 120 
GLU OXT  O  N N 121 
GLU H    H  N N 122 
GLU H2   H  N N 123 
GLU HA   H  N N 124 
GLU HB2  H  N N 125 
GLU HB3  H  N N 126 
GLU HG2  H  N N 127 
GLU HG3  H  N N 128 
GLU HE2  H  N N 129 
GLU HXT  H  N N 130 
GLY N    N  N N 131 
GLY CA   C  N N 132 
GLY C    C  N N 133 
GLY O    O  N N 134 
GLY OXT  O  N N 135 
GLY H    H  N N 136 
GLY H2   H  N N 137 
GLY HA2  H  N N 138 
GLY HA3  H  N N 139 
GLY HXT  H  N N 140 
HIS N    N  N N 141 
HIS CA   C  N S 142 
HIS C    C  N N 143 
HIS O    O  N N 144 
HIS CB   C  N N 145 
HIS CG   C  Y N 146 
HIS ND1  N  Y N 147 
HIS CD2  C  Y N 148 
HIS CE1  C  Y N 149 
HIS NE2  N  Y N 150 
HIS OXT  O  N N 151 
HIS H    H  N N 152 
HIS H2   H  N N 153 
HIS HA   H  N N 154 
HIS HB2  H  N N 155 
HIS HB3  H  N N 156 
HIS HD1  H  N N 157 
HIS HD2  H  N N 158 
HIS HE1  H  N N 159 
HIS HE2  H  N N 160 
HIS HXT  H  N N 161 
HOH O    O  N N 162 
HOH H1   H  N N 163 
HOH H2   H  N N 164 
ILE N    N  N N 165 
ILE CA   C  N S 166 
ILE C    C  N N 167 
ILE O    O  N N 168 
ILE CB   C  N S 169 
ILE CG1  C  N N 170 
ILE CG2  C  N N 171 
ILE CD1  C  N N 172 
ILE OXT  O  N N 173 
ILE H    H  N N 174 
ILE H2   H  N N 175 
ILE HA   H  N N 176 
ILE HB   H  N N 177 
ILE HG12 H  N N 178 
ILE HG13 H  N N 179 
ILE HG21 H  N N 180 
ILE HG22 H  N N 181 
ILE HG23 H  N N 182 
ILE HD11 H  N N 183 
ILE HD12 H  N N 184 
ILE HD13 H  N N 185 
ILE HXT  H  N N 186 
K   K    K  N N 187 
LEU N    N  N N 188 
LEU CA   C  N S 189 
LEU C    C  N N 190 
LEU O    O  N N 191 
LEU CB   C  N N 192 
LEU CG   C  N N 193 
LEU CD1  C  N N 194 
LEU CD2  C  N N 195 
LEU OXT  O  N N 196 
LEU H    H  N N 197 
LEU H2   H  N N 198 
LEU HA   H  N N 199 
LEU HB2  H  N N 200 
LEU HB3  H  N N 201 
LEU HG   H  N N 202 
LEU HD11 H  N N 203 
LEU HD12 H  N N 204 
LEU HD13 H  N N 205 
LEU HD21 H  N N 206 
LEU HD22 H  N N 207 
LEU HD23 H  N N 208 
LEU HXT  H  N N 209 
LYS N    N  N N 210 
LYS CA   C  N S 211 
LYS C    C  N N 212 
LYS O    O  N N 213 
LYS CB   C  N N 214 
LYS CG   C  N N 215 
LYS CD   C  N N 216 
LYS CE   C  N N 217 
LYS NZ   N  N N 218 
LYS OXT  O  N N 219 
LYS H    H  N N 220 
LYS H2   H  N N 221 
LYS HA   H  N N 222 
LYS HB2  H  N N 223 
LYS HB3  H  N N 224 
LYS HG2  H  N N 225 
LYS HG3  H  N N 226 
LYS HD2  H  N N 227 
LYS HD3  H  N N 228 
LYS HE2  H  N N 229 
LYS HE3  H  N N 230 
LYS HZ1  H  N N 231 
LYS HZ2  H  N N 232 
LYS HZ3  H  N N 233 
LYS HXT  H  N N 234 
MET N    N  N N 235 
MET CA   C  N S 236 
MET C    C  N N 237 
MET O    O  N N 238 
MET CB   C  N N 239 
MET CG   C  N N 240 
MET SD   S  N N 241 
MET CE   C  N N 242 
MET OXT  O  N N 243 
MET H    H  N N 244 
MET H2   H  N N 245 
MET HA   H  N N 246 
MET HB2  H  N N 247 
MET HB3  H  N N 248 
MET HG2  H  N N 249 
MET HG3  H  N N 250 
MET HE1  H  N N 251 
MET HE2  H  N N 252 
MET HE3  H  N N 253 
MET HXT  H  N N 254 
PHE N    N  N N 255 
PHE CA   C  N S 256 
PHE C    C  N N 257 
PHE O    O  N N 258 
PHE CB   C  N N 259 
PHE CG   C  Y N 260 
PHE CD1  C  Y N 261 
PHE CD2  C  Y N 262 
PHE CE1  C  Y N 263 
PHE CE2  C  Y N 264 
PHE CZ   C  Y N 265 
PHE OXT  O  N N 266 
PHE H    H  N N 267 
PHE H2   H  N N 268 
PHE HA   H  N N 269 
PHE HB2  H  N N 270 
PHE HB3  H  N N 271 
PHE HD1  H  N N 272 
PHE HD2  H  N N 273 
PHE HE1  H  N N 274 
PHE HE2  H  N N 275 
PHE HZ   H  N N 276 
PHE HXT  H  N N 277 
PRO N    N  N N 278 
PRO CA   C  N S 279 
PRO C    C  N N 280 
PRO O    O  N N 281 
PRO CB   C  N N 282 
PRO CG   C  N N 283 
PRO CD   C  N N 284 
PRO OXT  O  N N 285 
PRO H    H  N N 286 
PRO HA   H  N N 287 
PRO HB2  H  N N 288 
PRO HB3  H  N N 289 
PRO HG2  H  N N 290 
PRO HG3  H  N N 291 
PRO HD2  H  N N 292 
PRO HD3  H  N N 293 
PRO HXT  H  N N 294 
SER N    N  N N 295 
SER CA   C  N S 296 
SER C    C  N N 297 
SER O    O  N N 298 
SER CB   C  N N 299 
SER OG   O  N N 300 
SER OXT  O  N N 301 
SER H    H  N N 302 
SER H2   H  N N 303 
SER HA   H  N N 304 
SER HB2  H  N N 305 
SER HB3  H  N N 306 
SER HG   H  N N 307 
SER HXT  H  N N 308 
THR N    N  N N 309 
THR CA   C  N S 310 
THR C    C  N N 311 
THR O    O  N N 312 
THR CB   C  N R 313 
THR OG1  O  N N 314 
THR CG2  C  N N 315 
THR OXT  O  N N 316 
THR H    H  N N 317 
THR H2   H  N N 318 
THR HA   H  N N 319 
THR HB   H  N N 320 
THR HG1  H  N N 321 
THR HG21 H  N N 322 
THR HG22 H  N N 323 
THR HG23 H  N N 324 
THR HXT  H  N N 325 
TRP N    N  N N 326 
TRP CA   C  N S 327 
TRP C    C  N N 328 
TRP O    O  N N 329 
TRP CB   C  N N 330 
TRP CG   C  Y N 331 
TRP CD1  C  Y N 332 
TRP CD2  C  Y N 333 
TRP NE1  N  Y N 334 
TRP CE2  C  Y N 335 
TRP CE3  C  Y N 336 
TRP CZ2  C  Y N 337 
TRP CZ3  C  Y N 338 
TRP CH2  C  Y N 339 
TRP OXT  O  N N 340 
TRP H    H  N N 341 
TRP H2   H  N N 342 
TRP HA   H  N N 343 
TRP HB2  H  N N 344 
TRP HB3  H  N N 345 
TRP HD1  H  N N 346 
TRP HE1  H  N N 347 
TRP HE3  H  N N 348 
TRP HZ2  H  N N 349 
TRP HZ3  H  N N 350 
TRP HH2  H  N N 351 
TRP HXT  H  N N 352 
TYR N    N  N N 353 
TYR CA   C  N S 354 
TYR C    C  N N 355 
TYR O    O  N N 356 
TYR CB   C  N N 357 
TYR CG   C  Y N 358 
TYR CD1  C  Y N 359 
TYR CD2  C  Y N 360 
TYR CE1  C  Y N 361 
TYR CE2  C  Y N 362 
TYR CZ   C  Y N 363 
TYR OH   O  N N 364 
TYR OXT  O  N N 365 
TYR H    H  N N 366 
TYR H2   H  N N 367 
TYR HA   H  N N 368 
TYR HB2  H  N N 369 
TYR HB3  H  N N 370 
TYR HD1  H  N N 371 
TYR HD2  H  N N 372 
TYR HE1  H  N N 373 
TYR HE2  H  N N 374 
TYR HH   H  N N 375 
TYR HXT  H  N N 376 
VAL N    N  N N 377 
VAL CA   C  N S 378 
VAL C    C  N N 379 
VAL O    O  N N 380 
VAL CB   C  N N 381 
VAL CG1  C  N N 382 
VAL CG2  C  N N 383 
VAL OXT  O  N N 384 
VAL H    H  N N 385 
VAL H2   H  N N 386 
VAL HA   H  N N 387 
VAL HB   H  N N 388 
VAL HG11 H  N N 389 
VAL HG12 H  N N 390 
VAL HG13 H  N N 391 
VAL HG21 H  N N 392 
VAL HG22 H  N N 393 
VAL HG23 H  N N 394 
VAL HXT  H  N N 395 
# 
loop_
_chem_comp_bond.comp_id 
_chem_comp_bond.atom_id_1 
_chem_comp_bond.atom_id_2 
_chem_comp_bond.value_order 
_chem_comp_bond.pdbx_aromatic_flag 
_chem_comp_bond.pdbx_stereo_config 
_chem_comp_bond.pdbx_ordinal 
ALA N   CA   sing N N 1   
ALA N   H    sing N N 2   
ALA N   H2   sing N N 3   
ALA CA  C    sing N N 4   
ALA CA  CB   sing N N 5   
ALA CA  HA   sing N N 6   
ALA C   O    doub N N 7   
ALA C   OXT  sing N N 8   
ALA CB  HB1  sing N N 9   
ALA CB  HB2  sing N N 10  
ALA CB  HB3  sing N N 11  
ALA OXT HXT  sing N N 12  
ARG N   CA   sing N N 13  
ARG N   H    sing N N 14  
ARG N   H2   sing N N 15  
ARG CA  C    sing N N 16  
ARG CA  CB   sing N N 17  
ARG CA  HA   sing N N 18  
ARG C   O    doub N N 19  
ARG C   OXT  sing N N 20  
ARG CB  CG   sing N N 21  
ARG CB  HB2  sing N N 22  
ARG CB  HB3  sing N N 23  
ARG CG  CD   sing N N 24  
ARG CG  HG2  sing N N 25  
ARG CG  HG3  sing N N 26  
ARG CD  NE   sing N N 27  
ARG CD  HD2  sing N N 28  
ARG CD  HD3  sing N N 29  
ARG NE  CZ   sing N N 30  
ARG NE  HE   sing N N 31  
ARG CZ  NH1  sing N N 32  
ARG CZ  NH2  doub N N 33  
ARG NH1 HH11 sing N N 34  
ARG NH1 HH12 sing N N 35  
ARG NH2 HH21 sing N N 36  
ARG NH2 HH22 sing N N 37  
ARG OXT HXT  sing N N 38  
ASN N   CA   sing N N 39  
ASN N   H    sing N N 40  
ASN N   H2   sing N N 41  
ASN CA  C    sing N N 42  
ASN CA  CB   sing N N 43  
ASN CA  HA   sing N N 44  
ASN C   O    doub N N 45  
ASN C   OXT  sing N N 46  
ASN CB  CG   sing N N 47  
ASN CB  HB2  sing N N 48  
ASN CB  HB3  sing N N 49  
ASN CG  OD1  doub N N 50  
ASN CG  ND2  sing N N 51  
ASN ND2 HD21 sing N N 52  
ASN ND2 HD22 sing N N 53  
ASN OXT HXT  sing N N 54  
ASP N   CA   sing N N 55  
ASP N   H    sing N N 56  
ASP N   H2   sing N N 57  
ASP CA  C    sing N N 58  
ASP CA  CB   sing N N 59  
ASP CA  HA   sing N N 60  
ASP C   O    doub N N 61  
ASP C   OXT  sing N N 62  
ASP CB  CG   sing N N 63  
ASP CB  HB2  sing N N 64  
ASP CB  HB3  sing N N 65  
ASP CG  OD1  doub N N 66  
ASP CG  OD2  sing N N 67  
ASP OD2 HD2  sing N N 68  
ASP OXT HXT  sing N N 69  
CYS N   CA   sing N N 70  
CYS N   H    sing N N 71  
CYS N   H2   sing N N 72  
CYS CA  C    sing N N 73  
CYS CA  CB   sing N N 74  
CYS CA  HA   sing N N 75  
CYS C   O    doub N N 76  
CYS C   OXT  sing N N 77  
CYS CB  SG   sing N N 78  
CYS CB  HB2  sing N N 79  
CYS CB  HB3  sing N N 80  
CYS SG  HG   sing N N 81  
CYS OXT HXT  sing N N 82  
FES FE1 S1   sing N N 83  
FES FE1 S2   sing N N 84  
FES FE2 S1   sing N N 85  
FES FE2 S2   sing N N 86  
GLN N   CA   sing N N 87  
GLN N   H    sing N N 88  
GLN N   H2   sing N N 89  
GLN CA  C    sing N N 90  
GLN CA  CB   sing N N 91  
GLN CA  HA   sing N N 92  
GLN C   O    doub N N 93  
GLN C   OXT  sing N N 94  
GLN CB  CG   sing N N 95  
GLN CB  HB2  sing N N 96  
GLN CB  HB3  sing N N 97  
GLN CG  CD   sing N N 98  
GLN CG  HG2  sing N N 99  
GLN CG  HG3  sing N N 100 
GLN CD  OE1  doub N N 101 
GLN CD  NE2  sing N N 102 
GLN NE2 HE21 sing N N 103 
GLN NE2 HE22 sing N N 104 
GLN OXT HXT  sing N N 105 
GLU N   CA   sing N N 106 
GLU N   H    sing N N 107 
GLU N   H2   sing N N 108 
GLU CA  C    sing N N 109 
GLU CA  CB   sing N N 110 
GLU CA  HA   sing N N 111 
GLU C   O    doub N N 112 
GLU C   OXT  sing N N 113 
GLU CB  CG   sing N N 114 
GLU CB  HB2  sing N N 115 
GLU CB  HB3  sing N N 116 
GLU CG  CD   sing N N 117 
GLU CG  HG2  sing N N 118 
GLU CG  HG3  sing N N 119 
GLU CD  OE1  doub N N 120 
GLU CD  OE2  sing N N 121 
GLU OE2 HE2  sing N N 122 
GLU OXT HXT  sing N N 123 
GLY N   CA   sing N N 124 
GLY N   H    sing N N 125 
GLY N   H2   sing N N 126 
GLY CA  C    sing N N 127 
GLY CA  HA2  sing N N 128 
GLY CA  HA3  sing N N 129 
GLY C   O    doub N N 130 
GLY C   OXT  sing N N 131 
GLY OXT HXT  sing N N 132 
HIS N   CA   sing N N 133 
HIS N   H    sing N N 134 
HIS N   H2   sing N N 135 
HIS CA  C    sing N N 136 
HIS CA  CB   sing N N 137 
HIS CA  HA   sing N N 138 
HIS C   O    doub N N 139 
HIS C   OXT  sing N N 140 
HIS CB  CG   sing N N 141 
HIS CB  HB2  sing N N 142 
HIS CB  HB3  sing N N 143 
HIS CG  ND1  sing Y N 144 
HIS CG  CD2  doub Y N 145 
HIS ND1 CE1  doub Y N 146 
HIS ND1 HD1  sing N N 147 
HIS CD2 NE2  sing Y N 148 
HIS CD2 HD2  sing N N 149 
HIS CE1 NE2  sing Y N 150 
HIS CE1 HE1  sing N N 151 
HIS NE2 HE2  sing N N 152 
HIS OXT HXT  sing N N 153 
HOH O   H1   sing N N 154 
HOH O   H2   sing N N 155 
ILE N   CA   sing N N 156 
ILE N   H    sing N N 157 
ILE N   H2   sing N N 158 
ILE CA  C    sing N N 159 
ILE CA  CB   sing N N 160 
ILE CA  HA   sing N N 161 
ILE C   O    doub N N 162 
ILE C   OXT  sing N N 163 
ILE CB  CG1  sing N N 164 
ILE CB  CG2  sing N N 165 
ILE CB  HB   sing N N 166 
ILE CG1 CD1  sing N N 167 
ILE CG1 HG12 sing N N 168 
ILE CG1 HG13 sing N N 169 
ILE CG2 HG21 sing N N 170 
ILE CG2 HG22 sing N N 171 
ILE CG2 HG23 sing N N 172 
ILE CD1 HD11 sing N N 173 
ILE CD1 HD12 sing N N 174 
ILE CD1 HD13 sing N N 175 
ILE OXT HXT  sing N N 176 
LEU N   CA   sing N N 177 
LEU N   H    sing N N 178 
LEU N   H2   sing N N 179 
LEU CA  C    sing N N 180 
LEU CA  CB   sing N N 181 
LEU CA  HA   sing N N 182 
LEU C   O    doub N N 183 
LEU C   OXT  sing N N 184 
LEU CB  CG   sing N N 185 
LEU CB  HB2  sing N N 186 
LEU CB  HB3  sing N N 187 
LEU CG  CD1  sing N N 188 
LEU CG  CD2  sing N N 189 
LEU CG  HG   sing N N 190 
LEU CD1 HD11 sing N N 191 
LEU CD1 HD12 sing N N 192 
LEU CD1 HD13 sing N N 193 
LEU CD2 HD21 sing N N 194 
LEU CD2 HD22 sing N N 195 
LEU CD2 HD23 sing N N 196 
LEU OXT HXT  sing N N 197 
LYS N   CA   sing N N 198 
LYS N   H    sing N N 199 
LYS N   H2   sing N N 200 
LYS CA  C    sing N N 201 
LYS CA  CB   sing N N 202 
LYS CA  HA   sing N N 203 
LYS C   O    doub N N 204 
LYS C   OXT  sing N N 205 
LYS CB  CG   sing N N 206 
LYS CB  HB2  sing N N 207 
LYS CB  HB3  sing N N 208 
LYS CG  CD   sing N N 209 
LYS CG  HG2  sing N N 210 
LYS CG  HG3  sing N N 211 
LYS CD  CE   sing N N 212 
LYS CD  HD2  sing N N 213 
LYS CD  HD3  sing N N 214 
LYS CE  NZ   sing N N 215 
LYS CE  HE2  sing N N 216 
LYS CE  HE3  sing N N 217 
LYS NZ  HZ1  sing N N 218 
LYS NZ  HZ2  sing N N 219 
LYS NZ  HZ3  sing N N 220 
LYS OXT HXT  sing N N 221 
MET N   CA   sing N N 222 
MET N   H    sing N N 223 
MET N   H2   sing N N 224 
MET CA  C    sing N N 225 
MET CA  CB   sing N N 226 
MET CA  HA   sing N N 227 
MET C   O    doub N N 228 
MET C   OXT  sing N N 229 
MET CB  CG   sing N N 230 
MET CB  HB2  sing N N 231 
MET CB  HB3  sing N N 232 
MET CG  SD   sing N N 233 
MET CG  HG2  sing N N 234 
MET CG  HG3  sing N N 235 
MET SD  CE   sing N N 236 
MET CE  HE1  sing N N 237 
MET CE  HE2  sing N N 238 
MET CE  HE3  sing N N 239 
MET OXT HXT  sing N N 240 
PHE N   CA   sing N N 241 
PHE N   H    sing N N 242 
PHE N   H2   sing N N 243 
PHE CA  C    sing N N 244 
PHE CA  CB   sing N N 245 
PHE CA  HA   sing N N 246 
PHE C   O    doub N N 247 
PHE C   OXT  sing N N 248 
PHE CB  CG   sing N N 249 
PHE CB  HB2  sing N N 250 
PHE CB  HB3  sing N N 251 
PHE CG  CD1  doub Y N 252 
PHE CG  CD2  sing Y N 253 
PHE CD1 CE1  sing Y N 254 
PHE CD1 HD1  sing N N 255 
PHE CD2 CE2  doub Y N 256 
PHE CD2 HD2  sing N N 257 
PHE CE1 CZ   doub Y N 258 
PHE CE1 HE1  sing N N 259 
PHE CE2 CZ   sing Y N 260 
PHE CE2 HE2  sing N N 261 
PHE CZ  HZ   sing N N 262 
PHE OXT HXT  sing N N 263 
PRO N   CA   sing N N 264 
PRO N   CD   sing N N 265 
PRO N   H    sing N N 266 
PRO CA  C    sing N N 267 
PRO CA  CB   sing N N 268 
PRO CA  HA   sing N N 269 
PRO C   O    doub N N 270 
PRO C   OXT  sing N N 271 
PRO CB  CG   sing N N 272 
PRO CB  HB2  sing N N 273 
PRO CB  HB3  sing N N 274 
PRO CG  CD   sing N N 275 
PRO CG  HG2  sing N N 276 
PRO CG  HG3  sing N N 277 
PRO CD  HD2  sing N N 278 
PRO CD  HD3  sing N N 279 
PRO OXT HXT  sing N N 280 
SER N   CA   sing N N 281 
SER N   H    sing N N 282 
SER N   H2   sing N N 283 
SER CA  C    sing N N 284 
SER CA  CB   sing N N 285 
SER CA  HA   sing N N 286 
SER C   O    doub N N 287 
SER C   OXT  sing N N 288 
SER CB  OG   sing N N 289 
SER CB  HB2  sing N N 290 
SER CB  HB3  sing N N 291 
SER OG  HG   sing N N 292 
SER OXT HXT  sing N N 293 
THR N   CA   sing N N 294 
THR N   H    sing N N 295 
THR N   H2   sing N N 296 
THR CA  C    sing N N 297 
THR CA  CB   sing N N 298 
THR CA  HA   sing N N 299 
THR C   O    doub N N 300 
THR C   OXT  sing N N 301 
THR CB  OG1  sing N N 302 
THR CB  CG2  sing N N 303 
THR CB  HB   sing N N 304 
THR OG1 HG1  sing N N 305 
THR CG2 HG21 sing N N 306 
THR CG2 HG22 sing N N 307 
THR CG2 HG23 sing N N 308 
THR OXT HXT  sing N N 309 
TRP N   CA   sing N N 310 
TRP N   H    sing N N 311 
TRP N   H2   sing N N 312 
TRP CA  C    sing N N 313 
TRP CA  CB   sing N N 314 
TRP CA  HA   sing N N 315 
TRP C   O    doub N N 316 
TRP C   OXT  sing N N 317 
TRP CB  CG   sing N N 318 
TRP CB  HB2  sing N N 319 
TRP CB  HB3  sing N N 320 
TRP CG  CD1  doub Y N 321 
TRP CG  CD2  sing Y N 322 
TRP CD1 NE1  sing Y N 323 
TRP CD1 HD1  sing N N 324 
TRP CD2 CE2  doub Y N 325 
TRP CD2 CE3  sing Y N 326 
TRP NE1 CE2  sing Y N 327 
TRP NE1 HE1  sing N N 328 
TRP CE2 CZ2  sing Y N 329 
TRP CE3 CZ3  doub Y N 330 
TRP CE3 HE3  sing N N 331 
TRP CZ2 CH2  doub Y N 332 
TRP CZ2 HZ2  sing N N 333 
TRP CZ3 CH2  sing Y N 334 
TRP CZ3 HZ3  sing N N 335 
TRP CH2 HH2  sing N N 336 
TRP OXT HXT  sing N N 337 
TYR N   CA   sing N N 338 
TYR N   H    sing N N 339 
TYR N   H2   sing N N 340 
TYR CA  C    sing N N 341 
TYR CA  CB   sing N N 342 
TYR CA  HA   sing N N 343 
TYR C   O    doub N N 344 
TYR C   OXT  sing N N 345 
TYR CB  CG   sing N N 346 
TYR CB  HB2  sing N N 347 
TYR CB  HB3  sing N N 348 
TYR CG  CD1  doub Y N 349 
TYR CG  CD2  sing Y N 350 
TYR CD1 CE1  sing Y N 351 
TYR CD1 HD1  sing N N 352 
TYR CD2 CE2  doub Y N 353 
TYR CD2 HD2  sing N N 354 
TYR CE1 CZ   doub Y N 355 
TYR CE1 HE1  sing N N 356 
TYR CE2 CZ   sing Y N 357 
TYR CE2 HE2  sing N N 358 
TYR CZ  OH   sing N N 359 
TYR OH  HH   sing N N 360 
TYR OXT HXT  sing N N 361 
VAL N   CA   sing N N 362 
VAL N   H    sing N N 363 
VAL N   H2   sing N N 364 
VAL CA  C    sing N N 365 
VAL CA  CB   sing N N 366 
VAL CA  HA   sing N N 367 
VAL C   O    doub N N 368 
VAL C   OXT  sing N N 369 
VAL CB  CG1  sing N N 370 
VAL CB  CG2  sing N N 371 
VAL CB  HB   sing N N 372 
VAL CG1 HG11 sing N N 373 
VAL CG1 HG12 sing N N 374 
VAL CG1 HG13 sing N N 375 
VAL CG2 HG21 sing N N 376 
VAL CG2 HG22 sing N N 377 
VAL CG2 HG23 sing N N 378 
VAL OXT HXT  sing N N 379 
# 
_atom_sites.entry_id                    1DOI 
_atom_sites.fract_transf_matrix[1][1]   0.00046174 
_atom_sites.fract_transf_matrix[1][2]   -0.01356279 
_atom_sites.fract_transf_matrix[1][3]   -0.01401997 
_atom_sites.fract_transf_matrix[2][1]   -0.00747892 
_atom_sites.fract_transf_matrix[2][2]   -0.01771463 
_atom_sites.fract_transf_matrix[2][3]   0.00331295 
_atom_sites.fract_transf_matrix[3][1]   -0.00716074 
_atom_sites.fract_transf_matrix[3][2]   0.00252268 
_atom_sites.fract_transf_matrix[3][3]   -0.00267625 
_atom_sites.fract_transf_vector[1]      0.059607 
_atom_sites.fract_transf_vector[2]      0.338561 
_atom_sites.fract_transf_vector[3]      0.133335 
# 
loop_
_atom_type.symbol 
C  
FE 
K  
N  
O  
S  
# 
loop_
_atom_site.group_PDB 
_atom_site.id 
_atom_site.type_symbol 
_atom_site.label_atom_id 
_atom_site.label_alt_id 
_atom_site.label_comp_id 
_atom_site.label_asym_id 
_atom_site.label_entity_id 
_atom_site.label_seq_id 
_atom_site.pdbx_PDB_ins_code 
_atom_site.Cartn_x 
_atom_site.Cartn_y 
_atom_site.Cartn_z 
_atom_site.occupancy 
_atom_site.B_iso_or_equiv 
_atom_site.pdbx_formal_charge 
_atom_site.auth_seq_id 
_atom_site.auth_comp_id 
_atom_site.auth_asym_id 
_atom_site.auth_atom_id 
_atom_site.pdbx_PDB_model_num 
ATOM   1    N  N   . PRO A 1 1   ? -11.519 8.026   6.255   1.00 3.92  ? 1   PRO A N   1 
ATOM   2    C  CA  . PRO A 1 1   ? -11.282 6.626   6.443   1.00 3.44  ? 1   PRO A CA  1 
ATOM   3    C  C   . PRO A 1 1   ? -10.019 6.467   7.261   1.00 3.50  ? 1   PRO A C   1 
ATOM   4    O  O   . PRO A 1 1   ? -9.319  7.467   7.471   1.00 4.94  ? 1   PRO A O   1 
ATOM   5    C  CB  . PRO A 1 1   ? -11.145 6.004   5.073   1.00 2.00  ? 1   PRO A CB  1 
ATOM   6    C  CG  . PRO A 1 1   ? -12.309 6.734   4.369   1.00 4.99  ? 1   PRO A CG  1 
ATOM   7    C  CD  . PRO A 1 1   ? -12.431 8.077   5.116   1.00 3.38  ? 1   PRO A CD  1 
ATOM   8    N  N   . THR A 1 2   ? -9.759  5.233   7.717   1.00 3.08  ? 2   THR A N   1 
ATOM   9    C  CA  . THR A 1 2   ? -8.568  4.869   8.440   1.00 2.08  ? 2   THR A CA  1 
ATOM   10   C  C   . THR A 1 2   ? -7.897  3.843   7.519   1.00 2.52  ? 2   THR A C   1 
ATOM   11   O  O   . THR A 1 2   ? -8.535  2.850   7.143   1.00 2.28  ? 2   THR A O   1 
ATOM   12   C  CB  . THR A 1 2   ? -8.872  4.138   9.786   1.00 3.47  ? 2   THR A CB  1 
ATOM   13   O  OG1 . THR A 1 2   ? -9.855  4.853   10.525  1.00 3.73  ? 2   THR A OG1 1 
ATOM   14   C  CG2 . THR A 1 2   ? -7.641  4.055   10.643  1.00 3.09  ? 2   THR A CG2 1 
ATOM   15   N  N   . VAL A 1 3   ? -6.637  4.044   7.158   1.00 2.50  ? 3   VAL A N   1 
ATOM   16   C  CA  . VAL A 1 3   ? -5.857  3.073   6.439   1.00 2.87  ? 3   VAL A CA  1 
ATOM   17   C  C   . VAL A 1 3   ? -4.754  2.624   7.412   1.00 2.00  ? 3   VAL A C   1 
ATOM   18   O  O   . VAL A 1 3   ? -3.955  3.429   7.887   1.00 2.00  ? 3   VAL A O   1 
ATOM   19   C  CB  . VAL A 1 3   ? -5.220  3.687   5.174   1.00 2.66  ? 3   VAL A CB  1 
ATOM   20   C  CG1 . VAL A 1 3   ? -4.417  2.607   4.485   1.00 2.00  ? 3   VAL A CG1 1 
ATOM   21   C  CG2 . VAL A 1 3   ? -6.278  4.290   4.279   1.00 2.00  ? 3   VAL A CG2 1 
ATOM   22   N  N   . GLU A 1 4   ? -4.770  1.364   7.808   1.00 2.28  ? 4   GLU A N   1 
ATOM   23   C  CA  . GLU A 1 4   ? -3.709  0.800   8.613   1.00 2.00  ? 4   GLU A CA  1 
ATOM   24   C  C   . GLU A 1 4   ? -2.694  0.338   7.548   1.00 2.00  ? 4   GLU A C   1 
ATOM   25   O  O   . GLU A 1 4   ? -3.084  -0.168  6.489   1.00 2.00  ? 4   GLU A O   1 
ATOM   26   C  CB  . GLU A 1 4   ? -4.262  -0.351  9.377   1.00 2.00  ? 4   GLU A CB  1 
ATOM   27   C  CG  . GLU A 1 4   ? -3.215  -0.983  10.301  1.00 2.61  ? 4   GLU A CG  1 
ATOM   28   C  CD  . GLU A 1 4   ? -3.785  -2.080  11.227  1.00 4.30  ? 4   GLU A CD  1 
ATOM   29   O  OE1 . GLU A 1 4   ? -4.775  -2.714  10.885  1.00 7.39  ? 4   GLU A OE1 1 
ATOM   30   O  OE2 . GLU A 1 4   ? -3.251  -2.364  12.276  1.00 4.60  ? 4   GLU A OE2 1 
ATOM   31   N  N   . TYR A 1 5   ? -1.386  0.481   7.762   1.00 2.00  ? 5   TYR A N   1 
ATOM   32   C  CA  . TYR A 1 5   ? -0.415  0.201   6.743   1.00 2.00  ? 5   TYR A CA  1 
ATOM   33   C  C   . TYR A 1 5   ? 0.788   -0.470  7.387   1.00 2.00  ? 5   TYR A C   1 
ATOM   34   O  O   . TYR A 1 5   ? 1.049   -0.294  8.579   1.00 2.00  ? 5   TYR A O   1 
ATOM   35   C  CB  . TYR A 1 5   ? -0.042  1.518   6.039   1.00 2.00  ? 5   TYR A CB  1 
ATOM   36   C  CG  . TYR A 1 5   ? 0.473   2.551   7.032   1.00 2.29  ? 5   TYR A CG  1 
ATOM   37   C  CD1 . TYR A 1 5   ? 1.828   2.557   7.426   1.00 2.00  ? 5   TYR A CD1 1 
ATOM   38   C  CD2 . TYR A 1 5   ? -0.418  3.456   7.589   1.00 2.00  ? 5   TYR A CD2 1 
ATOM   39   C  CE1 . TYR A 1 5   ? 2.261   3.455   8.377   1.00 2.00  ? 5   TYR A CE1 1 
ATOM   40   C  CE2 . TYR A 1 5   ? 0.006   4.344   8.545   1.00 2.00  ? 5   TYR A CE2 1 
ATOM   41   C  CZ  . TYR A 1 5   ? 1.331   4.318   8.934   1.00 2.00  ? 5   TYR A CZ  1 
ATOM   42   O  OH  . TYR A 1 5   ? 1.687   5.082   9.994   1.00 3.07  ? 5   TYR A OH  1 
ATOM   43   N  N   . LEU A 1 6   ? 1.487   -1.258  6.607   1.00 2.00  ? 6   LEU A N   1 
ATOM   44   C  CA  . LEU A 1 6   ? 2.629   -1.999  7.045   1.00 2.37  ? 6   LEU A CA  1 
ATOM   45   C  C   . LEU A 1 6   ? 3.574   -1.940  5.868   1.00 2.03  ? 6   LEU A C   1 
ATOM   46   O  O   . LEU A 1 6   ? 3.186   -2.149  4.723   1.00 2.00  ? 6   LEU A O   1 
ATOM   47   C  CB  . LEU A 1 6   ? 2.271   -3.468  7.356   1.00 2.00  ? 6   LEU A CB  1 
ATOM   48   C  CG  . LEU A 1 6   ? 3.502   -4.348  7.639   1.00 3.47  ? 6   LEU A CG  1 
ATOM   49   C  CD1 . LEU A 1 6   ? 4.317   -3.723  8.754   1.00 2.00  ? 6   LEU A CD1 1 
ATOM   50   C  CD2 . LEU A 1 6   ? 3.145   -5.676  8.185   1.00 2.46  ? 6   LEU A CD2 1 
ATOM   51   N  N   . ASN A 1 7   ? 4.826   -1.558  6.107   1.00 2.11  ? 7   ASN A N   1 
ATOM   52   C  CA  . ASN A 1 7   ? 5.806   -1.525  5.025   1.00 2.00  ? 7   ASN A CA  1 
ATOM   53   C  C   . ASN A 1 7   ? 6.126   -2.969  4.672   1.00 2.08  ? 7   ASN A C   1 
ATOM   54   O  O   . ASN A 1 7   ? 6.523   -3.749  5.542   1.00 2.00  ? 7   ASN A O   1 
ATOM   55   C  CB  . ASN A 1 7   ? 7.077   -0.812  5.498   1.00 2.08  ? 7   ASN A CB  1 
ATOM   56   C  CG  . ASN A 1 7   ? 8.179   -0.589  4.471   1.00 2.58  ? 7   ASN A CG  1 
ATOM   57   O  OD1 . ASN A 1 7   ? 8.464   -1.413  3.603   1.00 2.00  ? 7   ASN A OD1 1 
ATOM   58   N  ND2 . ASN A 1 7   ? 8.918   0.500   4.555   1.00 3.78  ? 7   ASN A ND2 1 
ATOM   59   N  N   . TYR A 1 8   ? 6.042   -3.280  3.366   1.00 2.00  ? 8   TYR A N   1 
ATOM   60   C  CA  . TYR A 1 8   ? 6.340   -4.589  2.828   1.00 2.51  ? 8   TYR A CA  1 
ATOM   61   C  C   . TYR A 1 8   ? 7.725   -5.106  3.256   1.00 3.26  ? 8   TYR A C   1 
ATOM   62   O  O   . TYR A 1 8   ? 7.852   -6.324  3.431   1.00 2.12  ? 8   TYR A O   1 
ATOM   63   C  CB  . TYR A 1 8   ? 6.294   -4.610  1.282   1.00 2.00  ? 8   TYR A CB  1 
ATOM   64   C  CG  . TYR A 1 8   ? 6.666   -5.987  0.743   1.00 2.25  ? 8   TYR A CG  1 
ATOM   65   C  CD1 . TYR A 1 8   ? 5.773   -7.051  0.879   1.00 3.74  ? 8   TYR A CD1 1 
ATOM   66   C  CD2 . TYR A 1 8   ? 7.909   -6.215  0.166   1.00 3.26  ? 8   TYR A CD2 1 
ATOM   67   C  CE1 . TYR A 1 8   ? 6.127   -8.344  0.446   1.00 4.80  ? 8   TYR A CE1 1 
ATOM   68   C  CE2 . TYR A 1 8   ? 8.262   -7.477  -0.281  1.00 4.29  ? 8   TYR A CE2 1 
ATOM   69   C  CZ  . TYR A 1 8   ? 7.359   -8.548  -0.138  1.00 5.06  ? 8   TYR A CZ  1 
ATOM   70   O  OH  . TYR A 1 8   ? 7.668   -9.791  -0.629  1.00 7.22  ? 8   TYR A OH  1 
ATOM   71   N  N   . GLU A 1 9   ? 8.763   -4.279  3.401   1.00 3.99  ? 9   GLU A N   1 
ATOM   72   C  CA  . GLU A 1 9   ? 10.078  -4.783  3.848   1.00 5.23  ? 9   GLU A CA  1 
ATOM   73   C  C   . GLU A 1 9   ? 10.033  -5.513  5.206   1.00 3.45  ? 9   GLU A C   1 
ATOM   74   O  O   . GLU A 1 9   ? 10.845  -6.419  5.366   1.00 3.39  ? 9   GLU A O   1 
ATOM   75   C  CB  . GLU A 1 9   ? 11.105  -3.604  3.923   1.00 7.96  ? 9   GLU A CB  1 
ATOM   76   C  CG  . GLU A 1 9   ? 11.057  -2.860  5.270   1.00 15.26 ? 9   GLU A CG  1 
ATOM   77   C  CD  . GLU A 1 9   ? 12.356  -2.184  5.681   1.00 18.43 ? 9   GLU A CD  1 
ATOM   78   O  OE1 . GLU A 1 9   ? 12.751  -1.263  4.946   1.00 21.07 ? 9   GLU A OE1 1 
ATOM   79   O  OE2 . GLU A 1 9   ? 12.953  -2.609  6.694   1.00 19.90 ? 9   GLU A OE2 1 
ATOM   80   N  N   . VAL A 1 10  ? 9.108   -5.220  6.156   1.00 2.00  ? 10  VAL A N   1 
ATOM   81   C  CA  . VAL A 1 10  ? 8.925   -5.889  7.425   1.00 2.00  ? 10  VAL A CA  1 
ATOM   82   C  C   . VAL A 1 10  ? 8.349   -7.289  7.190   1.00 2.18  ? 10  VAL A C   1 
ATOM   83   O  O   . VAL A 1 10  ? 8.789   -8.267  7.791   1.00 2.00  ? 10  VAL A O   1 
ATOM   84   C  CB  . VAL A 1 10  ? 7.931   -5.090  8.375   1.00 3.45  ? 10  VAL A CB  1 
ATOM   85   C  CG1 . VAL A 1 10  ? 7.844   -5.790  9.748   1.00 2.26  ? 10  VAL A CG1 1 
ATOM   86   C  CG2 . VAL A 1 10  ? 8.418   -3.638  8.619   1.00 2.36  ? 10  VAL A CG2 1 
ATOM   87   N  N   . VAL A 1 11  ? 7.345   -7.417  6.314   1.00 2.26  ? 11  VAL A N   1 
ATOM   88   C  CA  . VAL A 1 11  ? 6.762   -8.682  5.872   1.00 2.34  ? 11  VAL A CA  1 
ATOM   89   C  C   . VAL A 1 11  ? 7.880   -9.534  5.258   1.00 2.40  ? 11  VAL A C   1 
ATOM   90   O  O   . VAL A 1 11  ? 8.036   -10.705 5.660   1.00 2.55  ? 11  VAL A O   1 
ATOM   91   C  CB  . VAL A 1 11  ? 5.651   -8.460  4.792   1.00 2.19  ? 11  VAL A CB  1 
ATOM   92   C  CG1 . VAL A 1 11  ? 5.067   -9.772  4.322   1.00 2.32  ? 11  VAL A CG1 1 
ATOM   93   C  CG2 . VAL A 1 11  ? 4.541   -7.642  5.384   1.00 2.00  ? 11  VAL A CG2 1 
ATOM   94   N  N   . ASP A 1 12  ? 8.700   -8.941  4.370   1.00 2.19  ? 12  ASP A N   1 
ATOM   95   C  CA  . ASP A 1 12  ? 9.735   -9.667  3.668   1.00 2.54  ? 12  ASP A CA  1 
ATOM   96   C  C   . ASP A 1 12  ? 10.870  -10.058 4.636   1.00 2.77  ? 12  ASP A C   1 
ATOM   97   O  O   . ASP A 1 12  ? 11.353  -11.195 4.521   1.00 2.00  ? 12  ASP A O   1 
ATOM   98   C  CB  . ASP A 1 12  ? 10.268  -8.799  2.501   1.00 3.51  ? 12  ASP A CB  1 
ATOM   99   C  CG  . ASP A 1 12  ? 11.133  -9.529  1.471   1.00 6.41  ? 12  ASP A CG  1 
ATOM   100  O  OD1 . ASP A 1 12  ? 11.088  -10.755 1.322   1.00 7.77  ? 12  ASP A OD1 1 
ATOM   101  O  OD2 . ASP A 1 12  ? 11.853  -8.848  0.776   1.00 7.77  ? 12  ASP A OD2 1 
ATOM   102  N  N   . ASP A 1 13  ? 11.309  -9.233  5.592   1.00 2.28  ? 13  ASP A N   1 
ATOM   103  C  CA  . ASP A 1 13  ? 12.360  -9.613  6.491   1.00 4.39  ? 13  ASP A CA  1 
ATOM   104  C  C   . ASP A 1 13  ? 11.938  -10.717 7.425   1.00 4.43  ? 13  ASP A C   1 
ATOM   105  O  O   . ASP A 1 13  ? 12.722  -11.553 7.876   1.00 3.60  ? 13  ASP A O   1 
ATOM   106  C  CB  . ASP A 1 13  ? 12.824  -8.397  7.298   1.00 6.09  ? 13  ASP A CB  1 
ATOM   107  C  CG  . ASP A 1 13  ? 13.874  -7.529  6.609   1.00 8.21  ? 13  ASP A CG  1 
ATOM   108  O  OD1 . ASP A 1 13  ? 14.491  -7.944  5.615   1.00 8.63  ? 13  ASP A OD1 1 
ATOM   109  O  OD2 . ASP A 1 13  ? 14.078  -6.419  7.107   1.00 11.09 ? 13  ASP A OD2 1 
ATOM   110  N  N   . ASN A 1 14  ? 10.659  -10.768 7.709   1.00 3.76  ? 14  ASN A N   1 
ATOM   111  C  CA  . ASN A 1 14  ? 10.217  -11.769 8.628   1.00 4.42  ? 14  ASN A CA  1 
ATOM   112  C  C   . ASN A 1 14  ? 9.784   -13.045 7.931   1.00 4.46  ? 14  ASN A C   1 
ATOM   113  O  O   . ASN A 1 14  ? 9.416   -13.985 8.646   1.00 5.39  ? 14  ASN A O   1 
ATOM   114  C  CB  . ASN A 1 14  ? 9.065   -11.242 9.471   1.00 4.93  ? 14  ASN A CB  1 
ATOM   115  C  CG  . ASN A 1 14  ? 9.468   -10.245 10.509  1.00 3.52  ? 14  ASN A CG  1 
ATOM   116  O  OD1 . ASN A 1 14  ? 9.638   -10.633 11.639  1.00 6.86  ? 14  ASN A OD1 1 
ATOM   117  N  ND2 . ASN A 1 14  ? 9.769   -8.997  10.285  1.00 4.44  ? 14  ASN A ND2 1 
ATOM   118  N  N   . GLY A 1 15  ? 9.767   -13.142 6.596   1.00 4.85  ? 15  GLY A N   1 
ATOM   119  C  CA  . GLY A 1 15  ? 9.298   -14.363 5.888   1.00 6.74  ? 15  GLY A CA  1 
ATOM   120  C  C   . GLY A 1 15  ? 7.798   -14.641 5.987   1.00 6.77  ? 15  GLY A C   1 
ATOM   121  O  O   . GLY A 1 15  ? 7.336   -15.752 5.745   1.00 8.13  ? 15  GLY A O   1 
ATOM   122  N  N   . TRP A 1 16  ? 7.052   -13.613 6.396   1.00 8.10  ? 16  TRP A N   1 
ATOM   123  C  CA  . TRP A 1 16  ? 5.592   -13.628 6.531   1.00 6.99  ? 16  TRP A CA  1 
ATOM   124  C  C   . TRP A 1 16  ? 4.961   -13.671 5.138   1.00 6.48  ? 16  TRP A C   1 
ATOM   125  O  O   . TRP A 1 16  ? 5.505   -13.340 4.067   1.00 7.61  ? 16  TRP A O   1 
ATOM   126  C  CB  . TRP A 1 16  ? 5.055   -12.364 7.292   1.00 5.62  ? 16  TRP A CB  1 
ATOM   127  C  CG  . TRP A 1 16  ? 5.501   -12.125 8.756   1.00 5.59  ? 16  TRP A CG  1 
ATOM   128  C  CD1 . TRP A 1 16  ? 5.905   -13.174 9.559   1.00 5.08  ? 16  TRP A CD1 1 
ATOM   129  C  CD2 . TRP A 1 16  ? 5.497   -10.911 9.458   1.00 5.62  ? 16  TRP A CD2 1 
ATOM   130  N  NE1 . TRP A 1 16  ? 6.131   -12.661 10.730  1.00 3.20  ? 16  TRP A NE1 1 
ATOM   131  C  CE2 . TRP A 1 16  ? 5.910   -11.333 10.738  1.00 5.27  ? 16  TRP A CE2 1 
ATOM   132  C  CE3 . TRP A 1 16  ? 5.194   -9.552  9.229   1.00 6.68  ? 16  TRP A CE3 1 
ATOM   133  C  CZ2 . TRP A 1 16  ? 6.037   -10.430 11.793  1.00 6.95  ? 16  TRP A CZ2 1 
ATOM   134  C  CZ3 . TRP A 1 16  ? 5.314   -8.638  10.289  1.00 8.50  ? 16  TRP A CZ3 1 
ATOM   135  C  CH2 . TRP A 1 16  ? 5.735   -9.063  11.565  1.00 7.25  ? 16  TRP A CH2 1 
ATOM   136  N  N   . ASP A 1 17  ? 3.723   -14.065 5.161   1.00 6.74  ? 17  ASP A N   1 
ATOM   137  C  CA  . ASP A 1 17  ? 2.892   -14.171 3.982   1.00 6.62  ? 17  ASP A CA  1 
ATOM   138  C  C   . ASP A 1 17  ? 1.774   -13.256 4.427   1.00 5.47  ? 17  ASP A C   1 
ATOM   139  O  O   . ASP A 1 17  ? 1.187   -13.397 5.506   1.00 5.32  ? 17  ASP A O   1 
ATOM   140  C  CB  . ASP A 1 17  ? 2.390   -15.590 3.802   1.00 9.20  ? 17  ASP A CB  1 
ATOM   141  C  CG  . ASP A 1 17  ? 1.439   -15.726 2.640   1.00 10.74 ? 17  ASP A CG  1 
ATOM   142  O  OD1 . ASP A 1 17  ? 1.881   -15.980 1.534   1.00 16.19 ? 17  ASP A OD1 1 
ATOM   143  O  OD2 . ASP A 1 17  ? 0.251   -15.575 2.821   1.00 12.75 ? 17  ASP A OD2 1 
ATOM   144  N  N   . MET A 1 18  ? 1.391   -12.342 3.559   1.00 4.64  ? 18  MET A N   1 
ATOM   145  C  CA  . MET A 1 18  ? 0.450   -11.336 3.960   1.00 4.91  ? 18  MET A CA  1 
ATOM   146  C  C   . MET A 1 18  ? -0.954  -11.839 4.187   1.00 3.84  ? 18  MET A C   1 
ATOM   147  O  O   . MET A 1 18  ? -1.742  -11.030 4.616   1.00 3.99  ? 18  MET A O   1 
ATOM   148  C  CB  . MET A 1 18  ? 0.380   -10.250 2.921   1.00 5.51  ? 18  MET A CB  1 
ATOM   149  C  CG  . MET A 1 18  ? 1.667   -9.672  2.504   1.00 7.92  ? 18  MET A CG  1 
ATOM   150  S  SD  . MET A 1 18  ? 1.204   -8.551  1.169   1.00 7.90  ? 18  MET A SD  1 
ATOM   151  C  CE  . MET A 1 18  ? 2.774   -8.425  0.458   1.00 9.36  ? 18  MET A CE  1 
ATOM   152  N  N   . TYR A 1 19  ? -1.274  -13.115 3.944   1.00 4.57  ? 19  TYR A N   1 
ATOM   153  C  CA  . TYR A 1 19  ? -2.607  -13.742 4.007   1.00 4.08  ? 19  TYR A CA  1 
ATOM   154  C  C   . TYR A 1 19  ? -2.585  -14.844 5.035   1.00 4.68  ? 19  TYR A C   1 
ATOM   155  O  O   . TYR A 1 19  ? -3.627  -15.160 5.551   1.00 4.01  ? 19  TYR A O   1 
ATOM   156  C  CB  . TYR A 1 19  ? -3.003  -14.313 2.590   1.00 4.65  ? 19  TYR A CB  1 
ATOM   157  C  CG  . TYR A 1 19  ? -3.107  -13.196 1.536   1.00 2.47  ? 19  TYR A CG  1 
ATOM   158  C  CD1 . TYR A 1 19  ? -4.250  -12.374 1.511   1.00 3.70  ? 19  TYR A CD1 1 
ATOM   159  C  CD2 . TYR A 1 19  ? -2.063  -12.944 0.637   1.00 2.48  ? 19  TYR A CD2 1 
ATOM   160  C  CE1 . TYR A 1 19  ? -4.359  -11.304 0.615   1.00 2.00  ? 19  TYR A CE1 1 
ATOM   161  C  CE2 . TYR A 1 19  ? -2.163  -11.883 -0.263  1.00 2.00  ? 19  TYR A CE2 1 
ATOM   162  C  CZ  . TYR A 1 19  ? -3.306  -11.064 -0.266  1.00 2.00  ? 19  TYR A CZ  1 
ATOM   163  O  OH  . TYR A 1 19  ? -3.387  -9.964  -1.101  1.00 2.00  ? 19  TYR A OH  1 
ATOM   164  N  N   . ASP A 1 20  ? -1.438  -15.403 5.468   1.00 6.86  ? 20  ASP A N   1 
ATOM   165  C  CA  . ASP A 1 20  ? -1.391  -16.404 6.539   1.00 8.30  ? 20  ASP A CA  1 
ATOM   166  C  C   . ASP A 1 20  ? -0.862  -15.865 7.856   1.00 7.81  ? 20  ASP A C   1 
ATOM   167  O  O   . ASP A 1 20  ? -1.200  -16.354 8.927   1.00 7.15  ? 20  ASP A O   1 
ATOM   168  C  CB  . ASP A 1 20  ? -0.499  -17.552 6.181   1.00 10.59 ? 20  ASP A CB  1 
ATOM   169  C  CG  . ASP A 1 20  ? -0.923  -18.176 4.864   1.00 14.58 ? 20  ASP A CG  1 
ATOM   170  O  OD1 . ASP A 1 20  ? -2.136  -18.272 4.584   1.00 16.58 ? 20  ASP A OD1 1 
ATOM   171  O  OD2 . ASP A 1 20  ? -0.013  -18.529 4.110   1.00 16.87 ? 20  ASP A OD2 1 
ATOM   172  N  N   . ASP A 1 21  ? -0.054  -14.819 7.861   1.00 7.29  ? 21  ASP A N   1 
ATOM   173  C  CA  . ASP A 1 21  ? 0.501   -14.333 9.094   1.00 7.18  ? 21  ASP A CA  1 
ATOM   174  C  C   . ASP A 1 21  ? -0.298  -13.164 9.583   1.00 6.70  ? 21  ASP A C   1 
ATOM   175  O  O   . ASP A 1 21  ? -0.959  -12.495 8.783   1.00 6.71  ? 21  ASP A O   1 
ATOM   176  C  CB  . ASP A 1 21  ? 1.952   -13.935 8.872   1.00 8.90  ? 21  ASP A CB  1 
ATOM   177  C  CG  . ASP A 1 21  ? 2.840   -15.131 8.610   1.00 10.50 ? 21  ASP A CG  1 
ATOM   178  O  OD1 . ASP A 1 21  ? 3.181   -15.775 9.579   1.00 13.89 ? 21  ASP A OD1 1 
ATOM   179  O  OD2 . ASP A 1 21  ? 3.210   -15.441 7.483   1.00 9.26  ? 21  ASP A OD2 1 
ATOM   180  N  N   . ASP A 1 22  ? -0.219  -12.897 10.889  1.00 5.38  ? 22  ASP A N   1 
ATOM   181  C  CA  . ASP A 1 22  ? -0.891  -11.785 11.525  1.00 5.80  ? 22  ASP A CA  1 
ATOM   182  C  C   . ASP A 1 22  ? 0.097   -10.612 11.466  1.00 5.32  ? 22  ASP A C   1 
ATOM   183  O  O   . ASP A 1 22  ? 0.704   -10.125 12.427  1.00 6.33  ? 22  ASP A O   1 
ATOM   184  C  CB  . ASP A 1 22  ? -1.233  -12.146 12.983  1.00 5.85  ? 22  ASP A CB  1 
ATOM   185  C  CG  . ASP A 1 22  ? -1.927  -11.031 13.757  1.00 6.73  ? 22  ASP A CG  1 
ATOM   186  O  OD1 . ASP A 1 22  ? -2.434  -10.051 13.200  1.00 8.40  ? 22  ASP A OD1 1 
ATOM   187  O  OD2 . ASP A 1 22  ? -1.941  -11.130 14.960  1.00 9.63  ? 22  ASP A OD2 1 
ATOM   188  N  N   . VAL A 1 23  ? 0.225   -10.128 10.259  1.00 4.61  ? 23  VAL A N   1 
ATOM   189  C  CA  . VAL A 1 23  ? 1.185   -9.114  9.831   1.00 4.43  ? 23  VAL A CA  1 
ATOM   190  C  C   . VAL A 1 23  ? 0.952   -7.790  10.582  1.00 3.61  ? 23  VAL A C   1 
ATOM   191  O  O   . VAL A 1 23  ? 1.914   -7.191  11.057  1.00 2.00  ? 23  VAL A O   1 
ATOM   192  C  CB  . VAL A 1 23  ? 0.933   -9.219  8.248   1.00 5.66  ? 23  VAL A CB  1 
ATOM   193  C  CG1 . VAL A 1 23  ? 0.700   -7.900  7.522   1.00 6.54  ? 23  VAL A CG1 1 
ATOM   194  C  CG2 . VAL A 1 23  ? 2.051   -10.100 7.763   1.00 3.57  ? 23  VAL A CG2 1 
ATOM   195  N  N   . PHE A 1 24  ? -0.299  -7.350  10.740  1.00 2.66  ? 24  PHE A N   1 
ATOM   196  C  CA  . PHE A 1 24  ? -0.550  -6.115  11.419  1.00 4.14  ? 24  PHE A CA  1 
ATOM   197  C  C   . PHE A 1 24  ? -0.432  -6.236  12.925  1.00 4.40  ? 24  PHE A C   1 
ATOM   198  O  O   . PHE A 1 24  ? 0.148   -5.329  13.552  1.00 3.90  ? 24  PHE A O   1 
ATOM   199  C  CB  . PHE A 1 24  ? -1.918  -5.588  11.106  1.00 3.44  ? 24  PHE A CB  1 
ATOM   200  C  CG  . PHE A 1 24  ? -2.017  -5.233  9.634   1.00 4.07  ? 24  PHE A CG  1 
ATOM   201  C  CD1 . PHE A 1 24  ? -1.213  -4.214  9.098   1.00 4.98  ? 24  PHE A CD1 1 
ATOM   202  C  CD2 . PHE A 1 24  ? -2.921  -5.919  8.818   1.00 2.00  ? 24  PHE A CD2 1 
ATOM   203  C  CE1 . PHE A 1 24  ? -1.324  -3.881  7.735   1.00 3.69  ? 24  PHE A CE1 1 
ATOM   204  C  CE2 . PHE A 1 24  ? -3.001  -5.568  7.466   1.00 2.12  ? 24  PHE A CE2 1 
ATOM   205  C  CZ  . PHE A 1 24  ? -2.216  -4.563  6.929   1.00 2.00  ? 24  PHE A CZ  1 
ATOM   206  N  N   . GLY A 1 25  ? -0.873  -7.373  13.467  1.00 4.26  ? 25  GLY A N   1 
ATOM   207  C  CA  . GLY A 1 25  ? -0.782  -7.656  14.902  1.00 4.69  ? 25  GLY A CA  1 
ATOM   208  C  C   . GLY A 1 25  ? 0.664   -7.756  15.335  1.00 5.42  ? 25  GLY A C   1 
ATOM   209  O  O   . GLY A 1 25  ? 1.107   -7.122  16.306  1.00 4.39  ? 25  GLY A O   1 
ATOM   210  N  N   . GLU A 1 26  ? 1.452   -8.519  14.571  1.00 6.33  ? 26  GLU A N   1 
ATOM   211  C  CA  . GLU A 1 26  ? 2.849   -8.707  14.887  1.00 5.72  ? 26  GLU A CA  1 
ATOM   212  C  C   . GLU A 1 26  ? 3.617   -7.437  14.644  1.00 4.55  ? 26  GLU A C   1 
ATOM   213  O  O   . GLU A 1 26  ? 4.478   -7.125  15.466  1.00 4.47  ? 26  GLU A O   1 
ATOM   214  C  CB  . GLU A 1 26  ? 3.377   -9.890  14.078  1.00 10.89 ? 26  GLU A CB  1 
ATOM   215  C  CG  . GLU A 1 26  ? 2.912   -11.206 14.724  1.00 16.27 ? 26  GLU A CG  1 
ATOM   216  C  CD  . GLU A 1 26  ? 3.530   -12.486 14.152  1.00 21.59 ? 26  GLU A CD  1 
ATOM   217  O  OE1 . GLU A 1 26  ? 3.164   -12.886 13.042  1.00 24.41 ? 26  GLU A OE1 1 
ATOM   218  O  OE2 . GLU A 1 26  ? 4.348   -13.127 14.828  1.00 24.27 ? 26  GLU A OE2 1 
ATOM   219  N  N   . ALA A 1 27  ? 3.383   -6.610  13.634  1.00 2.77  ? 27  ALA A N   1 
ATOM   220  C  CA  . ALA A 1 27  ? 4.105   -5.373  13.530  1.00 2.38  ? 27  ALA A CA  1 
ATOM   221  C  C   . ALA A 1 27  ? 3.725   -4.382  14.649  1.00 3.24  ? 27  ALA A C   1 
ATOM   222  O  O   . ALA A 1 27  ? 4.540   -3.563  15.070  1.00 2.53  ? 27  ALA A O   1 
ATOM   223  C  CB  . ALA A 1 27  ? 3.857   -4.749  12.157  1.00 2.88  ? 27  ALA A CB  1 
ATOM   224  N  N   . SER A 1 28  ? 2.515   -4.379  15.173  1.00 4.70  ? 28  SER A N   1 
ATOM   225  C  CA  . SER A 1 28  ? 2.120   -3.554  16.308  1.00 7.47  ? 28  SER A CA  1 
ATOM   226  C  C   . SER A 1 28  ? 2.924   -3.927  17.576  1.00 6.64  ? 28  SER A C   1 
ATOM   227  O  O   . SER A 1 28  ? 3.201   -2.982  18.322  1.00 6.38  ? 28  SER A O   1 
ATOM   228  C  CB  . SER A 1 28  ? 0.607   -3.734  16.509  1.00 8.62  ? 28  SER A CB  1 
ATOM   229  O  OG  . SER A 1 28  ? 0.090   -3.036  17.642  1.00 14.10 ? 28  SER A OG  1 
ATOM   230  N  N   . ASP A 1 29  ? 3.330   -5.186  17.846  1.00 6.82  ? 29  ASP A N   1 
ATOM   231  C  CA  . ASP A 1 29  ? 4.255   -5.567  18.959  1.00 7.83  ? 29  ASP A CA  1 
ATOM   232  C  C   . ASP A 1 29  ? 5.776   -5.245  18.811  1.00 6.40  ? 29  ASP A C   1 
ATOM   233  O  O   . ASP A 1 29  ? 6.577   -5.313  19.764  1.00 6.04  ? 29  ASP A O   1 
ATOM   234  C  CB  . ASP A 1 29  ? 4.169   -7.089  19.254  1.00 9.48  ? 29  ASP A CB  1 
ATOM   235  C  CG  . ASP A 1 29  ? 2.797   -7.666  19.623  1.00 13.03 ? 29  ASP A CG  1 
ATOM   236  O  OD1 . ASP A 1 29  ? 1.965   -6.912  20.163  1.00 14.88 ? 29  ASP A OD1 1 
ATOM   237  O  OD2 . ASP A 1 29  ? 2.580   -8.873  19.352  1.00 14.37 ? 29  ASP A OD2 1 
ATOM   238  N  N   . MET A 1 30  ? 6.201   -4.911  17.582  1.00 5.05  ? 30  MET A N   1 
ATOM   239  C  CA  . MET A 1 30  ? 7.560   -4.455  17.254  1.00 3.44  ? 30  MET A CA  1 
ATOM   240  C  C   . MET A 1 30  ? 7.653   -2.988  17.683  1.00 3.48  ? 30  MET A C   1 
ATOM   241  O  O   . MET A 1 30  ? 6.740   -2.433  18.340  1.00 4.63  ? 30  MET A O   1 
ATOM   242  C  CB  . MET A 1 30  ? 7.819   -4.562  15.748  1.00 2.50  ? 30  MET A CB  1 
ATOM   243  C  CG  . MET A 1 30  ? 7.920   -5.943  15.182  1.00 3.20  ? 30  MET A CG  1 
ATOM   244  S  SD  . MET A 1 30  ? 7.993   -6.137  13.374  1.00 5.33  ? 30  MET A SD  1 
ATOM   245  C  CE  . MET A 1 30  ? 9.715   -5.948  12.947  1.00 8.27  ? 30  MET A CE  1 
ATOM   246  N  N   . ASP A 1 31  ? 8.699   -2.280  17.252  1.00 3.98  ? 31  ASP A N   1 
ATOM   247  C  CA  . ASP A 1 31  ? 8.874   -0.859  17.513  1.00 3.77  ? 31  ASP A CA  1 
ATOM   248  C  C   . ASP A 1 31  ? 9.319   -0.150  16.242  1.00 3.78  ? 31  ASP A C   1 
ATOM   249  O  O   . ASP A 1 31  ? 10.349  0.539   16.182  1.00 3.02  ? 31  ASP A O   1 
ATOM   250  C  CB  . ASP A 1 31  ? 9.879   -0.703  18.616  1.00 5.48  ? 31  ASP A CB  1 
ATOM   251  C  CG  . ASP A 1 31  ? 10.122  0.714   19.119  1.00 4.99  ? 31  ASP A CG  1 
ATOM   252  O  OD1 . ASP A 1 31  ? 9.212   1.522   19.202  1.00 6.92  ? 31  ASP A OD1 1 
ATOM   253  O  OD2 . ASP A 1 31  ? 11.262  1.000   19.438  1.00 6.38  ? 31  ASP A OD2 1 
ATOM   254  N  N   . LEU A 1 32  ? 8.525   -0.374  15.184  1.00 4.01  ? 32  LEU A N   1 
ATOM   255  C  CA  . LEU A 1 32  ? 8.771   0.238   13.918  1.00 3.53  ? 32  LEU A CA  1 
ATOM   256  C  C   . LEU A 1 32  ? 8.531   1.748   14.021  1.00 3.77  ? 32  LEU A C   1 
ATOM   257  O  O   . LEU A 1 32  ? 7.752   2.316   14.821  1.00 4.53  ? 32  LEU A O   1 
ATOM   258  C  CB  . LEU A 1 32  ? 7.831   -0.437  12.867  1.00 4.10  ? 32  LEU A CB  1 
ATOM   259  C  CG  . LEU A 1 32  ? 8.085   -1.959  12.610  1.00 4.02  ? 32  LEU A CG  1 
ATOM   260  C  CD1 . LEU A 1 32  ? 6.859   -2.560  11.988  1.00 2.00  ? 32  LEU A CD1 1 
ATOM   261  C  CD2 . LEU A 1 32  ? 9.375   -2.161  11.825  1.00 3.04  ? 32  LEU A CD2 1 
ATOM   262  N  N   . ASP A 1 33  ? 9.185   2.460   13.129  1.00 4.86  ? 33  ASP A N   1 
ATOM   263  C  CA  . ASP A 1 33  ? 8.971   3.882   12.983  1.00 5.05  ? 33  ASP A CA  1 
ATOM   264  C  C   . ASP A 1 33  ? 7.558   4.063   12.510  1.00 4.58  ? 33  ASP A C   1 
ATOM   265  O  O   . ASP A 1 33  ? 7.015   3.197   11.818  1.00 3.32  ? 33  ASP A O   1 
ATOM   266  C  CB  . ASP A 1 33  ? 9.925   4.485   11.951  1.00 7.20  ? 33  ASP A CB  1 
ATOM   267  C  CG  . ASP A 1 33  ? 11.412  4.340   12.288  1.00 8.78  ? 33  ASP A CG  1 
ATOM   268  O  OD1 . ASP A 1 33  ? 11.806  3.935   13.399  1.00 10.11 ? 33  ASP A OD1 1 
ATOM   269  O  OD2 . ASP A 1 33  ? 12.187  4.640   11.391  1.00 10.91 ? 33  ASP A OD2 1 
ATOM   270  N  N   . ASP A 1 34  ? 6.944   5.180   12.855  1.00 4.24  ? 34  ASP A N   1 
ATOM   271  C  CA  . ASP A 1 34  ? 5.588   5.409   12.395  1.00 6.73  ? 34  ASP A CA  1 
ATOM   272  C  C   . ASP A 1 34  ? 5.404   5.300   10.886  1.00 6.03  ? 34  ASP A C   1 
ATOM   273  O  O   . ASP A 1 34  ? 4.353   4.824   10.481  1.00 6.07  ? 34  ASP A O   1 
ATOM   274  C  CB  . ASP A 1 34  ? 5.061   6.786   12.788  1.00 7.08  ? 34  ASP A CB  1 
ATOM   275  C  CG  . ASP A 1 34  ? 4.743   7.051   14.254  1.00 10.43 ? 34  ASP A CG  1 
ATOM   276  O  OD1 . ASP A 1 34  ? 4.500   6.112   15.039  1.00 8.51  ? 34  ASP A OD1 1 
ATOM   277  O  OD2 . ASP A 1 34  ? 4.749   8.245   14.580  1.00 11.89 ? 34  ASP A OD2 1 
ATOM   278  N  N   . GLU A 1 35  ? 6.370   5.625   10.001  1.00 7.42  ? 35  GLU A N   1 
ATOM   279  C  CA  . GLU A 1 35  ? 6.082   5.458   8.588   1.00 6.50  ? 35  GLU A CA  1 
ATOM   280  C  C   . GLU A 1 35  ? 6.002   4.032   8.126   1.00 5.78  ? 35  GLU A C   1 
ATOM   281  O  O   . GLU A 1 35  ? 5.395   3.780   7.071   1.00 5.71  ? 35  GLU A O   1 
ATOM   282  C  CB  . GLU A 1 35  ? 7.085   6.177   7.690   1.00 7.67  ? 35  GLU A CB  1 
ATOM   283  C  CG  . GLU A 1 35  ? 8.540   5.892   7.602   1.00 11.41 ? 35  GLU A CG  1 
ATOM   284  C  CD  . GLU A 1 35  ? 9.041   6.783   6.476   1.00 15.19 ? 35  GLU A CD  1 
ATOM   285  O  OE1 . GLU A 1 35  ? 9.092   8.013   6.623   1.00 15.91 ? 35  GLU A OE1 1 
ATOM   286  O  OE2 . GLU A 1 35  ? 9.323   6.259   5.404   1.00 18.11 ? 35  GLU A OE2 1 
ATOM   287  N  N   . ASP A 1 36  ? 6.558   3.128   8.936   1.00 4.17  ? 36  ASP A N   1 
ATOM   288  C  CA  . ASP A 1 36  ? 6.522   1.730   8.601   1.00 2.86  ? 36  ASP A CA  1 
ATOM   289  C  C   . ASP A 1 36  ? 5.352   0.938   9.092   1.00 2.00  ? 36  ASP A C   1 
ATOM   290  O  O   . ASP A 1 36  ? 5.044   -0.071  8.492   1.00 2.00  ? 36  ASP A O   1 
ATOM   291  C  CB  . ASP A 1 36  ? 7.831   1.105   9.084   1.00 3.53  ? 36  ASP A CB  1 
ATOM   292  C  CG  . ASP A 1 36  ? 9.033   1.578   8.283   1.00 2.00  ? 36  ASP A CG  1 
ATOM   293  O  OD1 . ASP A 1 36  ? 8.911   2.082   7.170   1.00 2.00  ? 36  ASP A OD1 1 
ATOM   294  O  OD2 . ASP A 1 36  ? 10.120  1.389   8.813   1.00 4.75  ? 36  ASP A OD2 1 
ATOM   295  N  N   . TYR A 1 37  ? 4.736   1.330   10.204  1.00 2.28  ? 37  TYR A N   1 
ATOM   296  C  CA  . TYR A 1 37  ? 3.504   0.704   10.628  1.00 2.60  ? 37  TYR A CA  1 
ATOM   297  C  C   . TYR A 1 37  ? 2.663   1.720   11.373  1.00 2.00  ? 37  TYR A C   1 
ATOM   298  O  O   . TYR A 1 37  ? 3.205   2.521   12.135  1.00 3.13  ? 37  TYR A O   1 
ATOM   299  C  CB  . TYR A 1 37  ? 3.801   -0.531  11.531  1.00 2.70  ? 37  TYR A CB  1 
ATOM   300  C  CG  . TYR A 1 37  ? 2.489   -1.022  12.131  1.00 3.05  ? 37  TYR A CG  1 
ATOM   301  C  CD1 . TYR A 1 37  ? 1.483   -1.608  11.340  1.00 2.88  ? 37  TYR A CD1 1 
ATOM   302  C  CD2 . TYR A 1 37  ? 2.255   -0.679  13.453  1.00 3.50  ? 37  TYR A CD2 1 
ATOM   303  C  CE1 . TYR A 1 37  ? 0.227   -1.825  11.870  1.00 3.22  ? 37  TYR A CE1 1 
ATOM   304  C  CE2 . TYR A 1 37  ? 0.990   -0.885  13.985  1.00 4.23  ? 37  TYR A CE2 1 
ATOM   305  C  CZ  . TYR A 1 37  ? 0.001   -1.452  13.195  1.00 4.67  ? 37  TYR A CZ  1 
ATOM   306  O  OH  . TYR A 1 37  ? -1.229  -1.605  13.800  1.00 4.71  ? 37  TYR A OH  1 
ATOM   307  N  N   . GLY A 1 38  ? 1.376   1.736   11.146  1.00 2.00  ? 38  GLY A N   1 
ATOM   308  C  CA  . GLY A 1 38  ? 0.480   2.609   11.863  1.00 2.87  ? 38  GLY A CA  1 
ATOM   309  C  C   . GLY A 1 38  ? -0.876  2.636   11.180  1.00 2.01  ? 38  GLY A C   1 
ATOM   310  O  O   . GLY A 1 38  ? -1.196  1.726   10.419  1.00 2.43  ? 38  GLY A O   1 
ATOM   311  N  N   . SER A 1 39  ? -1.675  3.652   11.457  1.00 2.18  ? 39  SER A N   1 
ATOM   312  C  CA  . SER A 1 39  ? -2.964  3.848   10.860  1.00 2.81  ? 39  SER A CA  1 
ATOM   313  C  C   . SER A 1 39  ? -2.922  5.308   10.522  1.00 3.52  ? 39  SER A C   1 
ATOM   314  O  O   . SER A 1 39  ? -2.319  6.117   11.234  1.00 2.50  ? 39  SER A O   1 
ATOM   315  C  CB  . SER A 1 39  ? -4.077  3.593   11.827  1.00 3.67  ? 39  SER A CB  1 
ATOM   316  O  OG  . SER A 1 39  ? -4.254  2.187   12.074  1.00 7.90  ? 39  SER A OG  1 
ATOM   317  N  N   . LEU A 1 40  ? -3.494  5.621   9.354   1.00 5.20  ? 40  LEU A N   1 
ATOM   318  C  CA  . LEU A 1 40  ? -3.445  6.913   8.709   1.00 4.80  ? 40  LEU A CA  1 
ATOM   319  C  C   . LEU A 1 40  ? -4.892  7.358   8.505   1.00 4.96  ? 40  LEU A C   1 
ATOM   320  O  O   . LEU A 1 40  ? -5.673  6.560   8.028   1.00 3.76  ? 40  LEU A O   1 
ATOM   321  C  CB  . LEU A 1 40  ? -2.736  6.704   7.375   1.00 5.43  ? 40  LEU A CB  1 
ATOM   322  C  CG  . LEU A 1 40  ? -2.347  7.771   6.380   1.00 5.65  ? 40  LEU A CG  1 
ATOM   323  C  CD1 . LEU A 1 40  ? -1.465  8.849   6.990   1.00 4.21  ? 40  LEU A CD1 1 
ATOM   324  C  CD2 . LEU A 1 40  ? -1.611  7.056   5.251   1.00 6.00  ? 40  LEU A CD2 1 
ATOM   325  N  N   . GLU A 1 41  ? -5.312  8.579   8.819   1.00 6.45  ? 41  GLU A N   1 
ATOM   326  C  CA  . GLU A 1 41  ? -6.640  9.073   8.431   1.00 6.17  ? 41  GLU A CA  1 
ATOM   327  C  C   . GLU A 1 41  ? -6.547  9.696   7.066   1.00 5.31  ? 41  GLU A C   1 
ATOM   328  O  O   . GLU A 1 41  ? -5.659  10.506  6.809   1.00 2.68  ? 41  GLU A O   1 
ATOM   329  C  CB  . GLU A 1 41  ? -7.186  10.164  9.347   1.00 9.50  ? 41  GLU A CB  1 
ATOM   330  C  CG  . GLU A 1 41  ? -7.721  9.619   10.674  1.00 11.79 ? 41  GLU A CG  1 
ATOM   331  C  CD  . GLU A 1 41  ? -8.916  8.695   10.533  1.00 13.53 ? 41  GLU A CD  1 
ATOM   332  O  OE1 . GLU A 1 41  ? -9.969  9.077   9.986   1.00 16.42 ? 41  GLU A OE1 1 
ATOM   333  O  OE2 . GLU A 1 41  ? -8.763  7.577   11.002  1.00 15.21 ? 41  GLU A OE2 1 
ATOM   334  N  N   . VAL A 1 42  ? -7.449  9.246   6.186   1.00 4.74  ? 42  VAL A N   1 
ATOM   335  C  CA  . VAL A 1 42  ? -7.373  9.642   4.807   1.00 3.49  ? 42  VAL A CA  1 
ATOM   336  C  C   . VAL A 1 42  ? -8.810  9.949   4.410   1.00 3.70  ? 42  VAL A C   1 
ATOM   337  O  O   . VAL A 1 42  ? -9.694  9.118   4.602   1.00 3.28  ? 42  VAL A O   1 
ATOM   338  C  CB  . VAL A 1 42  ? -6.790  8.482   3.887   1.00 4.31  ? 42  VAL A CB  1 
ATOM   339  C  CG1 . VAL A 1 42  ? -6.565  9.067   2.485   1.00 2.00  ? 42  VAL A CG1 1 
ATOM   340  C  CG2 . VAL A 1 42  ? -5.454  7.896   4.446   1.00 2.80  ? 42  VAL A CG2 1 
ATOM   341  N  N   . ASN A 1 43  ? -9.047  11.148  3.917   1.00 2.98  ? 43  ASN A N   1 
ATOM   342  C  CA  . ASN A 1 43  ? -10.372 11.514  3.436   1.00 5.91  ? 43  ASN A CA  1 
ATOM   343  C  C   . ASN A 1 43  ? -10.809 10.739  2.189   1.00 6.05  ? 43  ASN A C   1 
ATOM   344  O  O   . ASN A 1 43  ? -9.985  10.199  1.437   1.00 4.99  ? 43  ASN A O   1 
ATOM   345  C  CB  . ASN A 1 43  ? -10.440 12.981  3.104   1.00 7.45  ? 43  ASN A CB  1 
ATOM   346  C  CG  . ASN A 1 43  ? -10.237 13.880  4.335   1.00 12.01 ? 43  ASN A CG  1 
ATOM   347  O  OD1 . ASN A 1 43  ? -10.929 13.800  5.376   1.00 13.67 ? 43  ASN A OD1 1 
ATOM   348  N  ND2 . ASN A 1 43  ? -9.246  14.766  4.288   1.00 12.16 ? 43  ASN A ND2 1 
ATOM   349  N  N   . GLU A 1 44  ? -12.105 10.560  1.953   1.00 6.08  ? 44  GLU A N   1 
ATOM   350  C  CA  . GLU A 1 44  ? -12.524 9.998   0.686   1.00 7.84  ? 44  GLU A CA  1 
ATOM   351  C  C   . GLU A 1 44  ? -12.097 10.987  -0.386  1.00 6.47  ? 44  GLU A C   1 
ATOM   352  O  O   . GLU A 1 44  ? -12.135 12.207  -0.173  1.00 5.35  ? 44  GLU A O   1 
ATOM   353  C  CB  . GLU A 1 44  ? -14.043 9.793   0.675   1.00 11.66 ? 44  GLU A CB  1 
ATOM   354  C  CG  . GLU A 1 44  ? -14.405 8.458   1.372   1.00 15.34 ? 44  GLU A CG  1 
ATOM   355  C  CD  . GLU A 1 44  ? -15.572 7.751   0.694   1.00 18.56 ? 44  GLU A CD  1 
ATOM   356  O  OE1 . GLU A 1 44  ? -16.577 8.422   0.463   1.00 21.73 ? 44  GLU A OE1 1 
ATOM   357  O  OE2 . GLU A 1 44  ? -15.483 6.543   0.398   1.00 20.17 ? 44  GLU A OE2 1 
ATOM   358  N  N   . GLY A 1 45  ? -11.546 10.539  -1.496  1.00 5.03  ? 45  GLY A N   1 
ATOM   359  C  CA  . GLY A 1 45  ? -11.122 11.512  -2.481  1.00 4.59  ? 45  GLY A CA  1 
ATOM   360  C  C   . GLY A 1 45  ? -9.714  11.996  -2.282  1.00 4.62  ? 45  GLY A C   1 
ATOM   361  O  O   . GLY A 1 45  ? -9.228  12.593  -3.231  1.00 4.92  ? 45  GLY A O   1 
ATOM   362  N  N   . GLU A 1 46  ? -9.061  11.780  -1.118  1.00 3.18  ? 46  GLU A N   1 
ATOM   363  C  CA  . GLU A 1 46  ? -7.676  12.128  -0.839  1.00 3.37  ? 46  GLU A CA  1 
ATOM   364  C  C   . GLU A 1 46  ? -6.730  10.968  -1.166  1.00 2.91  ? 46  GLU A C   1 
ATOM   365  O  O   . GLU A 1 46  ? -6.940  9.828   -0.784  1.00 2.95  ? 46  GLU A O   1 
ATOM   366  C  CB  . GLU A 1 46  ? -7.570  12.492  0.620   1.00 2.70  ? 46  GLU A CB  1 
ATOM   367  C  CG  . GLU A 1 46  ? -6.201  12.991  1.013   1.00 4.31  ? 46  GLU A CG  1 
ATOM   368  C  CD  . GLU A 1 46  ? -6.049  13.294  2.487   1.00 4.14  ? 46  GLU A CD  1 
ATOM   369  O  OE1 . GLU A 1 46  ? -6.776  12.780  3.316   1.00 3.81  ? 46  GLU A OE1 1 
ATOM   370  O  OE2 . GLU A 1 46  ? -5.156  14.039  2.821   1.00 6.09  ? 46  GLU A OE2 1 
ATOM   371  N  N   . TYR A 1 47  ? -5.701  11.213  -1.930  1.00 3.53  ? 47  TYR A N   1 
ATOM   372  C  CA  . TYR A 1 47  ? -4.725  10.192  -2.266  1.00 3.30  ? 47  TYR A CA  1 
ATOM   373  C  C   . TYR A 1 47  ? -4.012  9.704   -1.035  1.00 2.80  ? 47  TYR A C   1 
ATOM   374  O  O   . TYR A 1 47  ? -3.553  10.540  -0.242  1.00 2.47  ? 47  TYR A O   1 
ATOM   375  C  CB  . TYR A 1 47  ? -3.665  10.733  -3.234  1.00 2.90  ? 47  TYR A CB  1 
ATOM   376  C  CG  . TYR A 1 47  ? -4.232  11.113  -4.596  1.00 2.94  ? 47  TYR A CG  1 
ATOM   377  C  CD1 . TYR A 1 47  ? -4.993  10.205  -5.313  1.00 3.64  ? 47  TYR A CD1 1 
ATOM   378  C  CD2 . TYR A 1 47  ? -3.922  12.344  -5.163  1.00 2.74  ? 47  TYR A CD2 1 
ATOM   379  C  CE1 . TYR A 1 47  ? -5.439  10.511  -6.610  1.00 5.32  ? 47  TYR A CE1 1 
ATOM   380  C  CE2 . TYR A 1 47  ? -4.357  12.661  -6.440  1.00 4.15  ? 47  TYR A CE2 1 
ATOM   381  C  CZ  . TYR A 1 47  ? -5.109  11.749  -7.161  1.00 5.19  ? 47  TYR A CZ  1 
ATOM   382  O  OH  . TYR A 1 47  ? -5.564  12.059  -8.426  1.00 4.73  ? 47  TYR A OH  1 
ATOM   383  N  N   . ILE A 1 48  ? -3.870  8.383   -0.918  1.00 2.00  ? 48  ILE A N   1 
ATOM   384  C  CA  . ILE A 1 48  ? -3.230  7.762   0.216   1.00 2.16  ? 48  ILE A CA  1 
ATOM   385  C  C   . ILE A 1 48  ? -1.784  8.201   0.273   1.00 2.35  ? 48  ILE A C   1 
ATOM   386  O  O   . ILE A 1 48  ? -1.330  8.520   1.373   1.00 3.33  ? 48  ILE A O   1 
ATOM   387  C  CB  . ILE A 1 48  ? -3.353  6.178   0.118   1.00 2.19  ? 48  ILE A CB  1 
ATOM   388  C  CG1 . ILE A 1 48  ? -4.820  5.894   0.426   1.00 2.52  ? 48  ILE A CG1 1 
ATOM   389  C  CG2 . ILE A 1 48  ? -2.430  5.406   1.083   1.00 2.00  ? 48  ILE A CG2 1 
ATOM   390  C  CD1 . ILE A 1 48  ? -5.330  4.581   -0.182  1.00 3.41  ? 48  ILE A CD1 1 
ATOM   391  N  N   . LEU A 1 49  ? -1.031  8.233   -0.816  1.00 2.00  ? 49  LEU A N   1 
ATOM   392  C  CA  . LEU A 1 49  ? 0.361   8.654   -0.752  1.00 2.00  ? 49  LEU A CA  1 
ATOM   393  C  C   . LEU A 1 49  ? 0.481   10.052  -0.170  1.00 2.00  ? 49  LEU A C   1 
ATOM   394  O  O   . LEU A 1 49  ? 1.279   10.272  0.714   1.00 2.00  ? 49  LEU A O   1 
ATOM   395  C  CB  . LEU A 1 49  ? 1.013   8.661   -2.133  1.00 2.00  ? 49  LEU A CB  1 
ATOM   396  C  CG  . LEU A 1 49  ? 2.461   9.160   -2.290  1.00 3.00  ? 49  LEU A CG  1 
ATOM   397  C  CD1 . LEU A 1 49  ? 3.441   8.144   -1.705  1.00 2.00  ? 49  LEU A CD1 1 
ATOM   398  C  CD2 . LEU A 1 49  ? 2.790   9.342   -3.750  1.00 2.29  ? 49  LEU A CD2 1 
ATOM   399  N  N   . GLU A 1 50  ? -0.350  10.996  -0.618  1.00 2.87  ? 50  GLU A N   1 
ATOM   400  C  CA  . GLU A 1 50  ? -0.317  12.374  -0.131  1.00 2.50  ? 50  GLU A CA  1 
ATOM   401  C  C   . GLU A 1 50  ? -0.780  12.419  1.311   1.00 2.54  ? 50  GLU A C   1 
ATOM   402  O  O   . GLU A 1 50  ? -0.233  13.222  2.069   1.00 4.29  ? 50  GLU A O   1 
ATOM   403  C  CB  . GLU A 1 50  ? -1.218  13.242  -0.974  1.00 4.00  ? 50  GLU A CB  1 
ATOM   404  C  CG  . GLU A 1 50  ? -0.700  13.479  -2.376  1.00 4.76  ? 50  GLU A CG  1 
ATOM   405  C  CD  . GLU A 1 50  ? -1.572  14.326  -3.292  1.00 5.70  ? 50  GLU A CD  1 
ATOM   406  O  OE1 . GLU A 1 50  ? -2.599  14.913  -2.925  1.00 6.29  ? 50  GLU A OE1 1 
ATOM   407  O  OE2 . GLU A 1 50  ? -1.198  14.353  -4.455  1.00 10.26 ? 50  GLU A OE2 1 
ATOM   408  N  N   . ALA A 1 51  ? -1.716  11.599  1.799   1.00 2.00  ? 51  ALA A N   1 
ATOM   409  C  CA  . ALA A 1 51  ? -2.012  11.629  3.225   1.00 2.56  ? 51  ALA A CA  1 
ATOM   410  C  C   . ALA A 1 51  ? -0.760  11.125  3.999   1.00 2.05  ? 51  ALA A C   1 
ATOM   411  O  O   . ALA A 1 51  ? -0.427  11.647  5.083   1.00 2.00  ? 51  ALA A O   1 
ATOM   412  C  CB  . ALA A 1 51  ? -3.216  10.725  3.543   1.00 2.00  ? 51  ALA A CB  1 
ATOM   413  N  N   . ALA A 1 52  ? -0.060  10.116  3.471   1.00 2.00  ? 52  ALA A N   1 
ATOM   414  C  CA  . ALA A 1 52  ? 1.165   9.655   4.138   1.00 2.00  ? 52  ALA A CA  1 
ATOM   415  C  C   . ALA A 1 52  ? 2.249   10.733  4.147   1.00 2.08  ? 52  ALA A C   1 
ATOM   416  O  O   . ALA A 1 52  ? 2.903   10.996  5.154   1.00 2.00  ? 52  ALA A O   1 
ATOM   417  C  CB  . ALA A 1 52  ? 1.747   8.415   3.452   1.00 2.91  ? 52  ALA A CB  1 
ATOM   418  N  N   . GLU A 1 53  ? 2.396   11.502  3.079   1.00 2.30  ? 53  GLU A N   1 
ATOM   419  C  CA  . GLU A 1 53  ? 3.425   12.495  2.984   1.00 2.58  ? 53  GLU A CA  1 
ATOM   420  C  C   . GLU A 1 53  ? 3.158   13.658  3.875   1.00 2.17  ? 53  GLU A C   1 
ATOM   421  O  O   . GLU A 1 53  ? 4.068   14.184  4.519   1.00 2.73  ? 53  GLU A O   1 
ATOM   422  C  CB  . GLU A 1 53  ? 3.537   12.929  1.539   1.00 2.50  ? 53  GLU A CB  1 
ATOM   423  C  CG  . GLU A 1 53  ? 4.081   11.778  0.666   1.00 2.09  ? 53  GLU A CG  1 
ATOM   424  C  CD  . GLU A 1 53  ? 4.052   12.126  -0.810  1.00 3.21  ? 53  GLU A CD  1 
ATOM   425  O  OE1 . GLU A 1 53  ? 3.148   12.798  -1.279  1.00 2.80  ? 53  GLU A OE1 1 
ATOM   426  O  OE2 . GLU A 1 53  ? 4.953   11.705  -1.513  1.00 6.26  ? 53  GLU A OE2 1 
ATOM   427  N  N   . ALA A 1 54  ? 1.906   14.039  3.994   1.00 3.33  ? 54  ALA A N   1 
ATOM   428  C  CA  . ALA A 1 54  ? 1.523   15.096  4.931   1.00 4.04  ? 54  ALA A CA  1 
ATOM   429  C  C   . ALA A 1 54  ? 1.752   14.677  6.391   1.00 3.76  ? 54  ALA A C   1 
ATOM   430  O  O   . ALA A 1 54  ? 1.714   15.523  7.278   1.00 2.85  ? 54  ALA A O   1 
ATOM   431  C  CB  . ALA A 1 54  ? 0.059   15.454  4.760   1.00 3.00  ? 54  ALA A CB  1 
ATOM   432  N  N   . GLN A 1 55  ? 1.978   13.401  6.738   1.00 3.79  ? 55  GLN A N   1 
ATOM   433  C  CA  . GLN A 1 55  ? 2.432   12.999  8.078   1.00 3.71  ? 55  GLN A CA  1 
ATOM   434  C  C   . GLN A 1 55  ? 3.937   12.938  8.103   1.00 3.69  ? 55  GLN A C   1 
ATOM   435  O  O   . GLN A 1 55  ? 4.532   12.484  9.064   1.00 2.10  ? 55  GLN A O   1 
ATOM   436  C  CB  . GLN A 1 55  ? 1.938   11.598  8.493   1.00 4.61  ? 55  GLN A CB  1 
ATOM   437  C  CG  . GLN A 1 55  ? 0.424   11.515  8.637   1.00 4.57  ? 55  GLN A CG  1 
ATOM   438  C  CD  . GLN A 1 55  ? -0.094  12.608  9.556   1.00 6.91  ? 55  GLN A CD  1 
ATOM   439  O  OE1 . GLN A 1 55  ? 0.429   12.768  10.657  1.00 9.46  ? 55  GLN A OE1 1 
ATOM   440  N  NE2 . GLN A 1 55  ? -1.030  13.459  9.195   1.00 6.91  ? 55  GLN A NE2 1 
ATOM   441  N  N   . GLY A 1 56  ? 4.573   13.288  6.993   1.00 3.82  ? 56  GLY A N   1 
ATOM   442  C  CA  . GLY A 1 56  ? 6.023   13.263  6.877   1.00 4.71  ? 56  GLY A CA  1 
ATOM   443  C  C   . GLY A 1 56  ? 6.508   11.885  6.468   1.00 4.16  ? 56  GLY A C   1 
ATOM   444  O  O   . GLY A 1 56  ? 7.697   11.612  6.642   1.00 4.43  ? 56  GLY A O   1 
ATOM   445  N  N   . TYR A 1 57  ? 5.647   10.986  5.960   1.00 4.24  ? 57  TYR A N   1 
ATOM   446  C  CA  . TYR A 1 57  ? 6.050   9.631   5.591   1.00 3.84  ? 57  TYR A CA  1 
ATOM   447  C  C   . TYR A 1 57  ? 6.473   9.616   4.168   1.00 3.84  ? 57  TYR A C   1 
ATOM   448  O  O   . TYR A 1 57  ? 5.753   9.985   3.244   1.00 4.21  ? 57  TYR A O   1 
ATOM   449  C  CB  . TYR A 1 57  ? 4.919   8.563   5.752   1.00 3.89  ? 57  TYR A CB  1 
ATOM   450  C  CG  . TYR A 1 57  ? 4.310   8.447   7.136   1.00 2.89  ? 57  TYR A CG  1 
ATOM   451  C  CD1 . TYR A 1 57  ? 5.052   8.873   8.231   1.00 4.36  ? 57  TYR A CD1 1 
ATOM   452  C  CD2 . TYR A 1 57  ? 3.007   7.957   7.312   1.00 5.26  ? 57  TYR A CD2 1 
ATOM   453  C  CE1 . TYR A 1 57  ? 4.524   8.827   9.514   1.00 3.30  ? 57  TYR A CE1 1 
ATOM   454  C  CE2 . TYR A 1 57  ? 2.455   7.898   8.604   1.00 5.19  ? 57  TYR A CE2 1 
ATOM   455  C  CZ  . TYR A 1 57  ? 3.243   8.341   9.685   1.00 4.83  ? 57  TYR A CZ  1 
ATOM   456  O  OH  . TYR A 1 57  ? 2.776   8.335   10.969  1.00 7.24  ? 57  TYR A OH  1 
ATOM   457  N  N   . ASP A 1 58  ? 7.680   9.159   3.979   1.00 3.83  ? 58  ASP A N   1 
ATOM   458  C  CA  . ASP A 1 58  ? 8.204   9.206   2.652   1.00 4.18  ? 58  ASP A CA  1 
ATOM   459  C  C   . ASP A 1 58  ? 8.005   7.872   1.963   1.00 3.87  ? 58  ASP A C   1 
ATOM   460  O  O   . ASP A 1 58  ? 8.955   7.116   1.717   1.00 4.84  ? 58  ASP A O   1 
ATOM   461  C  CB  . ASP A 1 58  ? 9.674   9.537   2.661   1.00 5.29  ? 58  ASP A CB  1 
ATOM   462  C  CG  . ASP A 1 58  ? 10.215  9.622   1.233   1.00 7.00  ? 58  ASP A CG  1 
ATOM   463  O  OD1 . ASP A 1 58  ? 9.515   10.204  0.385   1.00 8.29  ? 58  ASP A OD1 1 
ATOM   464  O  OD2 . ASP A 1 58  ? 11.314  9.102   0.994   1.00 6.93  ? 58  ASP A OD2 1 
ATOM   465  N  N   . TRP A 1 59  ? 6.774   7.571   1.688   1.00 2.94  ? 59  TRP A N   1 
ATOM   466  C  CA  . TRP A 1 59  ? 6.445   6.315   1.071   1.00 2.13  ? 59  TRP A CA  1 
ATOM   467  C  C   . TRP A 1 59  ? 6.915   6.407   -0.387  1.00 2.00  ? 59  TRP A C   1 
ATOM   468  O  O   . TRP A 1 59  ? 7.000   7.507   -0.938  1.00 2.00  ? 59  TRP A O   1 
ATOM   469  C  CB  . TRP A 1 59  ? 4.963   6.140   1.211   1.00 2.00  ? 59  TRP A CB  1 
ATOM   470  C  CG  . TRP A 1 59  ? 4.479   5.672   2.572   1.00 2.18  ? 59  TRP A CG  1 
ATOM   471  C  CD1 . TRP A 1 59  ? 5.212   5.624   3.741   1.00 2.00  ? 59  TRP A CD1 1 
ATOM   472  C  CD2 . TRP A 1 59  ? 3.190   5.279   2.749   1.00 2.00  ? 59  TRP A CD2 1 
ATOM   473  N  NE1 . TRP A 1 59  ? 4.351   5.200   4.666   1.00 2.44  ? 59  TRP A NE1 1 
ATOM   474  C  CE2 . TRP A 1 59  ? 3.145   4.988   4.126   1.00 2.90  ? 59  TRP A CE2 1 
ATOM   475  C  CE3 . TRP A 1 59  ? 2.089   5.148   1.901   1.00 2.29  ? 59  TRP A CE3 1 
ATOM   476  C  CZ2 . TRP A 1 59  ? 1.954   4.557   4.668   1.00 2.68  ? 59  TRP A CZ2 1 
ATOM   477  C  CZ3 . TRP A 1 59  ? 0.901   4.705   2.458   1.00 2.00  ? 59  TRP A CZ3 1 
ATOM   478  C  CH2 . TRP A 1 59  ? 0.839   4.418   3.814   1.00 3.64  ? 59  TRP A CH2 1 
ATOM   479  N  N   . PRO A 1 60  ? 7.226   5.298   -1.039  1.00 2.00  ? 60  PRO A N   1 
ATOM   480  C  CA  . PRO A 1 60  ? 7.766   5.249   -2.411  1.00 2.16  ? 60  PRO A CA  1 
ATOM   481  C  C   . PRO A 1 60  ? 6.878   5.759   -3.530  1.00 2.00  ? 60  PRO A C   1 
ATOM   482  O  O   . PRO A 1 60  ? 5.652   5.585   -3.521  1.00 2.00  ? 60  PRO A O   1 
ATOM   483  C  CB  . PRO A 1 60  ? 8.120   3.796   -2.595  1.00 2.29  ? 60  PRO A CB  1 
ATOM   484  C  CG  . PRO A 1 60  ? 7.029   3.076   -1.776  1.00 2.00  ? 60  PRO A CG  1 
ATOM   485  C  CD  . PRO A 1 60  ? 7.043   3.946   -0.494  1.00 2.04  ? 60  PRO A CD  1 
ATOM   486  N  N   . PHE A 1 61  ? 7.491   6.407   -4.500  1.00 2.63  ? 61  PHE A N   1 
ATOM   487  C  CA  . PHE A 1 61  ? 6.734   6.880   -5.632  1.00 2.34  ? 61  PHE A CA  1 
ATOM   488  C  C   . PHE A 1 61  ? 7.805   7.296   -6.596  1.00 3.45  ? 61  PHE A C   1 
ATOM   489  O  O   . PHE A 1 61  ? 8.963   7.572   -6.223  1.00 3.26  ? 61  PHE A O   1 
ATOM   490  C  CB  . PHE A 1 61  ? 5.839   8.113   -5.343  1.00 2.69  ? 61  PHE A CB  1 
ATOM   491  C  CG  . PHE A 1 61  ? 6.554   9.460   -5.081  1.00 3.88  ? 61  PHE A CG  1 
ATOM   492  C  CD1 . PHE A 1 61  ? 6.971   9.775   -3.805  1.00 2.00  ? 61  PHE A CD1 1 
ATOM   493  C  CD2 . PHE A 1 61  ? 6.835   10.344  -6.154  1.00 3.69  ? 61  PHE A CD2 1 
ATOM   494  C  CE1 . PHE A 1 61  ? 7.673   10.938  -3.577  1.00 2.48  ? 61  PHE A CE1 1 
ATOM   495  C  CE2 . PHE A 1 61  ? 7.547   11.511  -5.915  1.00 5.06  ? 61  PHE A CE2 1 
ATOM   496  C  CZ  . PHE A 1 61  ? 7.968   11.810  -4.620  1.00 4.62  ? 61  PHE A CZ  1 
ATOM   497  N  N   . SER A 1 62  ? 7.406   7.329   -7.856  1.00 3.41  ? 62  SER A N   1 
ATOM   498  C  CA  . SER A 1 62  ? 8.299   7.949   -8.808  1.00 4.23  ? 62  SER A CA  1 
ATOM   499  C  C   . SER A 1 62  ? 7.511   8.886   -9.710  1.00 4.24  ? 62  SER A C   1 
ATOM   500  O  O   . SER A 1 62  ? 7.600   10.119  -9.603  1.00 4.71  ? 62  SER A O   1 
ATOM   501  C  CB  . SER A 1 62  ? 8.945   6.898   -9.591  1.00 4.70  ? 62  SER A CB  1 
ATOM   502  O  OG  . SER A 1 62  ? 10.004  7.603   -10.194 1.00 9.29  ? 62  SER A OG  1 
ATOM   503  N  N   . CYS A 1 63  ? 6.664   8.317   -10.559 1.00 4.53  ? 63  CYS A N   1 
ATOM   504  C  CA  . CYS A 1 63  ? 5.885   9.029   -11.540 1.00 4.57  ? 63  CYS A CA  1 
ATOM   505  C  C   . CYS A 1 63  ? 4.697   9.852   -11.042 1.00 5.36  ? 63  CYS A C   1 
ATOM   506  O  O   . CYS A 1 63  ? 4.351   10.864  -11.673 1.00 5.20  ? 63  CYS A O   1 
ATOM   507  C  CB  . CYS A 1 63  ? 5.403   8.020   -12.539 1.00 4.57  ? 63  CYS A CB  1 
ATOM   508  S  SG  . CYS A 1 63  ? 3.950   7.011   -12.179 1.00 4.60  ? 63  CYS A SG  1 
ATOM   509  N  N   . ARG A 1 64  ? 4.051   9.410   -9.944  1.00 5.04  ? 64  ARG A N   1 
ATOM   510  C  CA  . ARG A 1 64  ? 2.797   9.951   -9.437  1.00 5.24  ? 64  ARG A CA  1 
ATOM   511  C  C   . ARG A 1 64  ? 1.718   9.928   -10.520 1.00 5.03  ? 64  ARG A C   1 
ATOM   512  O  O   . ARG A 1 64  ? 0.760   10.706  -10.368 1.00 6.20  ? 64  ARG A O   1 
ATOM   513  C  CB  . ARG A 1 64  ? 2.825   11.426  -8.969  1.00 5.64  ? 64  ARG A CB  1 
ATOM   514  C  CG  . ARG A 1 64  ? 3.789   11.789  -7.912  1.00 8.28  ? 64  ARG A CG  1 
ATOM   515  C  CD  . ARG A 1 64  ? 3.119   12.861  -7.040  1.00 9.79  ? 64  ARG A CD  1 
ATOM   516  N  NE  . ARG A 1 64  ? 4.016   12.707  -5.964  1.00 10.00 ? 64  ARG A NE  1 
ATOM   517  C  CZ  . ARG A 1 64  ? 3.751   12.771  -4.699  1.00 7.75  ? 64  ARG A CZ  1 
ATOM   518  N  NH1 . ARG A 1 64  ? 2.601   13.032  -4.089  1.00 8.45  ? 64  ARG A NH1 1 
ATOM   519  N  NH2 . ARG A 1 64  ? 4.774   12.382  -4.054  1.00 8.40  ? 64  ARG A NH2 1 
ATOM   520  N  N   . ALA A 1 65  ? 1.773   9.126   -11.608 1.00 4.07  ? 65  ALA A N   1 
ATOM   521  C  CA  . ALA A 1 65  ? 0.767   9.206   -12.646 1.00 5.31  ? 65  ALA A CA  1 
ATOM   522  C  C   . ALA A 1 65  ? 0.105   7.880   -13.042 1.00 4.70  ? 65  ALA A C   1 
ATOM   523  O  O   . ALA A 1 65  ? -0.556  7.857   -14.086 1.00 6.71  ? 65  ALA A O   1 
ATOM   524  C  CB  . ALA A 1 65  ? 1.442   9.868   -13.852 1.00 4.49  ? 65  ALA A CB  1 
ATOM   525  N  N   . GLY A 1 66  ? 0.264   6.773   -12.282 1.00 5.40  ? 66  GLY A N   1 
ATOM   526  C  CA  . GLY A 1 66  ? -0.349  5.502   -12.591 1.00 5.09  ? 66  GLY A CA  1 
ATOM   527  C  C   . GLY A 1 66  ? 0.339   4.874   -13.769 1.00 5.71  ? 66  GLY A C   1 
ATOM   528  O  O   . GLY A 1 66  ? -0.328  4.193   -14.576 1.00 6.53  ? 66  GLY A O   1 
ATOM   529  N  N   . ALA A 1 67  ? 1.647   5.204   -13.944 1.00 5.07  ? 67  ALA A N   1 
ATOM   530  C  CA  . ALA A 1 67  ? 2.395   4.692   -15.071 1.00 3.12  ? 67  ALA A CA  1 
ATOM   531  C  C   . ALA A 1 67  ? 3.591   3.938   -14.520 1.00 2.70  ? 67  ALA A C   1 
ATOM   532  O  O   . ALA A 1 67  ? 4.486   3.624   -15.310 1.00 3.61  ? 67  ALA A O   1 
ATOM   533  C  CB  . ALA A 1 67  ? 2.860   5.809   -15.996 1.00 2.00  ? 67  ALA A CB  1 
ATOM   534  N  N   . CYS A 1 68  ? 3.639   3.571   -13.234 1.00 2.00  ? 68  CYS A N   1 
ATOM   535  C  CA  . CYS A 1 68  ? 4.703   2.715   -12.764 1.00 2.06  ? 68  CYS A CA  1 
ATOM   536  C  C   . CYS A 1 68  ? 4.136   1.883   -11.630 1.00 2.00  ? 68  CYS A C   1 
ATOM   537  O  O   . CYS A 1 68  ? 2.942   1.827   -11.356 1.00 2.00  ? 68  CYS A O   1 
ATOM   538  C  CB  . CYS A 1 68  ? 5.916   3.562   -12.307 1.00 2.00  ? 68  CYS A CB  1 
ATOM   539  S  SG  . CYS A 1 68  ? 5.923   4.463   -10.754 1.00 2.53  ? 68  CYS A SG  1 
ATOM   540  N  N   . ALA A 1 69  ? 4.983   1.121   -10.995 1.00 2.02  ? 69  ALA A N   1 
ATOM   541  C  CA  . ALA A 1 69  ? 4.527   0.309   -9.887  1.00 2.28  ? 69  ALA A CA  1 
ATOM   542  C  C   . ALA A 1 69  ? 5.171   0.744   -8.570  1.00 2.08  ? 69  ALA A C   1 
ATOM   543  O  O   . ALA A 1 69  ? 4.980   0.078   -7.551  1.00 2.00  ? 69  ALA A O   1 
ATOM   544  C  CB  . ALA A 1 69  ? 4.870   -1.155  -10.182 1.00 2.34  ? 69  ALA A CB  1 
ATOM   545  N  N   . ASN A 1 70  ? 5.905   1.859   -8.527  1.00 2.16  ? 70  ASN A N   1 
ATOM   546  C  CA  . ASN A 1 70  ? 6.709   2.221   -7.347  1.00 2.76  ? 70  ASN A CA  1 
ATOM   547  C  C   . ASN A 1 70  ? 5.883   2.562   -6.163  1.00 2.00  ? 70  ASN A C   1 
ATOM   548  O  O   . ASN A 1 70  ? 6.326   2.280   -5.054  1.00 2.00  ? 70  ASN A O   1 
ATOM   549  C  CB  . ASN A 1 70  ? 7.643   3.437   -7.539  1.00 2.68  ? 70  ASN A CB  1 
ATOM   550  C  CG  . ASN A 1 70  ? 8.768   3.116   -8.464  1.00 2.15  ? 70  ASN A CG  1 
ATOM   551  O  OD1 . ASN A 1 70  ? 8.620   2.361   -9.453  1.00 2.36  ? 70  ASN A OD1 1 
ATOM   552  N  ND2 . ASN A 1 70  ? 9.920   3.663   -8.150  1.00 2.12  ? 70  ASN A ND2 1 
ATOM   553  N  N   . CYS A 1 71  ? 4.683   3.082   -6.388  1.00 2.00  ? 71  CYS A N   1 
ATOM   554  C  CA  . CYS A 1 71  ? 3.830   3.333   -5.254  1.00 2.00  ? 71  CYS A CA  1 
ATOM   555  C  C   . CYS A 1 71  ? 2.889   2.176   -4.894  1.00 2.00  ? 71  CYS A C   1 
ATOM   556  O  O   . CYS A 1 71  ? 2.095   2.382   -3.955  1.00 2.18  ? 71  CYS A O   1 
ATOM   557  C  CB  . CYS A 1 71  ? 3.005   4.586   -5.495  1.00 2.00  ? 71  CYS A CB  1 
ATOM   558  S  SG  . CYS A 1 71  ? 1.889   4.267   -6.867  1.00 2.00  ? 71  CYS A SG  1 
ATOM   559  N  N   . ALA A 1 72  ? 2.916   1.003   -5.550  1.00 2.00  ? 72  ALA A N   1 
ATOM   560  C  CA  . ALA A 1 72  ? 2.045   -0.126  -5.249  1.00 2.06  ? 72  ALA A CA  1 
ATOM   561  C  C   . ALA A 1 72  ? 1.968   -0.462  -3.744  1.00 2.00  ? 72  ALA A C   1 
ATOM   562  O  O   . ALA A 1 72  ? 2.944   -0.338  -2.942  1.00 2.00  ? 72  ALA A O   1 
ATOM   563  C  CB  . ALA A 1 72  ? 2.527   -1.435  -5.970  1.00 2.00  ? 72  ALA A CB  1 
ATOM   564  N  N   . ALA A 1 73  ? 0.795   -0.942  -3.397  1.00 2.00  ? 73  ALA A N   1 
ATOM   565  C  CA  . ALA A 1 73  ? 0.483   -1.450  -2.087  1.00 2.00  ? 73  ALA A CA  1 
ATOM   566  C  C   . ALA A 1 73  ? -0.471  -2.593  -2.372  1.00 2.00  ? 73  ALA A C   1 
ATOM   567  O  O   . ALA A 1 73  ? -1.059  -2.697  -3.441  1.00 2.00  ? 73  ALA A O   1 
ATOM   568  C  CB  . ALA A 1 73  ? -0.275  -0.476  -1.206  1.00 2.00  ? 73  ALA A CB  1 
ATOM   569  N  N   . ILE A 1 74  ? -0.611  -3.476  -1.419  1.00 2.00  ? 74  ILE A N   1 
ATOM   570  C  CA  . ILE A 1 74  ? -1.523  -4.577  -1.543  1.00 2.00  ? 74  ILE A CA  1 
ATOM   571  C  C   . ILE A 1 74  ? -2.598  -4.201  -0.532  1.00 2.26  ? 74  ILE A C   1 
ATOM   572  O  O   . ILE A 1 74  ? -2.291  -3.812  0.592   1.00 2.66  ? 74  ILE A O   1 
ATOM   573  C  CB  . ILE A 1 74  ? -0.812  -5.931  -1.180  1.00 2.62  ? 74  ILE A CB  1 
ATOM   574  C  CG1 . ILE A 1 74  ? 0.365   -6.215  -2.097  1.00 2.00  ? 74  ILE A CG1 1 
ATOM   575  C  CG2 . ILE A 1 74  ? -1.827  -7.068  -1.259  1.00 2.00  ? 74  ILE A CG2 1 
ATOM   576  C  CD1 . ILE A 1 74  ? 0.103   -6.009  -3.599  1.00 2.00  ? 74  ILE A CD1 1 
ATOM   577  N  N   . VAL A 1 75  ? -3.856  -4.190  -0.904  1.00 2.00  ? 75  VAL A N   1 
ATOM   578  C  CA  . VAL A 1 75  ? -4.913  -3.935  0.038   1.00 2.00  ? 75  VAL A CA  1 
ATOM   579  C  C   . VAL A 1 75  ? -5.384  -5.287  0.598   1.00 2.61  ? 75  VAL A C   1 
ATOM   580  O  O   . VAL A 1 75  ? -5.812  -6.191  -0.145  1.00 2.06  ? 75  VAL A O   1 
ATOM   581  C  CB  . VAL A 1 75  ? -6.116  -3.078  -0.662  1.00 3.04  ? 75  VAL A CB  1 
ATOM   582  C  CG1 . VAL A 1 75  ? -6.915  -3.765  -1.761  1.00 2.28  ? 75  VAL A CG1 1 
ATOM   583  C  CG2 . VAL A 1 75  ? -7.122  -2.738  0.452   1.00 2.00  ? 75  VAL A CG2 1 
ATOM   584  N  N   . LEU A 1 76  ? -5.262  -5.469  1.902   1.00 2.00  ? 76  LEU A N   1 
ATOM   585  C  CA  . LEU A 1 76  ? -5.705  -6.657  2.623   1.00 2.25  ? 76  LEU A CA  1 
ATOM   586  C  C   . LEU A 1 76  ? -7.129  -6.511  3.157   1.00 2.02  ? 76  LEU A C   1 
ATOM   587  O  O   . LEU A 1 76  ? -7.827  -7.526  3.222   1.00 2.00  ? 76  LEU A O   1 
ATOM   588  C  CB  . LEU A 1 76  ? -4.769  -6.945  3.775   1.00 2.00  ? 76  LEU A CB  1 
ATOM   589  C  CG  . LEU A 1 76  ? -3.475  -7.801  3.543   1.00 3.72  ? 76  LEU A CG  1 
ATOM   590  C  CD1 . LEU A 1 76  ? -2.867  -7.643  2.196   1.00 3.17  ? 76  LEU A CD1 1 
ATOM   591  C  CD2 . LEU A 1 76  ? -2.488  -7.419  4.622   1.00 2.00  ? 76  LEU A CD2 1 
ATOM   592  N  N   . GLU A 1 77  ? -7.650  -5.334  3.480   1.00 2.38  ? 77  GLU A N   1 
ATOM   593  C  CA  . GLU A 1 77  ? -9.015  -5.242  3.985   1.00 3.63  ? 77  GLU A CA  1 
ATOM   594  C  C   . GLU A 1 77  ? -9.606  -3.959  3.463   1.00 3.02  ? 77  GLU A C   1 
ATOM   595  O  O   . GLU A 1 77  ? -8.867  -2.990  3.381   1.00 3.26  ? 77  GLU A O   1 
ATOM   596  C  CB  . GLU A 1 77  ? -9.094  -5.148  5.483   1.00 6.16  ? 77  GLU A CB  1 
ATOM   597  C  CG  . GLU A 1 77  ? -9.156  -6.486  6.200   1.00 11.96 ? 77  GLU A CG  1 
ATOM   598  C  CD  . GLU A 1 77  ? -9.701  -6.452  7.625   1.00 11.11 ? 77  GLU A CD  1 
ATOM   599  O  OE1 . GLU A 1 77  ? -10.533 -5.622  7.980   1.00 13.23 ? 77  GLU A OE1 1 
ATOM   600  O  OE2 . GLU A 1 77  ? -9.266  -7.300  8.382   1.00 17.22 ? 77  GLU A OE2 1 
ATOM   601  N  N   . GLY A 1 78  ? -10.879 -3.901  3.090   1.00 2.33  ? 78  GLY A N   1 
ATOM   602  C  CA  . GLY A 1 78  ? -11.480 -2.694  2.549   1.00 2.00  ? 78  GLY A CA  1 
ATOM   603  C  C   . GLY A 1 78  ? -11.096 -2.498  1.106   1.00 2.00  ? 78  GLY A C   1 
ATOM   604  O  O   . GLY A 1 78  ? -10.751 -3.465  0.429   1.00 2.00  ? 78  GLY A O   1 
ATOM   605  N  N   . ASP A 1 79  ? -11.142 -1.313  0.538   1.00 2.87  ? 79  ASP A N   1 
ATOM   606  C  CA  . ASP A 1 79  ? -10.741 -1.161  -0.861  1.00 4.12  ? 79  ASP A CA  1 
ATOM   607  C  C   . ASP A 1 79  ? -10.198 0.237   -1.081  1.00 2.60  ? 79  ASP A C   1 
ATOM   608  O  O   . ASP A 1 79  ? -10.446 1.089   -0.242  1.00 2.15  ? 79  ASP A O   1 
ATOM   609  C  CB  . ASP A 1 79  ? -11.932 -1.377  -1.760  1.00 5.67  ? 79  ASP A CB  1 
ATOM   610  C  CG  . ASP A 1 79  ? -11.620 -1.963  -3.146  1.00 8.00  ? 79  ASP A CG  1 
ATOM   611  O  OD1 . ASP A 1 79  ? -10.532 -1.798  -3.759  1.00 3.07  ? 79  ASP A OD1 1 
ATOM   612  O  OD2 . ASP A 1 79  ? -12.579 -2.607  -3.602  1.00 12.13 ? 79  ASP A OD2 1 
ATOM   613  N  N   . ILE A 1 80  ? -9.473  0.469   -2.195  1.00 2.73  ? 80  ILE A N   1 
ATOM   614  C  CA  . ILE A 1 80  ? -8.872  1.710   -2.622  1.00 2.00  ? 80  ILE A CA  1 
ATOM   615  C  C   . ILE A 1 80  ? -9.416  1.871   -4.038  1.00 2.60  ? 80  ILE A C   1 
ATOM   616  O  O   . ILE A 1 80  ? -9.395  0.970   -4.878  1.00 2.00  ? 80  ILE A O   1 
ATOM   617  C  CB  . ILE A 1 80  ? -7.335  1.593   -2.653  1.00 2.00  ? 80  ILE A CB  1 
ATOM   618  C  CG1 . ILE A 1 80  ? -6.876  1.510   -1.176  1.00 2.20  ? 80  ILE A CG1 1 
ATOM   619  C  CG2 . ILE A 1 80  ? -6.644  2.755   -3.396  1.00 2.00  ? 80  ILE A CG2 1 
ATOM   620  C  CD1 . ILE A 1 80  ? -5.393  1.125   -0.933  1.00 2.26  ? 80  ILE A CD1 1 
ATOM   621  N  N   . ASP A 1 81  ? -9.917  3.072   -4.307  1.00 2.28  ? 81  ASP A N   1 
ATOM   622  C  CA  . ASP A 1 81  ? -10.476 3.462   -5.579  1.00 2.78  ? 81  ASP A CA  1 
ATOM   623  C  C   . ASP A 1 81  ? -9.323  4.150   -6.253  1.00 2.94  ? 81  ASP A C   1 
ATOM   624  O  O   . ASP A 1 81  ? -8.798  5.097   -5.612  1.00 2.95  ? 81  ASP A O   1 
ATOM   625  C  CB  . ASP A 1 81  ? -11.574 4.464   -5.367  1.00 2.00  ? 81  ASP A CB  1 
ATOM   626  C  CG  . ASP A 1 81  ? -12.280 4.956   -6.612  1.00 2.92  ? 81  ASP A CG  1 
ATOM   627  O  OD1 . ASP A 1 81  ? -12.075 4.437   -7.713  1.00 2.00  ? 81  ASP A OD1 1 
ATOM   628  O  OD2 . ASP A 1 81  ? -13.050 5.893   -6.439  1.00 2.00  ? 81  ASP A OD2 1 
ATOM   629  N  N   . MET A 1 82  ? -9.004  3.763   -7.507  1.00 2.24  ? 82  MET A N   1 
ATOM   630  C  CA  . MET A 1 82  ? -7.877  4.385   -8.218  1.00 2.00  ? 82  MET A CA  1 
ATOM   631  C  C   . MET A 1 82  ? -8.286  5.234   -9.398  1.00 2.63  ? 82  MET A C   1 
ATOM   632  O  O   . MET A 1 82  ? -9.390  5.146   -9.868  1.00 2.00  ? 82  MET A O   1 
ATOM   633  C  CB  . MET A 1 82  ? -6.859  3.376   -8.808  1.00 2.01  ? 82  MET A CB  1 
ATOM   634  C  CG  . MET A 1 82  ? -6.106  2.566   -7.815  1.00 2.22  ? 82  MET A CG  1 
ATOM   635  S  SD  . MET A 1 82  ? -5.015  1.464   -8.706  1.00 2.00  ? 82  MET A SD  1 
ATOM   636  C  CE  . MET A 1 82  ? -6.098  0.154   -9.222  1.00 2.40  ? 82  MET A CE  1 
ATOM   637  N  N   . ASP A 1 83  ? -7.471  6.179   -9.843  1.00 2.59  ? 83  ASP A N   1 
ATOM   638  C  CA  . ASP A 1 83  ? -7.704  6.832   -11.113 1.00 2.52  ? 83  ASP A CA  1 
ATOM   639  C  C   . ASP A 1 83  ? -7.431  5.851   -12.236 1.00 2.95  ? 83  ASP A C   1 
ATOM   640  O  O   . ASP A 1 83  ? -6.907  4.777   -11.983 1.00 2.59  ? 83  ASP A O   1 
ATOM   641  C  CB  . ASP A 1 83  ? -6.791  8.056   -11.314 1.00 2.18  ? 83  ASP A CB  1 
ATOM   642  C  CG  . ASP A 1 83  ? -7.072  9.252   -10.413 1.00 2.61  ? 83  ASP A CG  1 
ATOM   643  O  OD1 . ASP A 1 83  ? -8.198  9.496   -9.994  1.00 2.00  ? 83  ASP A OD1 1 
ATOM   644  O  OD2 . ASP A 1 83  ? -6.114  9.962   -10.140 1.00 4.80  ? 83  ASP A OD2 1 
ATOM   645  N  N   . MET A 1 84  ? -7.752  6.177   -13.498 1.00 3.80  ? 84  MET A N   1 
ATOM   646  C  CA  . MET A 1 84  ? -7.539  5.229   -14.591 1.00 5.02  ? 84  MET A CA  1 
ATOM   647  C  C   . MET A 1 84  ? -6.064  4.916   -14.689 1.00 3.85  ? 84  MET A C   1 
ATOM   648  O  O   . MET A 1 84  ? -5.239  5.811   -14.492 1.00 3.88  ? 84  MET A O   1 
ATOM   649  C  CB  . MET A 1 84  ? -7.885  5.742   -15.960 1.00 5.58  ? 84  MET A CB  1 
ATOM   650  C  CG  . MET A 1 84  ? -9.223  6.354   -16.112 1.00 8.62  ? 84  MET A CG  1 
ATOM   651  S  SD  . MET A 1 84  ? -9.377  7.235   -17.713 1.00 10.20 ? 84  MET A SD  1 
ATOM   652  C  CE  . MET A 1 84  ? -7.728  7.837   -17.947 1.00 5.79  ? 84  MET A CE  1 
ATOM   653  N  N   . GLN A 1 85  ? -5.747  3.666   -14.988 1.00 3.69  ? 85  GLN A N   1 
ATOM   654  C  CA  . GLN A 1 85  ? -4.353  3.247   -15.064 1.00 2.65  ? 85  GLN A CA  1 
ATOM   655  C  C   . GLN A 1 85  ? -4.374  2.046   -15.983 1.00 2.56  ? 85  GLN A C   1 
ATOM   656  O  O   . GLN A 1 85  ? -5.369  1.309   -16.036 1.00 2.75  ? 85  GLN A O   1 
ATOM   657  C  CB  . GLN A 1 85  ? -3.846  2.918   -13.642 1.00 2.00  ? 85  GLN A CB  1 
ATOM   658  C  CG  . GLN A 1 85  ? -4.562  1.847   -12.777 1.00 2.00  ? 85  GLN A CG  1 
ATOM   659  C  CD  . GLN A 1 85  ? -4.253  0.441   -13.243 1.00 2.00  ? 85  GLN A CD  1 
ATOM   660  O  OE1 . GLN A 1 85  ? -3.246  0.163   -13.920 1.00 2.00  ? 85  GLN A OE1 1 
ATOM   661  N  NE2 . GLN A 1 85  ? -5.145  -0.495  -12.943 1.00 3.54  ? 85  GLN A NE2 1 
ATOM   662  N  N   . GLN A 1 86  ? -3.331  1.860   -16.762 1.00 2.00  ? 86  GLN A N   1 
ATOM   663  C  CA  . GLN A 1 86  ? -3.262  0.760   -17.695 1.00 2.16  ? 86  GLN A CA  1 
ATOM   664  C  C   . GLN A 1 86  ? -2.069  -0.101  -17.289 1.00 2.21  ? 86  GLN A C   1 
ATOM   665  O  O   . GLN A 1 86  ? -1.756  -1.085  -17.949 1.00 3.50  ? 86  GLN A O   1 
ATOM   666  C  CB  . GLN A 1 86  ? -3.068  1.297   -19.143 1.00 2.26  ? 86  GLN A CB  1 
ATOM   667  C  CG  . GLN A 1 86  ? -4.236  2.095   -19.723 1.00 3.68  ? 86  GLN A CG  1 
ATOM   668  C  CD  . GLN A 1 86  ? -4.272  3.525   -19.210 1.00 4.32  ? 86  GLN A CD  1 
ATOM   669  O  OE1 . GLN A 1 86  ? -5.283  4.070   -18.743 1.00 6.08  ? 86  GLN A OE1 1 
ATOM   670  N  NE2 . GLN A 1 86  ? -3.139  4.220   -19.240 1.00 5.15  ? 86  GLN A NE2 1 
ATOM   671  N  N   . ILE A 1 87  ? -1.339  0.212   -16.232 1.00 3.47  ? 87  ILE A N   1 
ATOM   672  C  CA  . ILE A 1 87  ? -0.154  -0.577  -15.934 1.00 4.41  ? 87  ILE A CA  1 
ATOM   673  C  C   . ILE A 1 87  ? -0.411  -1.908  -15.223 1.00 3.76  ? 87  ILE A C   1 
ATOM   674  O  O   . ILE A 1 87  ? 0.267   -2.926  -15.431 1.00 4.74  ? 87  ILE A O   1 
ATOM   675  C  CB  . ILE A 1 87  ? 0.744   0.435   -15.199 1.00 6.11  ? 87  ILE A CB  1 
ATOM   676  C  CG1 . ILE A 1 87  ? 2.153   -0.084  -15.552 1.00 8.54  ? 87  ILE A CG1 1 
ATOM   677  C  CG2 . ILE A 1 87  ? 0.447   0.623   -13.703 1.00 7.48  ? 87  ILE A CG2 1 
ATOM   678  C  CD1 . ILE A 1 87  ? 3.227   0.265   -14.543 1.00 9.27  ? 87  ILE A CD1 1 
ATOM   679  N  N   . LEU A 1 88  ? -1.427  -1.994  -14.391 1.00 3.36  ? 88  LEU A N   1 
ATOM   680  C  CA  . LEU A 1 88  ? -1.754  -3.177  -13.656 1.00 2.03  ? 88  LEU A CA  1 
ATOM   681  C  C   . LEU A 1 88  ? -2.758  -4.027  -14.460 1.00 2.19  ? 88  LEU A C   1 
ATOM   682  O  O   . LEU A 1 88  ? -3.652  -3.493  -15.141 1.00 2.00  ? 88  LEU A O   1 
ATOM   683  C  CB  . LEU A 1 88  ? -2.267  -2.630  -12.333 1.00 2.77  ? 88  LEU A CB  1 
ATOM   684  C  CG  . LEU A 1 88  ? -1.508  -2.669  -11.000 1.00 3.85  ? 88  LEU A CG  1 
ATOM   685  C  CD1 . LEU A 1 88  ? -0.033  -2.327  -11.060 1.00 4.93  ? 88  LEU A CD1 1 
ATOM   686  C  CD2 . LEU A 1 88  ? -2.311  -1.753  -10.113 1.00 3.87  ? 88  LEU A CD2 1 
ATOM   687  N  N   . SER A 1 89  ? -2.693  -5.358  -14.484 1.00 2.00  ? 89  SER A N   1 
ATOM   688  C  CA  . SER A 1 89  ? -3.696  -6.124  -15.211 1.00 2.00  ? 89  SER A CA  1 
ATOM   689  C  C   . SER A 1 89  ? -4.951  -6.275  -14.344 1.00 2.00  ? 89  SER A C   1 
ATOM   690  O  O   . SER A 1 89  ? -4.947  -6.007  -13.131 1.00 2.00  ? 89  SER A O   1 
ATOM   691  C  CB  . SER A 1 89  ? -3.092  -7.472  -15.551 1.00 2.00  ? 89  SER A CB  1 
ATOM   692  O  OG  . SER A 1 89  ? -2.756  -8.192  -14.370 1.00 2.00  ? 89  SER A OG  1 
ATOM   693  N  N   . ASP A 1 90  ? -6.061  -6.741  -14.915 1.00 2.75  ? 90  ASP A N   1 
ATOM   694  C  CA  . ASP A 1 90  ? -7.271  -7.025  -14.171 1.00 4.46  ? 90  ASP A CA  1 
ATOM   695  C  C   . ASP A 1 90  ? -7.000  -7.997  -13.058 1.00 2.92  ? 90  ASP A C   1 
ATOM   696  O  O   . ASP A 1 90  ? -7.533  -7.800  -11.976 1.00 2.53  ? 90  ASP A O   1 
ATOM   697  C  CB  . ASP A 1 90  ? -8.376  -7.647  -15.056 1.00 5.58  ? 90  ASP A CB  1 
ATOM   698  C  CG  . ASP A 1 90  ? -8.913  -6.766  -16.181 1.00 9.39  ? 90  ASP A CG  1 
ATOM   699  O  OD1 . ASP A 1 90  ? -8.827  -5.526  -16.072 1.00 11.18 ? 90  ASP A OD1 1 
ATOM   700  O  OD2 . ASP A 1 90  ? -9.433  -7.329  -17.159 1.00 9.51  ? 90  ASP A OD2 1 
ATOM   701  N  N   . GLU A 1 91  ? -6.226  -9.054  -13.315 1.00 2.69  ? 91  GLU A N   1 
ATOM   702  C  CA  . GLU A 1 91  ? -5.845  -10.054 -12.300 1.00 2.52  ? 91  GLU A CA  1 
ATOM   703  C  C   . GLU A 1 91  ? -5.012  -9.462  -11.155 1.00 2.88  ? 91  GLU A C   1 
ATOM   704  O  O   . GLU A 1 91  ? -5.205  -9.842  -9.986  1.00 2.00  ? 91  GLU A O   1 
ATOM   705  C  CB  . GLU A 1 91  ? -5.014  -11.192 -12.874 1.00 2.00  ? 91  GLU A CB  1 
ATOM   706  C  CG  . GLU A 1 91  ? -5.850  -12.025 -13.854 1.00 2.44  ? 91  GLU A CG  1 
ATOM   707  C  CD  . GLU A 1 91  ? -6.095  -11.454 -15.244 1.00 2.34  ? 91  GLU A CD  1 
ATOM   708  O  OE1 . GLU A 1 91  ? -5.412  -10.560 -15.713 1.00 2.00  ? 91  GLU A OE1 1 
ATOM   709  O  OE2 . GLU A 1 91  ? -6.974  -11.972 -15.903 1.00 4.83  ? 91  GLU A OE2 1 
ATOM   710  N  N   . GLU A 1 92  ? -4.059  -8.557  -11.484 1.00 2.00  ? 92  GLU A N   1 
ATOM   711  C  CA  . GLU A 1 92  ? -3.342  -7.830  -10.459 1.00 2.75  ? 92  GLU A CA  1 
ATOM   712  C  C   . GLU A 1 92  ? -4.284  -6.977  -9.622  1.00 2.00  ? 92  GLU A C   1 
ATOM   713  O  O   . GLU A 1 92  ? -4.218  -7.074  -8.417  1.00 2.00  ? 92  GLU A O   1 
ATOM   714  C  CB  . GLU A 1 92  ? -2.265  -6.980  -11.116 1.00 3.05  ? 92  GLU A CB  1 
ATOM   715  C  CG  . GLU A 1 92  ? -1.067  -7.869  -11.395 1.00 2.00  ? 92  GLU A CG  1 
ATOM   716  C  CD  . GLU A 1 92  ? -0.070  -7.260  -12.368 1.00 2.20  ? 92  GLU A CD  1 
ATOM   717  O  OE1 . GLU A 1 92  ? -0.288  -6.165  -12.855 1.00 2.00  ? 92  GLU A OE1 1 
ATOM   718  O  OE2 . GLU A 1 92  ? 0.972   -7.845  -12.589 1.00 2.00  ? 92  GLU A OE2 1 
ATOM   719  N  N   . VAL A 1 93  ? -5.240  -6.245  -10.166 1.00 2.42  ? 93  VAL A N   1 
ATOM   720  C  CA  . VAL A 1 93  ? -6.228  -5.546  -9.384  1.00 2.25  ? 93  VAL A CA  1 
ATOM   721  C  C   . VAL A 1 93  ? -7.202  -6.498  -8.642  1.00 3.32  ? 93  VAL A C   1 
ATOM   722  O  O   . VAL A 1 93  ? -7.341  -6.369  -7.420  1.00 2.00  ? 93  VAL A O   1 
ATOM   723  C  CB  . VAL A 1 93  ? -7.080  -4.601  -10.280 1.00 2.00  ? 93  VAL A CB  1 
ATOM   724  C  CG1 . VAL A 1 93  ? -8.044  -3.782  -9.406  1.00 2.00  ? 93  VAL A CG1 1 
ATOM   725  C  CG2 . VAL A 1 93  ? -6.190  -3.633  -11.042 1.00 2.00  ? 93  VAL A CG2 1 
ATOM   726  N  N   . GLU A 1 94  ? -7.864  -7.463  -9.304  1.00 2.87  ? 94  GLU A N   1 
ATOM   727  C  CA  . GLU A 1 94  ? -8.994  -8.145  -8.704  1.00 5.20  ? 94  GLU A CA  1 
ATOM   728  C  C   . GLU A 1 94  ? -8.587  -9.301  -7.806  1.00 4.27  ? 94  GLU A C   1 
ATOM   729  O  O   . GLU A 1 94  ? -9.221  -9.640  -6.789  1.00 3.56  ? 94  GLU A O   1 
ATOM   730  C  CB  . GLU A 1 94  ? -9.964  -8.670  -9.819  1.00 6.77  ? 94  GLU A CB  1 
ATOM   731  C  CG  . GLU A 1 94  ? -10.793 -7.618  -10.593 1.00 9.91  ? 94  GLU A CG  1 
ATOM   732  C  CD  . GLU A 1 94  ? -11.300 -8.083  -11.966 1.00 10.67 ? 94  GLU A CD  1 
ATOM   733  O  OE1 . GLU A 1 94  ? -11.296 -9.297  -12.214 1.00 13.54 ? 94  GLU A OE1 1 
ATOM   734  O  OE2 . GLU A 1 94  ? -11.633 -7.238  -12.801 1.00 11.10 ? 94  GLU A OE2 1 
ATOM   735  N  N   . ASP A 1 95  ? -7.478  -9.967  -8.188  1.00 4.34  ? 95  ASP A N   1 
ATOM   736  C  CA  . ASP A 1 95  ? -7.035  -11.172 -7.477  1.00 3.29  ? 95  ASP A CA  1 
ATOM   737  C  C   . ASP A 1 95  ? -5.794  -10.933 -6.630  1.00 3.00  ? 95  ASP A C   1 
ATOM   738  O  O   . ASP A 1 95  ? -5.780  -11.421 -5.507  1.00 2.00  ? 95  ASP A O   1 
ATOM   739  C  CB  . ASP A 1 95  ? -6.759  -12.291 -8.467  1.00 2.19  ? 95  ASP A CB  1 
ATOM   740  C  CG  . ASP A 1 95  ? -7.978  -12.545 -9.340  1.00 3.49  ? 95  ASP A CG  1 
ATOM   741  O  OD1 . ASP A 1 95  ? -9.125  -12.538 -8.864  1.00 5.84  ? 95  ASP A OD1 1 
ATOM   742  O  OD2 . ASP A 1 95  ? -7.774  -12.692 -10.528 1.00 2.15  ? 95  ASP A OD2 1 
ATOM   743  N  N   . LYS A 1 96  ? -4.787  -10.222 -7.146  1.00 2.00  ? 96  LYS A N   1 
ATOM   744  C  CA  . LYS A 1 96  ? -3.616  -9.888  -6.353  1.00 2.00  ? 96  LYS A CA  1 
ATOM   745  C  C   . LYS A 1 96  ? -3.807  -8.637  -5.510  1.00 2.00  ? 96  LYS A C   1 
ATOM   746  O  O   . LYS A 1 96  ? -2.979  -8.411  -4.633  1.00 2.79  ? 96  LYS A O   1 
ATOM   747  C  CB  . LYS A 1 96  ? -2.444  -9.740  -7.261  1.00 2.00  ? 96  LYS A CB  1 
ATOM   748  C  CG  . LYS A 1 96  ? -2.031  -11.101 -7.790  1.00 2.00  ? 96  LYS A CG  1 
ATOM   749  C  CD  . LYS A 1 96  ? -0.860  -10.848 -8.612  1.00 2.00  ? 96  LYS A CD  1 
ATOM   750  C  CE  . LYS A 1 96  ? -0.492  -12.129 -9.300  1.00 2.00  ? 96  LYS A CE  1 
ATOM   751  N  NZ  . LYS A 1 96  ? 0.731   -11.961 -10.045 1.00 2.00  ? 96  LYS A NZ  1 
ATOM   752  N  N   . ASN A 1 97  ? -4.861  -7.826  -5.655  1.00 2.11  ? 97  ASN A N   1 
ATOM   753  C  CA  . ASN A 1 97  ? -5.184  -6.691  -4.764  1.00 3.24  ? 97  ASN A CA  1 
ATOM   754  C  C   . ASN A 1 97  ? -4.174  -5.530  -4.759  1.00 2.59  ? 97  ASN A C   1 
ATOM   755  O  O   . ASN A 1 97  ? -3.944  -4.840  -3.740  1.00 2.00  ? 97  ASN A O   1 
ATOM   756  C  CB  . ASN A 1 97  ? -5.377  -7.220  -3.284  1.00 3.73  ? 97  ASN A CB  1 
ATOM   757  C  CG  . ASN A 1 97  ? -6.338  -8.407  -3.176  1.00 3.89  ? 97  ASN A CG  1 
ATOM   758  O  OD1 . ASN A 1 97  ? -7.417  -8.360  -3.792  1.00 2.77  ? 97  ASN A OD1 1 
ATOM   759  N  ND2 . ASN A 1 97  ? -6.007  -9.515  -2.483  1.00 2.29  ? 97  ASN A ND2 1 
ATOM   760  N  N   . VAL A 1 98  ? -3.568  -5.314  -5.948  1.00 2.60  ? 98  VAL A N   1 
ATOM   761  C  CA  . VAL A 1 98  ? -2.511  -4.307  -6.099  1.00 2.09  ? 98  VAL A CA  1 
ATOM   762  C  C   . VAL A 1 98  ? -3.295  -3.041  -6.350  1.00 2.17  ? 98  VAL A C   1 
ATOM   763  O  O   . VAL A 1 98  ? -4.237  -3.029  -7.147  1.00 2.00  ? 98  VAL A O   1 
ATOM   764  C  CB  . VAL A 1 98  ? -1.584  -4.553  -7.327  1.00 2.00  ? 98  VAL A CB  1 
ATOM   765  C  CG1 . VAL A 1 98  ? -0.414  -3.642  -7.357  1.00 2.00  ? 98  VAL A CG1 1 
ATOM   766  C  CG2 . VAL A 1 98  ? -1.128  -5.973  -7.254  1.00 2.36  ? 98  VAL A CG2 1 
ATOM   767  N  N   . ARG A 1 99  ? -2.910  -1.981  -5.650  1.00 2.36  ? 99  ARG A N   1 
ATOM   768  C  CA  . ARG A 1 99  ? -3.502  -0.647  -5.791  1.00 2.00  ? 99  ARG A CA  1 
ATOM   769  C  C   . ARG A 1 99  ? -2.340  0.286   -5.937  1.00 2.00  ? 99  ARG A C   1 
ATOM   770  O  O   . ARG A 1 99  ? -1.273  -0.015  -5.392  1.00 2.72  ? 99  ARG A O   1 
ATOM   771  C  CB  . ARG A 1 99  ? -4.262  -0.310  -4.553  1.00 2.00  ? 99  ARG A CB  1 
ATOM   772  C  CG  . ARG A 1 99  ? -5.443  -1.207  -4.337  1.00 2.00  ? 99  ARG A CG  1 
ATOM   773  C  CD  . ARG A 1 99  ? -6.496  -0.931  -5.416  1.00 2.00  ? 99  ARG A CD  1 
ATOM   774  N  NE  . ARG A 1 99  ? -7.730  -1.652  -5.220  1.00 2.00  ? 99  ARG A NE  1 
ATOM   775  C  CZ  . ARG A 1 99  ? -7.868  -2.966  -5.495  1.00 2.00  ? 99  ARG A CZ  1 
ATOM   776  N  NH1 . ARG A 1 99  ? -6.903  -3.753  -5.952  1.00 2.03  ? 99  ARG A NH1 1 
ATOM   777  N  NH2 . ARG A 1 99  ? -9.064  -3.509  -5.468  1.00 2.10  ? 99  ARG A NH2 1 
ATOM   778  N  N   . LEU A 1 100 ? -2.416  1.423   -6.573  1.00 2.12  ? 100 LEU A N   1 
ATOM   779  C  CA  . LEU A 1 100 ? -1.263  2.341   -6.701  1.00 2.00  ? 100 LEU A CA  1 
ATOM   780  C  C   . LEU A 1 100 ? -1.560  3.471   -5.736  1.00 2.78  ? 100 LEU A C   1 
ATOM   781  O  O   . LEU A 1 100 ? -2.576  4.156   -5.881  1.00 2.00  ? 100 LEU A O   1 
ATOM   782  C  CB  . LEU A 1 100 ? -1.160  2.795   -8.134  1.00 2.00  ? 100 LEU A CB  1 
ATOM   783  C  CG  . LEU A 1 100 ? -0.810  1.610   -9.090  1.00 2.33  ? 100 LEU A CG  1 
ATOM   784  C  CD1 . LEU A 1 100 ? -1.011  1.985   -10.534 1.00 2.00  ? 100 LEU A CD1 1 
ATOM   785  C  CD2 . LEU A 1 100 ? 0.650   1.178   -8.846  1.00 2.00  ? 100 LEU A CD2 1 
ATOM   786  N  N   . THR A 1 101 ? -0.753  3.704   -4.707  1.00 2.00  ? 101 THR A N   1 
ATOM   787  C  CA  . THR A 1 101 ? -1.159  4.653   -3.705  1.00 2.29  ? 101 THR A CA  1 
ATOM   788  C  C   . THR A 1 101 ? -1.075  6.075   -4.258  1.00 2.49  ? 101 THR A C   1 
ATOM   789  O  O   . THR A 1 101 ? -1.741  6.944   -3.667  1.00 2.00  ? 101 THR A O   1 
ATOM   790  C  CB  . THR A 1 101 ? -0.281  4.543   -2.365  1.00 2.00  ? 101 THR A CB  1 
ATOM   791  O  OG1 . THR A 1 101 ? 1.097   4.690   -2.709  1.00 2.32  ? 101 THR A OG1 1 
ATOM   792  C  CG2 . THR A 1 101 ? -0.489  3.236   -1.614  1.00 2.00  ? 101 THR A CG2 1 
ATOM   793  N  N   . CYS A 1 102 ? -0.276  6.399   -5.300  1.00 2.00  ? 102 CYS A N   1 
ATOM   794  C  CA  . CYS A 1 102 ? -0.206  7.796   -5.729  1.00 2.20  ? 102 CYS A CA  1 
ATOM   795  C  C   . CYS A 1 102 ? -1.518  8.275   -6.332  1.00 2.06  ? 102 CYS A C   1 
ATOM   796  O  O   . CYS A 1 102 ? -1.809  9.455   -6.465  1.00 2.00  ? 102 CYS A O   1 
ATOM   797  C  CB  . CYS A 1 102 ? 0.922   8.043   -6.792  1.00 2.40  ? 102 CYS A CB  1 
ATOM   798  S  SG  . CYS A 1 102 ? 0.710   7.203   -8.414  1.00 2.60  ? 102 CYS A SG  1 
ATOM   799  N  N   . ILE A 1 103 ? -2.297  7.350   -6.842  1.00 2.32  ? 103 ILE A N   1 
ATOM   800  C  CA  . ILE A 1 103 ? -3.536  7.728   -7.495  1.00 3.04  ? 103 ILE A CA  1 
ATOM   801  C  C   . ILE A 1 103 ? -4.728  7.020   -6.881  1.00 2.00  ? 103 ILE A C   1 
ATOM   802  O  O   . ILE A 1 103 ? -5.748  6.911   -7.520  1.00 2.71  ? 103 ILE A O   1 
ATOM   803  C  CB  . ILE A 1 103 ? -3.520  7.430   -9.083  1.00 2.71  ? 103 ILE A CB  1 
ATOM   804  C  CG1 . ILE A 1 103 ? -3.245  6.007   -9.399  1.00 2.00  ? 103 ILE A CG1 1 
ATOM   805  C  CG2 . ILE A 1 103 ? -2.527  8.383   -9.756  1.00 2.26  ? 103 ILE A CG2 1 
ATOM   806  C  CD1 . ILE A 1 103 ? -3.469  5.753   -10.884 1.00 2.00  ? 103 ILE A CD1 1 
ATOM   807  N  N   . GLY A 1 104 ? -4.696  6.568   -5.665  1.00 2.00  ? 104 GLY A N   1 
ATOM   808  C  CA  . GLY A 1 104 ? -5.785  5.861   -5.089  1.00 2.00  ? 104 GLY A CA  1 
ATOM   809  C  C   . GLY A 1 104 ? -6.134  6.477   -3.759  1.00 2.07  ? 104 GLY A C   1 
ATOM   810  O  O   . GLY A 1 104 ? -5.304  6.992   -3.010  1.00 2.00  ? 104 GLY A O   1 
ATOM   811  N  N   . SER A 1 105 ? -7.428  6.464   -3.480  1.00 3.50  ? 105 SER A N   1 
ATOM   812  C  CA  . SER A 1 105 ? -7.963  6.943   -2.227  1.00 3.65  ? 105 SER A CA  1 
ATOM   813  C  C   . SER A 1 105 ? -8.708  5.771   -1.546  1.00 3.85  ? 105 SER A C   1 
ATOM   814  O  O   . SER A 1 105 ? -9.047  4.806   -2.226  1.00 3.54  ? 105 SER A O   1 
ATOM   815  C  CB  . SER A 1 105 ? -8.880  8.145   -2.575  1.00 2.74  ? 105 SER A CB  1 
ATOM   816  O  OG  . SER A 1 105 ? -9.958  7.857   -3.454  1.00 2.20  ? 105 SER A OG  1 
ATOM   817  N  N   . PRO A 1 106 ? -8.995  5.727   -0.239  1.00 4.79  ? 106 PRO A N   1 
ATOM   818  C  CA  . PRO A 1 106 ? -9.866  4.765   0.392   1.00 4.67  ? 106 PRO A CA  1 
ATOM   819  C  C   . PRO A 1 106 ? -11.301 4.806   -0.146  1.00 5.97  ? 106 PRO A C   1 
ATOM   820  O  O   . PRO A 1 106 ? -11.909 5.851   -0.424  1.00 5.54  ? 106 PRO A O   1 
ATOM   821  C  CB  . PRO A 1 106 ? -9.748  5.093   1.876   1.00 4.36  ? 106 PRO A CB  1 
ATOM   822  C  CG  . PRO A 1 106 ? -9.496  6.560   1.890   1.00 2.74  ? 106 PRO A CG  1 
ATOM   823  C  CD  . PRO A 1 106 ? -8.549  6.728   0.733   1.00 4.50  ? 106 PRO A CD  1 
ATOM   824  N  N   . ASP A 1 107 ? -11.763 3.574   -0.343  1.00 6.27  ? 107 ASP A N   1 
ATOM   825  C  CA  . ASP A 1 107 ? -13.069 3.292   -0.857  1.00 7.58  ? 107 ASP A CA  1 
ATOM   826  C  C   . ASP A 1 107 ? -13.847 2.580   0.224   1.00 7.11  ? 107 ASP A C   1 
ATOM   827  O  O   . ASP A 1 107 ? -14.808 1.892   -0.091  1.00 7.12  ? 107 ASP A O   1 
ATOM   828  C  CB  . ASP A 1 107 ? -12.928 2.405   -2.092  1.00 10.80 ? 107 ASP A CB  1 
ATOM   829  C  CG  . ASP A 1 107 ? -14.008 2.436   -3.197  1.00 13.13 ? 107 ASP A CG  1 
ATOM   830  O  OD1 . ASP A 1 107 ? -14.859 3.320   -3.145  1.00 15.78 ? 107 ASP A OD1 1 
ATOM   831  O  OD2 . ASP A 1 107 ? -13.975 1.605   -4.122  1.00 14.02 ? 107 ASP A OD2 1 
ATOM   832  N  N   . ALA A 1 108 ? -13.497 2.638   1.492   1.00 6.34  ? 108 ALA A N   1 
ATOM   833  C  CA  . ALA A 1 108 ? -14.234 1.960   2.521   1.00 6.42  ? 108 ALA A CA  1 
ATOM   834  C  C   . ALA A 1 108 ? -13.815 2.683   3.771   1.00 6.47  ? 108 ALA A C   1 
ATOM   835  O  O   . ALA A 1 108 ? -12.727 3.292   3.815   1.00 6.99  ? 108 ALA A O   1 
ATOM   836  C  CB  . ALA A 1 108 ? -13.815 0.499   2.697   1.00 8.02  ? 108 ALA A CB  1 
ATOM   837  N  N   . ASP A 1 109 ? -14.619 2.554   4.818   1.00 5.92  ? 109 ASP A N   1 
ATOM   838  C  CA  . ASP A 1 109 ? -14.301 3.184   6.084   1.00 6.25  ? 109 ASP A CA  1 
ATOM   839  C  C   . ASP A 1 109 ? -12.997 2.641   6.721   1.00 5.41  ? 109 ASP A C   1 
ATOM   840  O  O   . ASP A 1 109 ? -12.274 3.375   7.408   1.00 5.27  ? 109 ASP A O   1 
ATOM   841  C  CB  . ASP A 1 109 ? -15.509 3.003   7.044   1.00 8.51  ? 109 ASP A CB  1 
ATOM   842  C  CG  . ASP A 1 109 ? -15.333 3.704   8.417   1.00 12.20 ? 109 ASP A CG  1 
ATOM   843  O  OD1 . ASP A 1 109 ? -15.137 4.908   8.455   1.00 13.82 ? 109 ASP A OD1 1 
ATOM   844  O  OD2 . ASP A 1 109 ? -15.355 3.069   9.481   1.00 16.98 ? 109 ASP A OD2 1 
ATOM   845  N  N   . GLU A 1 110 ? -12.704 1.360   6.547   1.00 4.46  ? 110 GLU A N   1 
ATOM   846  C  CA  . GLU A 1 110 ? -11.545 0.764   7.134   1.00 4.02  ? 110 GLU A CA  1 
ATOM   847  C  C   . GLU A 1 110 ? -10.777 0.112   6.022   1.00 3.04  ? 110 GLU A C   1 
ATOM   848  O  O   . GLU A 1 110 ? -11.338 -0.666  5.267   1.00 3.36  ? 110 GLU A O   1 
ATOM   849  C  CB  . GLU A 1 110 ? -11.945 -0.293  8.210   1.00 5.81  ? 110 GLU A CB  1 
ATOM   850  C  CG  . GLU A 1 110 ? -12.528 0.136   9.559   1.00 5.74  ? 110 GLU A CG  1 
ATOM   851  C  CD  . GLU A 1 110 ? -11.675 1.083   10.396  1.00 10.59 ? 110 GLU A CD  1 
ATOM   852  O  OE1 . GLU A 1 110 ? -10.429 1.006   10.396  1.00 12.02 ? 110 GLU A OE1 1 
ATOM   853  O  OE2 . GLU A 1 110 ? -12.263 1.954   11.056  1.00 13.38 ? 110 GLU A OE2 1 
ATOM   854  N  N   . VAL A 1 111 ? -9.508  0.401   5.858   1.00 3.14  ? 111 VAL A N   1 
ATOM   855  C  CA  . VAL A 1 111 ? -8.690  -0.164  4.805   1.00 2.48  ? 111 VAL A CA  1 
ATOM   856  C  C   . VAL A 1 111 ? -7.440  -0.622  5.530   1.00 2.22  ? 111 VAL A C   1 
ATOM   857  O  O   . VAL A 1 111 ? -7.016  -0.045  6.541   1.00 2.00  ? 111 VAL A O   1 
ATOM   858  C  CB  . VAL A 1 111 ? -8.335  0.909   3.705   1.00 2.01  ? 111 VAL A CB  1 
ATOM   859  C  CG1 . VAL A 1 111 ? -7.501  0.276   2.605   1.00 2.00  ? 111 VAL A CG1 1 
ATOM   860  C  CG2 . VAL A 1 111 ? -9.654  1.483   3.065   1.00 2.00  ? 111 VAL A CG2 1 
ATOM   861  N  N   . LYS A 1 112 ? -6.821  -1.686  5.031   1.00 3.12  ? 112 LYS A N   1 
ATOM   862  C  CA  . LYS A 1 112 ? -5.541  -2.192  5.606   1.00 2.10  ? 112 LYS A CA  1 
ATOM   863  C  C   . LYS A 1 112 ? -4.665  -2.502  4.435   1.00 2.00  ? 112 LYS A C   1 
ATOM   864  O  O   . LYS A 1 112 ? -5.140  -3.229  3.540   1.00 2.00  ? 112 LYS A O   1 
ATOM   865  C  CB  . LYS A 1 112 ? -5.744  -3.478  6.393   1.00 2.45  ? 112 LYS A CB  1 
ATOM   866  C  CG  . LYS A 1 112 ? -6.785  -3.414  7.505   1.00 6.00  ? 112 LYS A CG  1 
ATOM   867  C  CD  . LYS A 1 112 ? -6.638  -4.521  8.538   1.00 5.48  ? 112 LYS A CD  1 
ATOM   868  C  CE  . LYS A 1 112 ? -7.588  -4.311  9.705   1.00 8.00  ? 112 LYS A CE  1 
ATOM   869  N  NZ  . LYS A 1 112 ? -7.560  -2.984  10.295  1.00 8.05  ? 112 LYS A NZ  1 
ATOM   870  N  N   . ILE A 1 113 ? -3.451  -1.957  4.387   1.00 2.00  ? 113 ILE A N   1 
ATOM   871  C  CA  . ILE A 1 113 ? -2.553  -2.182  3.279   1.00 2.00  ? 113 ILE A CA  1 
ATOM   872  C  C   . ILE A 1 113 ? -1.173  -2.567  3.765   1.00 2.00  ? 113 ILE A C   1 
ATOM   873  O  O   . ILE A 1 113 ? -0.774  -2.278  4.902   1.00 2.00  ? 113 ILE A O   1 
ATOM   874  C  CB  . ILE A 1 113 ? -2.332  -0.949  2.380   1.00 2.00  ? 113 ILE A CB  1 
ATOM   875  C  CG1 . ILE A 1 113 ? -1.796  0.281   3.092   1.00 2.00  ? 113 ILE A CG1 1 
ATOM   876  C  CG2 . ILE A 1 113 ? -3.687  -0.696  1.756   1.00 2.00  ? 113 ILE A CG2 1 
ATOM   877  C  CD1 . ILE A 1 113 ? -1.377  1.386   2.131   1.00 2.92  ? 113 ILE A CD1 1 
ATOM   878  N  N   . VAL A 1 114 ? -0.495  -3.218  2.842   1.00 2.00  ? 114 VAL A N   1 
ATOM   879  C  CA  . VAL A 1 114 ? 0.926   -3.491  2.950   1.00 2.41  ? 114 VAL A CA  1 
ATOM   880  C  C   . VAL A 1 114 ? 1.519   -2.637  1.825   1.00 2.19  ? 114 VAL A C   1 
ATOM   881  O  O   . VAL A 1 114 ? 1.396   -2.939  0.611   1.00 2.01  ? 114 VAL A O   1 
ATOM   882  C  CB  . VAL A 1 114 ? 1.323   -4.984  2.700   1.00 2.00  ? 114 VAL A CB  1 
ATOM   883  C  CG1 . VAL A 1 114 ? 2.826   -5.129  2.594   1.00 2.00  ? 114 VAL A CG1 1 
ATOM   884  C  CG2 . VAL A 1 114 ? 1.095   -5.817  3.941   1.00 2.70  ? 114 VAL A CG2 1 
ATOM   885  N  N   . TYR A 1 115 ? 2.085   -1.499  2.235   1.00 2.00  ? 115 TYR A N   1 
ATOM   886  C  CA  . TYR A 1 115 ? 2.634   -0.599  1.227   1.00 2.42  ? 115 TYR A CA  1 
ATOM   887  C  C   . TYR A 1 115 ? 4.082   -1.009  0.924   1.00 2.00  ? 115 TYR A C   1 
ATOM   888  O  O   . TYR A 1 115 ? 4.640   -1.899  1.509   1.00 2.00  ? 115 TYR A O   1 
ATOM   889  C  CB  . TYR A 1 115 ? 2.502   0.876   1.728   1.00 2.00  ? 115 TYR A CB  1 
ATOM   890  C  CG  . TYR A 1 115 ? 3.576   1.378   2.679   1.00 2.51  ? 115 TYR A CG  1 
ATOM   891  C  CD1 . TYR A 1 115 ? 4.731   1.952   2.096   1.00 2.43  ? 115 TYR A CD1 1 
ATOM   892  C  CD2 . TYR A 1 115 ? 3.444   1.273   4.063   1.00 2.00  ? 115 TYR A CD2 1 
ATOM   893  C  CE1 . TYR A 1 115 ? 5.756   2.406   2.896   1.00 2.35  ? 115 TYR A CE1 1 
ATOM   894  C  CE2 . TYR A 1 115 ? 4.483   1.755   4.874   1.00 2.00  ? 115 TYR A CE2 1 
ATOM   895  C  CZ  . TYR A 1 115 ? 5.617   2.304   4.289   1.00 2.10  ? 115 TYR A CZ  1 
ATOM   896  O  OH  . TYR A 1 115 ? 6.676   2.753   5.061   1.00 3.53  ? 115 TYR A OH  1 
ATOM   897  N  N   . ASN A 1 116 ? 4.709   -0.349  -0.010  1.00 2.00  ? 116 ASN A N   1 
ATOM   898  C  CA  . ASN A 1 116 ? 6.043   -0.574  -0.469  1.00 2.54  ? 116 ASN A CA  1 
ATOM   899  C  C   . ASN A 1 116 ? 6.115   -1.952  -1.183  1.00 2.21  ? 116 ASN A C   1 
ATOM   900  O  O   . ASN A 1 116 ? 7.168   -2.601  -1.251  1.00 2.00  ? 116 ASN A O   1 
ATOM   901  C  CB  . ASN A 1 116 ? 7.058   -0.498  0.722   1.00 2.73  ? 116 ASN A CB  1 
ATOM   902  C  CG  . ASN A 1 116 ? 8.482   -0.177  0.289   1.00 2.34  ? 116 ASN A CG  1 
ATOM   903  O  OD1 . ASN A 1 116 ? 9.495   -0.434  0.959   1.00 3.21  ? 116 ASN A OD1 1 
ATOM   904  N  ND2 . ASN A 1 116 ? 8.702   0.399   -0.848  1.00 2.00  ? 116 ASN A ND2 1 
ATOM   905  N  N   . ALA A 1 117 ? 4.995   -2.336  -1.783  1.00 2.00  ? 117 ALA A N   1 
ATOM   906  C  CA  . ALA A 1 117 ? 4.793   -3.631  -2.448  1.00 2.93  ? 117 ALA A CA  1 
ATOM   907  C  C   . ALA A 1 117 ? 5.490   -3.692  -3.790  1.00 2.30  ? 117 ALA A C   1 
ATOM   908  O  O   . ALA A 1 117 ? 5.386   -4.679  -4.497  1.00 3.23  ? 117 ALA A O   1 
ATOM   909  C  CB  . ALA A 1 117 ? 3.302   -3.910  -2.718  1.00 2.43  ? 117 ALA A CB  1 
ATOM   910  N  N   . LYS A 1 118 ? 6.225   -2.642  -4.158  1.00 2.75  ? 118 LYS A N   1 
ATOM   911  C  CA  . LYS A 1 118 ? 7.102   -2.582  -5.316  1.00 2.78  ? 118 LYS A CA  1 
ATOM   912  C  C   . LYS A 1 118 ? 8.204   -3.627  -5.242  1.00 3.12  ? 118 LYS A C   1 
ATOM   913  O  O   . LYS A 1 118 ? 8.795   -4.006  -6.245  1.00 2.58  ? 118 LYS A O   1 
ATOM   914  C  CB  . LYS A 1 118 ? 7.767   -1.198  -5.439  1.00 3.71  ? 118 LYS A CB  1 
ATOM   915  C  CG  . LYS A 1 118 ? 8.926   -0.762  -4.488  1.00 3.42  ? 118 LYS A CG  1 
ATOM   916  C  CD  . LYS A 1 118 ? 9.531   0.639   -4.808  1.00 2.78  ? 118 LYS A CD  1 
ATOM   917  C  CE  . LYS A 1 118 ? 10.863  0.975   -4.134  1.00 5.84  ? 118 LYS A CE  1 
ATOM   918  N  NZ  . LYS A 1 118 ? 11.833  1.631   -5.037  1.00 9.42  ? 118 LYS A NZ  1 
ATOM   919  N  N   . HIS A 1 119 ? 8.544   -4.135  -4.051  1.00 3.28  ? 119 HIS A N   1 
ATOM   920  C  CA  . HIS A 1 119 ? 9.551   -5.180  -3.908  1.00 3.05  ? 119 HIS A CA  1 
ATOM   921  C  C   . HIS A 1 119 ? 8.973   -6.543  -4.272  1.00 2.26  ? 119 HIS A C   1 
ATOM   922  O  O   . HIS A 1 119 ? 9.740   -7.496  -4.270  1.00 2.08  ? 119 HIS A O   1 
ATOM   923  C  CB  . HIS A 1 119 ? 10.064  -5.192  -2.476  1.00 4.16  ? 119 HIS A CB  1 
ATOM   924  C  CG  . HIS A 1 119 ? 10.881  -3.943  -2.169  1.00 6.89  ? 119 HIS A CG  1 
ATOM   925  N  ND1 . HIS A 1 119 ? 12.178  -3.674  -2.464  1.00 7.50  ? 119 HIS A ND1 1 
ATOM   926  C  CD2 . HIS A 1 119 ? 10.349  -2.820  -1.548  1.00 6.63  ? 119 HIS A CD2 1 
ATOM   927  C  CE1 . HIS A 1 119 ? 12.403  -2.439  -2.041  1.00 6.71  ? 119 HIS A CE1 1 
ATOM   928  N  NE2 . HIS A 1 119 ? 11.320  -1.934  -1.496  1.00 6.24  ? 119 HIS A NE2 1 
ATOM   929  N  N   . LEU A 1 120 ? 7.678   -6.726  -4.540  1.00 2.00  ? 120 LEU A N   1 
ATOM   930  C  CA  . LEU A 1 120 ? 7.116   -8.025  -4.943  1.00 2.23  ? 120 LEU A CA  1 
ATOM   931  C  C   . LEU A 1 120 ? 7.684   -8.311  -6.306  1.00 2.06  ? 120 LEU A C   1 
ATOM   932  O  O   . LEU A 1 120 ? 7.722   -7.432  -7.178  1.00 2.00  ? 120 LEU A O   1 
ATOM   933  C  CB  . LEU A 1 120 ? 5.581   -7.976  -5.041  1.00 3.22  ? 120 LEU A CB  1 
ATOM   934  C  CG  . LEU A 1 120 ? 4.890   -7.777  -3.734  1.00 2.86  ? 120 LEU A CG  1 
ATOM   935  C  CD1 . LEU A 1 120 ? 3.369   -7.683  -3.866  1.00 3.37  ? 120 LEU A CD1 1 
ATOM   936  C  CD2 . LEU A 1 120 ? 5.216   -8.963  -2.916  1.00 3.81  ? 120 LEU A CD2 1 
ATOM   937  N  N   . ASP A 1 121 ? 8.076   -9.551  -6.516  1.00 2.46  ? 121 ASP A N   1 
ATOM   938  C  CA  . ASP A 1 121 ? 8.781   -9.868  -7.732  1.00 4.03  ? 121 ASP A CA  1 
ATOM   939  C  C   . ASP A 1 121 ? 7.980   -9.666  -9.004  1.00 4.37  ? 121 ASP A C   1 
ATOM   940  O  O   . ASP A 1 121 ? 8.561   -9.142  -9.981  1.00 3.94  ? 121 ASP A O   1 
ATOM   941  C  CB  . ASP A 1 121 ? 9.272   -11.278 -7.680  1.00 5.42  ? 121 ASP A CB  1 
ATOM   942  C  CG  . ASP A 1 121 ? 10.364  -11.527 -8.685  1.00 11.47 ? 121 ASP A CG  1 
ATOM   943  O  OD1 . ASP A 1 121 ? 11.355  -10.788 -8.627  1.00 16.47 ? 121 ASP A OD1 1 
ATOM   944  O  OD2 . ASP A 1 121 ? 10.258  -12.455 -9.510  1.00 11.23 ? 121 ASP A OD2 1 
ATOM   945  N  N   . TYR A 1 122 ? 6.662   -9.961  -8.995  1.00 3.49  ? 122 TYR A N   1 
ATOM   946  C  CA  . TYR A 1 122 ? 5.890   -9.792  -10.196 1.00 3.20  ? 122 TYR A CA  1 
ATOM   947  C  C   . TYR A 1 122 ? 5.741   -8.334  -10.520 1.00 3.50  ? 122 TYR A C   1 
ATOM   948  O  O   . TYR A 1 122 ? 5.325   -8.075  -11.610 1.00 4.25  ? 122 TYR A O   1 
ATOM   949  C  CB  . TYR A 1 122 ? 4.482   -10.465 -10.077 1.00 2.33  ? 122 TYR A CB  1 
ATOM   950  C  CG  . TYR A 1 122 ? 3.517   -9.924  -9.038  1.00 2.41  ? 122 TYR A CG  1 
ATOM   951  C  CD1 . TYR A 1 122 ? 3.585   -10.444 -7.728  1.00 2.63  ? 122 TYR A CD1 1 
ATOM   952  C  CD2 . TYR A 1 122 ? 2.586   -8.916  -9.357  1.00 2.00  ? 122 TYR A CD2 1 
ATOM   953  C  CE1 . TYR A 1 122 ? 2.726   -9.967  -6.738  1.00 2.00  ? 122 TYR A CE1 1 
ATOM   954  C  CE2 . TYR A 1 122 ? 1.715   -8.420  -8.368  1.00 2.00  ? 122 TYR A CE2 1 
ATOM   955  C  CZ  . TYR A 1 122 ? 1.804   -8.972  -7.085  1.00 2.00  ? 122 TYR A CZ  1 
ATOM   956  O  OH  . TYR A 1 122 ? 0.911   -8.578  -6.143  1.00 3.86  ? 122 TYR A OH  1 
ATOM   957  N  N   . LEU A 1 123 ? 5.998   -7.357  -9.636  1.00 3.77  ? 123 LEU A N   1 
ATOM   958  C  CA  . LEU A 1 123 ? 5.872   -5.936  -9.929  1.00 4.21  ? 123 LEU A CA  1 
ATOM   959  C  C   . LEU A 1 123 ? 7.232   -5.309  -10.271 1.00 4.01  ? 123 LEU A C   1 
ATOM   960  O  O   . LEU A 1 123 ? 7.307   -4.192  -10.759 1.00 3.30  ? 123 LEU A O   1 
ATOM   961  C  CB  . LEU A 1 123 ? 5.275   -5.175  -8.720  1.00 2.10  ? 123 LEU A CB  1 
ATOM   962  C  CG  . LEU A 1 123 ? 3.837   -5.556  -8.452  1.00 2.37  ? 123 LEU A CG  1 
ATOM   963  C  CD1 . LEU A 1 123 ? 3.427   -4.909  -7.171  1.00 3.02  ? 123 LEU A CD1 1 
ATOM   964  C  CD2 . LEU A 1 123 ? 2.936   -5.174  -9.651  1.00 2.89  ? 123 LEU A CD2 1 
ATOM   965  N  N   . GLN A 1 124 ? 8.333   -6.028  -10.077 1.00 4.37  ? 124 GLN A N   1 
ATOM   966  C  CA  . GLN A 1 124 ? 9.679   -5.546  -10.306 1.00 5.15  ? 124 GLN A CA  1 
ATOM   967  C  C   . GLN A 1 124 ? 9.901   -5.163  -11.744 1.00 5.40  ? 124 GLN A C   1 
ATOM   968  O  O   . GLN A 1 124 ? 10.692  -4.259  -12.015 1.00 3.71  ? 124 GLN A O   1 
ATOM   969  C  CB  . GLN A 1 124 ? 10.712  -6.586  -9.905  1.00 4.70  ? 124 GLN A CB  1 
ATOM   970  C  CG  . GLN A 1 124 ? 10.861  -6.543  -8.392  1.00 7.48  ? 124 GLN A CG  1 
ATOM   971  C  CD  . GLN A 1 124 ? 11.713  -5.379  -7.891  1.00 10.56 ? 124 GLN A CD  1 
ATOM   972  O  OE1 . GLN A 1 124 ? 12.948  -5.510  -7.861  1.00 14.29 ? 124 GLN A OE1 1 
ATOM   973  N  NE2 . GLN A 1 124 ? 11.223  -4.236  -7.405  1.00 10.17 ? 124 GLN A NE2 1 
ATOM   974  N  N   . ASN A 1 125 ? 9.133   -5.699  -12.677 1.00 4.33  ? 125 ASN A N   1 
ATOM   975  C  CA  . ASN A 1 125 ? 9.320   -5.278  -14.041 1.00 6.45  ? 125 ASN A CA  1 
ATOM   976  C  C   . ASN A 1 125 ? 8.782   -3.873  -14.410 1.00 6.79  ? 125 ASN A C   1 
ATOM   977  O  O   . ASN A 1 125 ? 8.967   -3.388  -15.539 1.00 6.96  ? 125 ASN A O   1 
ATOM   978  C  CB  . ASN A 1 125 ? 8.693   -6.360  -14.896 1.00 9.19  ? 125 ASN A CB  1 
ATOM   979  C  CG  . ASN A 1 125 ? 7.164   -6.428  -14.789 1.00 11.53 ? 125 ASN A CG  1 
ATOM   980  O  OD1 . ASN A 1 125 ? 6.570   -6.195  -13.726 1.00 11.31 ? 125 ASN A OD1 1 
ATOM   981  N  ND2 . ASN A 1 125 ? 6.505   -6.781  -15.892 1.00 12.23 ? 125 ASN A ND2 1 
ATOM   982  N  N   . ARG A 1 126 ? 8.084   -3.168  -13.487 1.00 6.40  ? 126 ARG A N   1 
ATOM   983  C  CA  . ARG A 1 126 ? 7.423   -1.864  -13.697 1.00 5.80  ? 126 ARG A CA  1 
ATOM   984  C  C   . ARG A 1 126 ? 7.851   -0.851  -12.620 1.00 6.26  ? 126 ARG A C   1 
ATOM   985  O  O   . ARG A 1 126 ? 7.291   0.240   -12.408 1.00 5.78  ? 126 ARG A O   1 
ATOM   986  C  CB  . ARG A 1 126 ? 5.924   -2.124  -13.673 1.00 4.04  ? 126 ARG A CB  1 
ATOM   987  C  CG  . ARG A 1 126 ? 5.480   -2.807  -14.969 1.00 2.24  ? 126 ARG A CG  1 
ATOM   988  C  CD  . ARG A 1 126 ? 4.105   -3.424  -14.788 1.00 2.74  ? 126 ARG A CD  1 
ATOM   989  N  NE  . ARG A 1 126 ? 4.221   -4.659  -14.051 1.00 2.35  ? 126 ARG A NE  1 
ATOM   990  C  CZ  . ARG A 1 126 ? 3.181   -5.340  -13.606 1.00 4.57  ? 126 ARG A CZ  1 
ATOM   991  N  NH1 . ARG A 1 126 ? 1.965   -4.803  -13.703 1.00 6.50  ? 126 ARG A NH1 1 
ATOM   992  N  NH2 . ARG A 1 126 ? 3.368   -6.495  -12.960 1.00 3.10  ? 126 ARG A NH2 1 
ATOM   993  N  N   . VAL A 1 127 ? 8.903   -1.256  -11.913 1.00 5.05  ? 127 VAL A N   1 
ATOM   994  C  CA  . VAL A 1 127 ? 9.455   -0.418  -10.900 1.00 6.61  ? 127 VAL A CA  1 
ATOM   995  C  C   . VAL A 1 127 ? 10.575  0.375   -11.569 1.00 7.32  ? 127 VAL A C   1 
ATOM   996  O  O   . VAL A 1 127 ? 11.464  -0.247  -12.187 1.00 7.90  ? 127 VAL A O   1 
ATOM   997  C  CB  . VAL A 1 127 ? 9.956   -1.310  -9.756  1.00 5.42  ? 127 VAL A CB  1 
ATOM   998  C  CG1 . VAL A 1 127 ? 10.857  -0.565  -8.809  1.00 6.93  ? 127 VAL A CG1 1 
ATOM   999  C  CG2 . VAL A 1 127 ? 8.767   -1.687  -8.921  1.00 7.30  ? 127 VAL A CG2 1 
ATOM   1000 N  N   . ILE A 1 128 ? 10.522  1.694   -11.455 1.00 7.72  ? 128 ILE A N   1 
ATOM   1001 C  CA  . ILE A 1 128 ? 11.508  2.577   -12.032 1.00 8.40  ? 128 ILE A CA  1 
ATOM   1002 C  C   . ILE A 1 128 ? 12.424  3.208   -10.983 1.00 9.69  ? 128 ILE A C   1 
ATOM   1003 O  O   . ILE A 1 128 ? 13.407  3.849   -11.336 1.00 10.75 ? 128 ILE A O   1 
ATOM   1004 C  CB  . ILE A 1 128 ? 10.787  3.674   -12.867 1.00 8.94  ? 128 ILE A CB  1 
ATOM   1005 C  CG1 . ILE A 1 128 ? 9.776   4.479   -12.045 1.00 7.39  ? 128 ILE A CG1 1 
ATOM   1006 C  CG2 . ILE A 1 128 ? 10.097  2.967   -14.052 1.00 7.53  ? 128 ILE A CG2 1 
ATOM   1007 C  CD1 . ILE A 1 128 ? 8.954   5.515   -12.891 1.00 7.43  ? 128 ILE A CD1 1 
HETATM 1008 K  K   . K   B 2 .   ? 13.287  -12.088 2.884   1.00 9.82  ? 201 K   A K   1 
HETATM 1009 K  K   . K   C 2 .   ? -15.748 4.978   -5.585  1.00 10.50 ? 202 K   A K   1 
HETATM 1010 K  K   . K   D 2 .   ? 4.875   -0.523  18.299  1.00 12.95 ? 203 K   A K   1 
HETATM 1011 K  K   . K   E 2 .   ? 3.180   2.055   -1.660  1.00 20.77 ? 204 K   A K   1 
HETATM 1012 K  K   . K   F 2 .   ? -9.481  -10.314 -4.292  1.00 15.52 ? 205 K   A K   1 
HETATM 1013 K  K   . K   G 2 .   ? -12.614 4.617   10.275  1.00 28.93 ? 206 K   A K   1 
HETATM 1014 FE FE1 . FES H 3 .   ? 4.111   5.616   -10.490 1.00 4.46  ? 129 FES A FE1 1 
HETATM 1015 FE FE2 . FES H 3 .   ? 2.274   5.681   -8.523  1.00 2.00  ? 129 FES A FE2 1 
HETATM 1016 S  S1  . FES H 3 .   ? 4.356   6.469   -8.489  1.00 3.70  ? 129 FES A S1  1 
HETATM 1017 S  S2  . FES H 3 .   ? 2.082   4.829   -10.536 1.00 4.01  ? 129 FES A S2  1 
HETATM 1018 O  O   . HOH I 4 .   ? -16.202 4.599   2.950   1.00 24.63 ? 207 HOH A O   1 
HETATM 1019 O  O   . HOH I 4 .   ? 5.612   0.182   -3.541  1.00 2.00  ? 208 HOH A O   1 
HETATM 1020 O  O   . HOH I 4 .   ? 17.368  -9.601  -9.902  1.00 31.62 ? 209 HOH A O   1 
HETATM 1021 O  O   . HOH I 4 .   ? 10.319  12.157  -1.283  1.00 8.38  ? 210 HOH A O   1 
HETATM 1022 O  O   . HOH I 4 .   ? 3.663   4.435   -1.742  1.00 2.06  ? 211 HOH A O   1 
HETATM 1023 O  O   . HOH I 4 .   ? -12.453 7.930   -1.752  1.00 15.29 ? 212 HOH A O   1 
HETATM 1024 O  O   . HOH I 4 .   ? -6.822  -10.179 3.714   1.00 2.00  ? 213 HOH A O   1 
HETATM 1025 O  O   . HOH I 4 .   ? -6.848  -16.110 -8.954  1.00 5.36  ? 214 HOH A O   1 
HETATM 1026 O  O   . HOH I 4 .   ? -0.780  -2.382  -20.109 1.00 14.25 ? 215 HOH A O   1 
HETATM 1027 O  O   . HOH I 4 .   ? -7.571  18.999  9.887   1.00 25.84 ? 216 HOH A O   1 
HETATM 1028 O  O   . HOH I 4 .   ? 1.123   -10.450 -12.226 1.00 2.00  ? 217 HOH A O   1 
HETATM 1029 O  O   . HOH I 4 .   ? 8.430   7.741   10.782  1.00 7.91  ? 218 HOH A O   1 
HETATM 1030 O  O   . HOH I 4 .   ? -0.964  11.487  -8.162  1.00 8.42  ? 219 HOH A O   1 
HETATM 1031 O  O   . HOH I 4 .   ? -8.316  -7.851  -0.128  1.00 2.00  ? 220 HOH A O   1 
HETATM 1032 O  O   . HOH I 4 .   ? -10.580 -6.181  0.589   1.00 5.94  ? 221 HOH A O   1 
HETATM 1033 O  O   . HOH I 4 .   ? 0.023   13.542  -11.266 1.00 14.69 ? 222 HOH A O   1 
HETATM 1034 O  O   . HOH I 4 .   ? -2.898  -12.077 7.126   1.00 2.21  ? 223 HOH A O   1 
HETATM 1035 O  O   . HOH I 4 .   ? -1.577  15.388  15.225  1.00 22.47 ? 224 HOH A O   1 
HETATM 1036 O  O   . HOH I 4 .   ? -4.110  -10.062 8.799   1.00 22.89 ? 225 HOH A O   1 
HETATM 1037 O  O   . HOH I 4 .   ? 12.104  -4.083  8.781   1.00 17.15 ? 226 HOH A O   1 
HETATM 1038 O  O   . HOH I 4 .   ? 10.465  8.949   -4.537  1.00 2.00  ? 227 HOH A O   1 
HETATM 1039 O  O   . HOH I 4 .   ? 12.268  5.794   16.027  1.00 54.41 ? 228 HOH A O   1 
HETATM 1040 O  O   . HOH I 4 .   ? -1.825  -10.184 -3.338  1.00 3.76  ? 229 HOH A O   1 
HETATM 1041 O  O   . HOH I 4 .   ? 6.695   6.660   18.339  1.00 24.09 ? 230 HOH A O   1 
HETATM 1042 O  O   . HOH I 4 .   ? -3.511  14.711  5.064   1.00 20.27 ? 231 HOH A O   1 
HETATM 1043 O  O   . HOH I 4 .   ? 3.549   -11.320 -17.007 1.00 15.45 ? 232 HOH A O   1 
HETATM 1044 O  O   . HOH I 4 .   ? 4.215   -21.444 3.877   1.00 31.03 ? 233 HOH A O   1 
HETATM 1045 O  O   . HOH I 4 .   ? -2.249  -1.572  16.406  1.00 9.16  ? 234 HOH A O   1 
HETATM 1046 O  O   . HOH I 4 .   ? -4.394  10.637  -12.255 1.00 11.29 ? 235 HOH A O   1 
HETATM 1047 O  O   . HOH I 4 .   ? -8.542  15.119  -2.776  1.00 46.46 ? 236 HOH A O   1 
HETATM 1048 O  O   . HOH I 4 .   ? 4.014   -8.750  -15.860 1.00 20.76 ? 237 HOH A O   1 
HETATM 1049 O  O   . HOH I 4 .   ? -14.125 -12.265 -16.434 1.00 34.46 ? 238 HOH A O   1 
HETATM 1050 O  O   . HOH I 4 .   ? -14.731 -1.662  13.355  1.00 32.96 ? 239 HOH A O   1 
HETATM 1051 O  O   . HOH I 4 .   ? -0.336  11.364  -4.567  1.00 13.92 ? 240 HOH A O   1 
HETATM 1052 O  O   . HOH I 4 .   ? -3.101  10.065  9.957   1.00 22.12 ? 241 HOH A O   1 
HETATM 1053 O  O   . HOH I 4 .   ? -1.703  -20.671 -0.314  1.00 34.87 ? 242 HOH A O   1 
HETATM 1054 O  O   . HOH I 4 .   ? -4.008  16.729  -12.735 1.00 36.18 ? 243 HOH A O   1 
HETATM 1055 O  O   . HOH I 4 .   ? 6.860   -2.953  21.371  1.00 13.50 ? 244 HOH A O   1 
HETATM 1056 O  O   . HOH I 4 .   ? -5.193  14.149  -2.427  1.00 13.76 ? 245 HOH A O   1 
HETATM 1057 O  O   . HOH I 4 .   ? 1.169   -8.055  -15.597 1.00 20.08 ? 246 HOH A O   1 
HETATM 1058 O  O   . HOH I 4 .   ? 15.538  12.568  -2.830  1.00 31.79 ? 247 HOH A O   1 
HETATM 1059 O  O   . HOH I 4 .   ? -12.750 -4.187  -6.663  1.00 17.78 ? 248 HOH A O   1 
HETATM 1060 O  O   . HOH I 4 .   ? -2.314  9.547   -15.307 1.00 10.58 ? 249 HOH A O   1 
HETATM 1061 O  O   . HOH I 4 .   ? -13.404 4.867   -9.887  1.00 2.00  ? 250 HOH A O   1 
HETATM 1062 O  O   . HOH I 4 .   ? -12.515 -11.634 -10.518 1.00 17.36 ? 251 HOH A O   1 
HETATM 1063 O  O   . HOH I 4 .   ? -1.490  -18.297 1.689   1.00 21.30 ? 252 HOH A O   1 
HETATM 1064 O  O   . HOH I 4 .   ? -2.437  -5.530  -18.529 1.00 27.65 ? 253 HOH A O   1 
HETATM 1065 O  O   . HOH I 4 .   ? -12.842 8.649   9.902   1.00 40.88 ? 254 HOH A O   1 
HETATM 1066 O  O   . HOH I 4 .   ? -5.610  -8.324  7.384   1.00 12.49 ? 255 HOH A O   1 
HETATM 1067 O  O   . HOH I 4 .   ? 14.667  -5.190  -3.496  1.00 40.94 ? 256 HOH A O   1 
HETATM 1068 O  O   . HOH I 4 .   ? 15.331  8.258   20.471  1.00 42.87 ? 257 HOH A O   1 
HETATM 1069 O  O   . HOH I 4 .   ? 7.754   -10.364 15.180  1.00 12.04 ? 258 HOH A O   1 
HETATM 1070 O  O   . HOH I 4 .   ? 1.359   17.136  13.691  1.00 33.83 ? 259 HOH A O   1 
HETATM 1071 O  O   . HOH I 4 .   ? -17.599 -3.860  6.564   1.00 40.67 ? 260 HOH A O   1 
HETATM 1072 O  O   . HOH I 4 .   ? 5.821   -22.846 7.924   1.00 36.02 ? 261 HOH A O   1 
HETATM 1073 O  O   . HOH I 4 .   ? 7.024   11.664  10.057  1.00 14.73 ? 262 HOH A O   1 
HETATM 1074 O  O   . HOH I 4 .   ? -6.731  16.092  -0.967  1.00 14.55 ? 263 HOH A O   1 
HETATM 1075 O  O   . HOH I 4 .   ? 2.468   -4.134  -22.119 1.00 18.31 ? 264 HOH A O   1 
HETATM 1076 O  O   . HOH I 4 .   ? 0.436   7.125   11.892  1.00 2.00  ? 265 HOH A O   1 
HETATM 1077 O  O   . HOH I 4 .   ? -6.003  15.326  -9.100  1.00 28.76 ? 266 HOH A O   1 
HETATM 1078 O  O   . HOH I 4 .   ? -8.935  12.018  -9.549  1.00 2.10  ? 267 HOH A O   1 
HETATM 1079 O  O   . HOH I 4 .   ? -16.280 -1.482  8.908   1.00 48.71 ? 268 HOH A O   1 
HETATM 1080 O  O   . HOH I 4 .   ? -12.721 -12.707 -6.249  1.00 23.14 ? 269 HOH A O   1 
HETATM 1081 O  O   . HOH I 4 .   ? -16.602 9.072   18.303  1.00 47.09 ? 270 HOH A O   1 
HETATM 1082 O  O   . HOH I 4 .   ? -10.825 13.902  -6.180  1.00 43.45 ? 271 HOH A O   1 
HETATM 1083 O  O   . HOH I 4 .   ? 7.767   -17.886 7.743   1.00 26.68 ? 272 HOH A O   1 
HETATM 1084 O  O   . HOH I 4 .   ? 2.725   12.889  14.735  1.00 35.70 ? 273 HOH A O   1 
HETATM 1085 O  O   . HOH I 4 .   ? -14.982 2.983   -6.625  1.00 19.08 ? 274 HOH A O   1 
HETATM 1086 O  O   . HOH I 4 .   ? -12.182 24.456  12.822  1.00 31.41 ? 275 HOH A O   1 
HETATM 1087 O  O   . HOH I 4 .   ? -7.622  -3.879  -18.147 1.00 15.17 ? 276 HOH A O   1 
HETATM 1088 O  O   . HOH I 4 .   ? -2.432  -15.300 -1.551  1.00 22.80 ? 277 HOH A O   1 
HETATM 1089 O  O   . HOH I 4 .   ? -11.750 -4.721  -16.519 1.00 39.41 ? 278 HOH A O   1 
HETATM 1090 O  O   . HOH I 4 .   ? 2.278   4.189   14.238  1.00 13.57 ? 279 HOH A O   1 
HETATM 1091 O  O   . HOH I 4 .   ? -17.427 -2.528  0.405   1.00 30.00 ? 280 HOH A O   1 
HETATM 1092 O  O   . HOH I 4 .   ? -4.663  -17.262 4.121   1.00 6.46  ? 281 HOH A O   1 
HETATM 1093 O  O   . HOH I 4 .   ? -8.562  -10.044 6.782   1.00 12.67 ? 282 HOH A O   1 
HETATM 1094 O  O   . HOH I 4 .   ? 11.964  10.705  -2.930  1.00 32.73 ? 283 HOH A O   1 
HETATM 1095 O  O   . HOH I 4 .   ? 0.661   -5.690  -16.603 1.00 28.16 ? 284 HOH A O   1 
HETATM 1096 O  O   . HOH I 4 .   ? 10.211  12.609  7.704   1.00 32.46 ? 285 HOH A O   1 
HETATM 1097 O  O   . HOH I 4 .   ? -12.300 -0.012  -5.529  1.00 18.35 ? 286 HOH A O   1 
HETATM 1098 O  O   . HOH I 4 .   ? 9.312   -13.287 12.698  1.00 20.93 ? 287 HOH A O   1 
HETATM 1099 O  O   . HOH I 4 .   ? 10.916  -9.947  -3.662  1.00 19.79 ? 288 HOH A O   1 
HETATM 1100 O  O   . HOH I 4 .   ? 1.859   16.020  10.021  1.00 18.73 ? 289 HOH A O   1 
HETATM 1101 O  O   . HOH I 4 .   ? -7.744  -5.504  21.772  1.00 32.64 ? 290 HOH A O   1 
HETATM 1102 O  O   . HOH I 4 .   ? -2.697  13.019  -10.144 1.00 20.48 ? 291 HOH A O   1 
HETATM 1103 O  O   . HOH I 4 .   ? 6.223   -16.974 -2.355  1.00 26.88 ? 292 HOH A O   1 
HETATM 1104 O  O   . HOH I 4 .   ? 0.802   -10.316 -3.846  1.00 31.58 ? 293 HOH A O   1 
HETATM 1105 O  O   . HOH I 4 .   ? -2.109  13.014  6.650   1.00 3.84  ? 294 HOH A O   1 
HETATM 1106 O  O   . HOH I 4 .   ? 17.081  -0.716  -10.993 1.00 35.95 ? 295 HOH A O   1 
HETATM 1107 O  O   . HOH I 4 .   ? 6.312   -20.101 7.145   1.00 27.05 ? 296 HOH A O   1 
HETATM 1108 O  O   . HOH I 4 .   ? 24.870  1.522   -19.637 1.00 36.34 ? 297 HOH A O   1 
HETATM 1109 O  O   . HOH I 4 .   ? -15.224 -0.754  6.091   1.00 30.56 ? 298 HOH A O   1 
HETATM 1110 O  O   . HOH I 4 .   ? -21.333 7.134   0.066   1.00 35.04 ? 299 HOH A O   1 
HETATM 1111 O  O   . HOH I 4 .   ? 0.033   14.405  -7.167  1.00 23.92 ? 300 HOH A O   1 
HETATM 1112 O  O   . HOH I 4 .   ? -1.755  0.860   23.306  1.00 33.54 ? 301 HOH A O   1 
HETATM 1113 O  O   . HOH I 4 .   ? -12.758 7.577   -4.483  1.00 20.83 ? 302 HOH A O   1 
HETATM 1114 O  O   . HOH I 4 .   ? 2.658   -18.389 9.928   1.00 13.76 ? 303 HOH A O   1 
HETATM 1115 O  O   . HOH I 4 .   ? 9.580   8.235   -2.096  1.00 9.47  ? 304 HOH A O   1 
HETATM 1116 O  O   . HOH I 4 .   ? 1.836   14.743  12.494  1.00 33.86 ? 305 HOH A O   1 
HETATM 1117 O  O   . HOH I 4 .   ? 0.169   9.248   18.259  1.00 37.04 ? 306 HOH A O   1 
HETATM 1118 O  O   . HOH I 4 .   ? -2.811  -8.809  10.838  1.00 13.30 ? 307 HOH A O   1 
HETATM 1119 O  O   . HOH I 4 .   ? -10.761 -5.453  14.016  1.00 25.56 ? 308 HOH A O   1 
HETATM 1120 O  O   . HOH I 4 .   ? -9.326  -6.441  -4.889  1.00 6.49  ? 309 HOH A O   1 
HETATM 1121 O  O   . HOH I 4 .   ? -1.240  3.579   -16.929 1.00 3.66  ? 310 HOH A O   1 
HETATM 1122 O  O   . HOH I 4 .   ? 15.416  -6.805  -7.428  1.00 29.07 ? 311 HOH A O   1 
HETATM 1123 O  O   . HOH I 4 .   ? -17.223 6.600   -2.595  1.00 29.39 ? 312 HOH A O   1 
HETATM 1124 O  O   . HOH I 4 .   ? 14.440  -10.149 -3.166  1.00 45.71 ? 313 HOH A O   1 
HETATM 1125 O  O   . HOH I 4 .   ? 5.660   -17.296 9.990   1.00 20.88 ? 314 HOH A O   1 
HETATM 1126 O  O   . HOH I 4 .   ? -9.813  15.729  0.395   1.00 30.85 ? 315 HOH A O   1 
HETATM 1127 O  O   . HOH I 4 .   ? -2.228  4.097   26.287  1.00 34.11 ? 316 HOH A O   1 
HETATM 1128 O  O   . HOH I 4 .   ? -8.427  -3.974  13.552  1.00 37.38 ? 317 HOH A O   1 
HETATM 1129 O  O   . HOH I 4 .   ? -8.275  13.987  -7.356  1.00 16.67 ? 318 HOH A O   1 
HETATM 1130 O  O   . HOH I 4 .   ? -12.728 -4.140  -14.126 1.00 24.87 ? 319 HOH A O   1 
HETATM 1131 O  O   . HOH I 4 .   ? -4.482  -10.923 4.856   1.00 2.00  ? 320 HOH A O   1 
HETATM 1132 O  O   . HOH I 4 .   ? 17.813  4.570   14.573  1.00 31.20 ? 321 HOH A O   1 
HETATM 1133 O  O   . HOH I 4 .   ? -2.688  7.246   13.632  1.00 23.49 ? 322 HOH A O   1 
HETATM 1134 O  O   . HOH I 4 .   ? -2.796  1.148   13.975  1.00 8.22  ? 323 HOH A O   1 
HETATM 1135 O  O   . HOH I 4 .   ? -4.622  8.541   -14.253 1.00 15.66 ? 324 HOH A O   1 
HETATM 1136 O  O   . HOH I 4 .   ? 3.369   -0.077  23.210  1.00 34.25 ? 325 HOH A O   1 
HETATM 1137 O  O   . HOH I 4 .   ? -10.559 10.506  7.478   1.00 13.22 ? 326 HOH A O   1 
HETATM 1138 O  O   . HOH I 4 .   ? -6.678  -9.876  -18.024 1.00 10.57 ? 327 HOH A O   1 
HETATM 1139 O  O   . HOH I 4 .   ? 8.061   -13.793 16.102  1.00 33.06 ? 328 HOH A O   1 
HETATM 1140 O  O   . HOH I 4 .   ? 23.911  -6.786  -18.663 1.00 35.15 ? 329 HOH A O   1 
HETATM 1141 O  O   . HOH I 4 .   ? -19.488 -1.163  17.365  1.00 44.34 ? 330 HOH A O   1 
HETATM 1142 O  O   . HOH I 4 .   ? -14.154 12.002  13.049  1.00 31.97 ? 331 HOH A O   1 
HETATM 1143 O  O   . HOH I 4 .   ? 3.478   -10.021 -13.446 1.00 35.26 ? 332 HOH A O   1 
HETATM 1144 O  O   . HOH I 4 .   ? 8.347   -21.007 18.684  1.00 43.39 ? 333 HOH A O   1 
HETATM 1145 O  O   . HOH I 4 .   ? 13.564  6.475   1.582   1.00 33.12 ? 334 HOH A O   1 
HETATM 1146 O  O   . HOH I 4 .   ? 7.879   -2.307  27.647  1.00 29.17 ? 335 HOH A O   1 
HETATM 1147 O  O   . HOH I 4 .   ? 15.343  4.271   3.336   1.00 45.83 ? 336 HOH A O   1 
HETATM 1148 O  O   . HOH I 4 .   ? -10.146 -12.053 -19.699 1.00 22.84 ? 337 HOH A O   1 
HETATM 1149 O  O   . HOH I 4 .   ? 1.783   -22.596 3.877   1.00 34.09 ? 338 HOH A O   1 
HETATM 1150 O  O   . HOH I 4 .   ? -19.571 13.314  0.475   1.00 6.68  ? 339 HOH A O   1 
HETATM 1151 O  O   . HOH I 4 .   ? -11.859 0.875   23.828  1.00 41.21 ? 340 HOH A O   1 
HETATM 1152 O  O   . HOH I 4 .   ? 20.851  -2.965  -6.103  1.00 36.84 ? 341 HOH A O   1 
HETATM 1153 O  O   . HOH I 4 .   ? 12.618  -8.295  -5.015  1.00 38.69 ? 342 HOH A O   1 
HETATM 1154 O  O   . HOH I 4 .   ? 13.380  -12.108 -5.675  1.00 29.08 ? 343 HOH A O   1 
HETATM 1155 O  O   . HOH I 4 .   ? 11.096  11.770  -5.279  1.00 52.49 ? 344 HOH A O   1 
HETATM 1156 O  O   . HOH I 4 .   ? 16.745  -3.731  -2.005  1.00 35.70 ? 345 HOH A O   1 
HETATM 1157 O  O   . HOH I 4 .   ? 19.726  14.623  6.197   1.00 30.75 ? 346 HOH A O   1 
HETATM 1158 O  O   . HOH I 4 .   ? -1.973  6.146   -18.057 1.00 2.00  ? 347 HOH A O   1 
HETATM 1159 O  O   . HOH I 4 .   ? 4.780   1.465   14.276  1.00 2.58  ? 348 HOH A O   1 
HETATM 1160 O  O   . HOH I 4 .   ? -14.827 -7.774  -7.592  1.00 40.54 ? 349 HOH A O   1 
HETATM 1161 O  O   . HOH I 4 .   ? -11.670 -0.093  -13.148 1.00 10.94 ? 350 HOH A O   1 
HETATM 1162 O  O   . HOH I 4 .   ? 10.937  -8.881  -16.369 1.00 33.56 ? 351 HOH A O   1 
HETATM 1163 O  O   . HOH I 4 .   ? 17.113  -5.320  -12.838 1.00 35.90 ? 352 HOH A O   1 
HETATM 1164 O  O   . HOH I 4 .   ? 4.908   3.496   18.331  1.00 14.34 ? 353 HOH A O   1 
HETATM 1165 O  O   . HOH I 4 .   ? 6.198   10.762  12.497  1.00 26.09 ? 354 HOH A O   1 
HETATM 1166 O  O   . HOH I 4 .   ? 1.358   -12.534 -1.376  1.00 25.55 ? 355 HOH A O   1 
HETATM 1167 O  O   . HOH I 4 .   ? 15.921  -4.353  -9.696  1.00 28.02 ? 356 HOH A O   1 
HETATM 1168 O  O   . HOH I 4 .   ? -0.581  19.193  9.251   1.00 46.46 ? 357 HOH A O   1 
HETATM 1169 O  O   . HOH I 4 .   ? -19.064 3.616   19.322  1.00 42.26 ? 358 HOH A O   1 
HETATM 1170 O  O   . HOH I 4 .   ? -4.660  13.382  9.104   1.00 19.17 ? 359 HOH A O   1 
HETATM 1171 O  O   . HOH I 4 .   ? -2.646  17.648  6.053   1.00 12.15 ? 360 HOH A O   1 
HETATM 1172 O  O   . HOH I 4 .   ? -4.084  -8.523  15.535  1.00 29.20 ? 361 HOH A O   1 
HETATM 1173 O  O   . HOH I 4 .   ? -4.681  -13.955 -1.660  1.00 10.55 ? 362 HOH A O   1 
HETATM 1174 O  O   . HOH I 4 .   ? 8.694   -15.878 10.621  1.00 8.11  ? 363 HOH A O   1 
HETATM 1175 O  O   . HOH I 4 .   ? -9.279  -6.918  11.051  1.00 29.22 ? 364 HOH A O   1 
HETATM 1176 O  O   . HOH I 4 .   ? -9.676  -0.422  -8.001  1.00 28.47 ? 365 HOH A O   1 
HETATM 1177 O  O   . HOH I 4 .   ? 11.377  1.218   3.437   1.00 16.82 ? 366 HOH A O   1 
HETATM 1178 O  O   . HOH I 4 .   ? 15.018  9.259   14.378  1.00 33.66 ? 367 HOH A O   1 
HETATM 1179 O  O   . HOH I 4 .   ? -4.101  -6.074  14.328  1.00 46.10 ? 368 HOH A O   1 
HETATM 1180 O  O   . HOH I 4 .   ? 8.909   3.896   3.823   1.00 13.99 ? 369 HOH A O   1 
HETATM 1181 O  O   . HOH I 4 .   ? 6.063   -8.672  16.985  1.00 9.63  ? 370 HOH A O   1 
HETATM 1182 O  O   . HOH I 4 .   ? -5.215  15.636  16.987  1.00 36.21 ? 371 HOH A O   1 
HETATM 1183 O  O   . HOH I 4 .   ? 12.157  -8.721  -13.524 1.00 44.05 ? 372 HOH A O   1 
HETATM 1184 O  O   . HOH I 4 .   ? -0.969  9.268   14.529  1.00 33.19 ? 373 HOH A O   1 
HETATM 1185 O  O   . HOH I 4 .   ? 5.571   -1.012  15.720  1.00 5.05  ? 374 HOH A O   1 
HETATM 1186 O  O   . HOH I 4 .   ? 5.928   -11.511 23.335  1.00 49.79 ? 375 HOH A O   1 
HETATM 1187 O  O   . HOH I 4 .   ? 14.499  -4.375  3.451   1.00 26.42 ? 376 HOH A O   1 
HETATM 1188 O  O   . HOH I 4 .   ? -15.382 -4.270  -4.428  1.00 37.55 ? 377 HOH A O   1 
HETATM 1189 O  O   . HOH I 4 .   ? -8.560  -3.987  -13.324 1.00 7.15  ? 378 HOH A O   1 
HETATM 1190 O  O   . HOH I 4 .   ? -10.094 17.959  9.551   1.00 28.54 ? 379 HOH A O   1 
HETATM 1191 O  O   . HOH I 4 .   ? -14.265 11.405  3.635   1.00 32.08 ? 380 HOH A O   1 
HETATM 1192 O  O   . HOH I 4 .   ? -20.174 -1.401  0.096   1.00 39.16 ? 381 HOH A O   1 
HETATM 1193 O  O   . HOH I 4 .   ? -5.518  -5.060  12.309  1.00 10.12 ? 382 HOH A O   1 
HETATM 1194 O  O   . HOH I 4 .   ? -0.530  5.483   13.832  1.00 26.40 ? 383 HOH A O   1 
HETATM 1195 O  O   . HOH I 4 .   ? 12.231  0.320   0.195   1.00 13.60 ? 384 HOH A O   1 
HETATM 1196 O  O   . HOH I 4 .   ? 10.316  -21.169 3.538   1.00 31.58 ? 385 HOH A O   1 
HETATM 1197 O  O   . HOH I 4 .   ? -12.228 10.107  14.068  1.00 50.00 ? 386 HOH A O   1 
HETATM 1198 O  O   . HOH I 4 .   ? 20.162  9.086   17.088  1.00 31.66 ? 387 HOH A O   1 
HETATM 1199 O  O   . HOH I 4 .   ? -15.974 11.672  8.447   1.00 40.57 ? 388 HOH A O   1 
HETATM 1200 O  O   . HOH I 4 .   ? -23.840 7.702   1.709   1.00 32.96 ? 389 HOH A O   1 
HETATM 1201 O  O   . HOH I 4 .   ? -7.549  -4.000  -20.938 1.00 19.99 ? 390 HOH A O   1 
HETATM 1202 O  O   . HOH I 4 .   ? -11.885 -13.991 -11.927 1.00 24.88 ? 391 HOH A O   1 
HETATM 1203 O  O   . HOH I 4 .   ? -1.172  6.290   21.644  1.00 32.38 ? 392 HOH A O   1 
HETATM 1204 O  O   . HOH I 4 .   ? 10.198  5.353   -5.462  1.00 27.00 ? 393 HOH A O   1 
HETATM 1205 O  O   . HOH I 4 .   ? -13.157 -11.151 -14.144 1.00 34.87 ? 394 HOH A O   1 
HETATM 1206 O  O   . HOH I 4 .   ? -20.063 4.534   0.643   1.00 46.54 ? 395 HOH A O   1 
HETATM 1207 O  O   . HOH I 4 .   ? -4.899  1.873   15.954  1.00 44.77 ? 396 HOH A O   1 
HETATM 1208 O  O   . HOH I 4 .   ? 16.396  12.048  19.616  1.00 36.73 ? 397 HOH A O   1 
HETATM 1209 O  O   . HOH I 4 .   ? -6.583  1.815   13.719  1.00 35.05 ? 398 HOH A O   1 
HETATM 1210 O  O   . HOH I 4 .   ? -4.943  -7.883  18.060  1.00 18.78 ? 399 HOH A O   1 
HETATM 1211 O  O   . HOH I 4 .   ? -17.490 -0.310  2.929   1.00 30.94 ? 400 HOH A O   1 
HETATM 1212 O  O   . HOH I 4 .   ? -10.274 -1.497  12.724  1.00 44.19 ? 401 HOH A O   1 
HETATM 1213 O  O   . HOH I 4 .   ? -9.554  20.808  10.037  1.00 34.15 ? 402 HOH A O   1 
HETATM 1214 O  O   . HOH I 4 .   ? -10.855 3.523   12.925  1.00 37.20 ? 403 HOH A O   1 
HETATM 1215 O  O   . HOH I 4 .   ? 15.143  -17.481 -4.150  1.00 34.97 ? 404 HOH A O   1 
HETATM 1216 O  O   . HOH I 4 .   ? -4.694  0.346   23.662  1.00 29.73 ? 405 HOH A O   1 
HETATM 1217 O  O   . HOH I 4 .   ? 16.007  -2.347  -13.223 1.00 35.85 ? 406 HOH A O   1 
HETATM 1218 O  O   . HOH I 4 .   ? 6.723   -20.846 4.627   1.00 26.49 ? 407 HOH A O   1 
HETATM 1219 O  O   . HOH I 4 .   ? 17.951  -3.225  -11.070 1.00 27.29 ? 408 HOH A O   1 
HETATM 1220 O  O   . HOH I 4 .   ? 13.568  -3.424  -11.584 1.00 33.70 ? 409 HOH A O   1 
HETATM 1221 O  O   . HOH I 4 .   ? 15.630  5.137   -10.270 1.00 19.28 ? 410 HOH A O   1 
HETATM 1222 O  O   . HOH I 4 .   ? -15.011 1.078   -9.030  1.00 21.76 ? 411 HOH A O   1 
HETATM 1223 O  O   . HOH I 4 .   ? -3.968  3.377   18.861  1.00 35.51 ? 412 HOH A O   1 
HETATM 1224 O  O   . HOH I 4 .   ? -16.887 0.581   -0.405  1.00 6.33  ? 413 HOH A O   1 
HETATM 1225 O  O   . HOH I 4 .   ? -5.845  16.328  -5.632  1.00 27.22 ? 414 HOH A O   1 
HETATM 1226 O  O   . HOH I 4 .   ? -1.692  12.099  -14.269 1.00 12.86 ? 415 HOH A O   1 
HETATM 1227 O  O   . HOH I 4 .   ? -0.809  9.580   11.403  1.00 15.83 ? 416 HOH A O   1 
HETATM 1228 O  O   . HOH I 4 .   ? 10.929  0.960   11.491  1.00 7.19  ? 417 HOH A O   1 
HETATM 1229 O  O   . HOH I 4 .   ? 13.648  -13.671 0.515   1.00 27.12 ? 418 HOH A O   1 
HETATM 1230 O  O   . HOH I 4 .   ? 14.902  4.430   27.307  1.00 29.59 ? 419 HOH A O   1 
HETATM 1231 O  O   . HOH I 4 .   ? -19.638 5.891   -3.122  1.00 30.66 ? 420 HOH A O   1 
HETATM 1232 O  O   . HOH I 4 .   ? -2.676  15.818  -6.386  1.00 14.36 ? 421 HOH A O   1 
HETATM 1233 O  O   . HOH I 4 .   ? -0.180  18.218  -14.349 1.00 27.96 ? 422 HOH A O   1 
HETATM 1234 O  O   . HOH I 4 .   ? -4.418  15.001  -15.181 1.00 29.37 ? 423 HOH A O   1 
HETATM 1235 O  O   . HOH I 4 .   ? 3.307   13.469  -11.981 1.00 14.13 ? 424 HOH A O   1 
HETATM 1236 O  O   . HOH I 4 .   ? -2.334  17.456  3.368   1.00 8.52  ? 425 HOH A O   1 
HETATM 1237 O  O   . HOH I 4 .   ? -18.140 3.715   -6.015  1.00 6.47  ? 426 HOH A O   1 
HETATM 1238 O  O   . HOH I 4 .   ? -3.308  -17.068 0.118   1.00 24.10 ? 427 HOH A O   1 
HETATM 1239 O  O   . HOH I 4 .   ? -2.489  -13.993 -5.168  1.00 20.06 ? 428 HOH A O   1 
HETATM 1240 O  O   . HOH I 4 .   ? -5.860  -14.667 -11.061 1.00 2.00  ? 429 HOH A O   1 
HETATM 1241 O  O   . HOH I 4 .   ? 16.177  -12.262 -2.759  1.00 30.35 ? 430 HOH A O   1 
HETATM 1242 O  O   . HOH I 4 .   ? 11.080  6.127   0.468   1.00 18.25 ? 431 HOH A O   1 
HETATM 1243 O  O   . HOH I 4 .   ? -8.242  -0.253  9.114   1.00 9.94  ? 432 HOH A O   1 
HETATM 1244 O  O   . HOH I 4 .   ? 6.793   10.025  -0.233  1.00 2.00  ? 433 HOH A O   1 
HETATM 1245 O  O   . HOH I 4 .   ? 0.309   -15.647 18.234  1.00 29.85 ? 434 HOH A O   1 
HETATM 1246 O  O   . HOH I 4 .   ? -15.594 6.485   6.166   1.00 19.48 ? 435 HOH A O   1 
HETATM 1247 O  O   . HOH I 4 .   ? -15.253 17.110  9.571   1.00 22.25 ? 436 HOH A O   1 
HETATM 1248 O  O   . HOH I 4 .   ? -15.501 7.352   11.208  1.00 27.81 ? 437 HOH A O   1 
HETATM 1249 O  O   . HOH I 4 .   ? 10.775  3.550   5.946   1.00 7.62  ? 438 HOH A O   1 
HETATM 1250 O  O   . HOH I 4 .   ? -11.594 -11.152 -3.851  1.00 14.45 ? 439 HOH A O   1 
HETATM 1251 O  O   . HOH I 4 .   ? -9.563  -13.017 -5.750  1.00 15.64 ? 440 HOH A O   1 
HETATM 1252 O  O   . HOH I 4 .   ? -6.576  -13.983 -4.574  1.00 18.38 ? 441 HOH A O   1 
HETATM 1253 O  O   . HOH I 4 .   ? 10.859  14.067  -6.782  1.00 39.69 ? 442 HOH A O   1 
HETATM 1254 O  O   . HOH I 4 .   ? 14.512  10.434  -7.405  1.00 36.75 ? 443 HOH A O   1 
# 
